data_3NZG
#
_entry.id   3NZG
#
_cell.length_a   132.144
_cell.length_b   165.408
_cell.length_c   165.666
_cell.angle_alpha   90.00
_cell.angle_beta   90.00
_cell.angle_gamma   90.00
#
_symmetry.space_group_name_H-M   'C 2 2 21'
#
loop_
_entity.id
_entity.type
_entity.pdbx_description
1 polymer 'Putative racemase'
2 non-polymer GLYCEROL
3 non-polymer 'MAGNESIUM ION'
4 water water
#
_entity_poly.entity_id   1
_entity_poly.type   'polypeptide(L)'
_entity_poly.pdbx_seq_one_letter_code
;(MSE)SLALNPAVAPIKSIEFIPVNYQASNWSQNTVVVKVTDENGVYGLGEADGSPDAILAYANIETEHKWLTNITEKAI
GRLPIEINAIWDA(MSE)YDATQWQG(MSE)RGLG(MSE)FALSGID(MSE)ALYDLAGKQLGVPAYQLLGGTNKDKVHP
YLTLYPAIPVDASLDVAIKGYAPLLEKAKAHNIRAVKVCVPIKADWSTKEVAYYLRELRGILGHDTD(MSE)(MSE)VDY
LYRFTDWYEVARLLNSIEDLELYFAEATLQHDDLSGHAKLVENTRSRICGAE(MSE)STTRFEAEEWITKGKVHLLQSDY
NRCGGLTELRRITE(MSE)ATANNVQV(MSE)PHNWKTGITSAAAIHYQFAVGNAPYFEYVHPEFCDGELRKYLVTPEAE
LVDGGFAKPTAPGLGIDLNQEFLASLEGHHHHHH
;
_entity_poly.pdbx_strand_id   A,B,C,D
#
loop_
_chem_comp.id
_chem_comp.type
_chem_comp.name
_chem_comp.formula
GOL non-polymer GLYCEROL 'C3 H8 O3'
MG non-polymer 'MAGNESIUM ION' 'Mg 2'
#
# COMPACT_ATOMS: atom_id res chain seq x y z
N LEU A 5 -19.99 -7.12 -26.24
CA LEU A 5 -19.11 -7.73 -25.22
C LEU A 5 -18.39 -8.96 -25.76
N ASN A 6 -17.79 -9.75 -24.86
CA ASN A 6 -17.05 -10.94 -25.22
C ASN A 6 -17.81 -12.20 -24.79
N PRO A 7 -18.48 -12.87 -25.74
CA PRO A 7 -19.24 -14.10 -25.46
C PRO A 7 -18.55 -15.14 -24.57
N ALA A 8 -17.22 -15.21 -24.64
CA ALA A 8 -16.48 -16.17 -23.84
C ALA A 8 -16.52 -15.87 -22.33
N VAL A 9 -16.68 -14.60 -21.98
CA VAL A 9 -16.74 -14.22 -20.57
C VAL A 9 -18.12 -14.56 -20.03
N ALA A 10 -18.27 -15.80 -19.57
CA ALA A 10 -19.55 -16.29 -19.06
C ALA A 10 -19.55 -16.47 -17.54
N PRO A 11 -20.75 -16.43 -16.93
CA PRO A 11 -20.93 -16.58 -15.49
C PRO A 11 -20.42 -17.92 -14.97
N ILE A 12 -20.00 -17.93 -13.71
CA ILE A 12 -19.52 -19.15 -13.08
C ILE A 12 -20.76 -20.00 -12.82
N LYS A 13 -20.67 -21.29 -13.12
CA LYS A 13 -21.80 -22.18 -12.93
C LYS A 13 -21.65 -23.04 -11.69
N SER A 14 -20.43 -23.51 -11.44
CA SER A 14 -20.20 -24.38 -10.29
C SER A 14 -18.75 -24.29 -9.80
N ILE A 15 -18.54 -24.69 -8.54
CA ILE A 15 -17.21 -24.68 -7.93
C ILE A 15 -17.05 -25.96 -7.12
N GLU A 16 -16.10 -26.80 -7.52
CA GLU A 16 -15.89 -28.06 -6.83
C GLU A 16 -14.56 -28.17 -6.11
N PHE A 17 -14.59 -28.71 -4.89
CA PHE A 17 -13.38 -28.94 -4.10
C PHE A 17 -13.10 -30.43 -4.13
N ILE A 18 -11.98 -30.81 -4.74
CA ILE A 18 -11.63 -32.21 -4.90
C ILE A 18 -10.40 -32.66 -4.12
N PRO A 19 -10.60 -33.41 -3.03
CA PRO A 19 -9.46 -33.87 -2.24
C PRO A 19 -8.63 -34.87 -3.06
N VAL A 20 -7.32 -34.81 -2.93
CA VAL A 20 -6.45 -35.73 -3.65
C VAL A 20 -5.40 -36.26 -2.69
N ASN A 21 -5.45 -37.57 -2.43
CA ASN A 21 -4.50 -38.19 -1.52
C ASN A 21 -3.65 -39.22 -2.26
N TYR A 22 -2.46 -39.47 -1.72
CA TYR A 22 -1.55 -40.44 -2.32
C TYR A 22 -0.95 -41.34 -1.25
N GLN A 23 -1.02 -42.64 -1.47
CA GLN A 23 -0.47 -43.62 -0.54
C GLN A 23 1.01 -43.89 -0.87
N SER A 28 1.56 -38.67 4.57
CA SER A 28 1.84 -38.75 3.14
C SER A 28 1.52 -37.44 2.42
N GLN A 29 1.36 -37.51 1.10
CA GLN A 29 1.09 -36.34 0.27
C GLN A 29 -0.37 -36.17 -0.14
N ASN A 30 -0.83 -34.92 -0.14
CA ASN A 30 -2.21 -34.63 -0.53
C ASN A 30 -2.42 -33.15 -0.85
N THR A 31 -3.55 -32.84 -1.44
CA THR A 31 -3.89 -31.47 -1.79
C THR A 31 -5.40 -31.42 -2.04
N VAL A 32 -5.91 -30.23 -2.31
CA VAL A 32 -7.32 -30.06 -2.58
C VAL A 32 -7.47 -29.23 -3.85
N VAL A 33 -7.88 -29.89 -4.94
CA VAL A 33 -8.06 -29.17 -6.19
C VAL A 33 -9.35 -28.39 -6.17
N VAL A 34 -9.34 -27.23 -6.80
CA VAL A 34 -10.51 -26.37 -6.87
C VAL A 34 -10.81 -26.17 -8.34
N LYS A 35 -12.00 -26.62 -8.75
CA LYS A 35 -12.40 -26.50 -10.15
C LYS A 35 -13.59 -25.56 -10.28
N VAL A 36 -13.39 -24.45 -10.98
CA VAL A 36 -14.46 -23.48 -11.20
C VAL A 36 -14.86 -23.56 -12.67
N THR A 37 -16.11 -23.92 -12.92
CA THR A 37 -16.60 -24.07 -14.28
C THR A 37 -17.64 -23.01 -14.66
N ASP A 38 -17.50 -22.42 -15.84
CA ASP A 38 -18.46 -21.41 -16.27
C ASP A 38 -19.61 -22.07 -17.03
N GLU A 39 -20.54 -21.26 -17.50
CA GLU A 39 -21.73 -21.72 -18.21
C GLU A 39 -21.47 -22.33 -19.59
N ASN A 40 -20.20 -22.53 -19.95
CA ASN A 40 -19.88 -23.10 -21.25
C ASN A 40 -19.00 -24.34 -21.09
N GLY A 41 -18.83 -24.77 -19.84
CA GLY A 41 -18.01 -25.94 -19.58
C GLY A 41 -16.54 -25.63 -19.40
N VAL A 42 -16.13 -24.39 -19.70
CA VAL A 42 -14.73 -24.00 -19.54
C VAL A 42 -14.46 -23.91 -18.04
N TYR A 43 -13.27 -24.32 -17.60
CA TYR A 43 -12.98 -24.25 -16.18
C TYR A 43 -11.56 -23.82 -15.82
N GLY A 44 -11.37 -23.49 -14.55
CA GLY A 44 -10.07 -23.07 -14.05
C GLY A 44 -9.68 -23.95 -12.88
N LEU A 45 -8.39 -24.24 -12.73
CA LEU A 45 -7.93 -25.07 -11.63
C LEU A 45 -7.13 -24.27 -10.59
N GLY A 46 -7.21 -24.72 -9.34
CA GLY A 46 -6.48 -24.09 -8.26
C GLY A 46 -6.43 -25.09 -7.12
N GLU A 47 -5.68 -24.79 -6.07
CA GLU A 47 -5.62 -25.72 -4.95
C GLU A 47 -5.53 -25.01 -3.61
N ALA A 48 -6.06 -25.66 -2.58
CA ALA A 48 -6.05 -25.11 -1.23
C ALA A 48 -5.24 -25.98 -0.29
N ASP A 49 -4.62 -25.34 0.70
CA ASP A 49 -3.81 -26.03 1.69
C ASP A 49 -4.73 -26.54 2.80
N GLY A 50 -4.18 -27.28 3.75
CA GLY A 50 -4.96 -27.80 4.86
C GLY A 50 -5.50 -29.21 4.72
N SER A 51 -5.93 -29.79 5.83
CA SER A 51 -6.49 -31.14 5.82
C SER A 51 -7.58 -31.19 4.74
N PRO A 52 -7.40 -32.04 3.72
CA PRO A 52 -8.38 -32.16 2.64
C PRO A 52 -9.82 -32.39 3.11
N ASP A 53 -10.01 -33.22 4.12
CA ASP A 53 -11.37 -33.47 4.58
C ASP A 53 -11.95 -32.27 5.35
N ALA A 54 -11.10 -31.53 6.05
CA ALA A 54 -11.55 -30.35 6.77
C ALA A 54 -11.97 -29.31 5.73
N ILE A 55 -11.13 -29.13 4.72
CA ILE A 55 -11.40 -28.16 3.65
C ILE A 55 -12.69 -28.49 2.90
N LEU A 56 -12.89 -29.77 2.57
CA LEU A 56 -14.10 -30.18 1.86
C LEU A 56 -15.35 -29.88 2.67
N ALA A 57 -15.29 -30.20 3.96
CA ALA A 57 -16.42 -29.95 4.83
C ALA A 57 -16.70 -28.45 4.89
N TYR A 58 -15.65 -27.64 4.93
CA TYR A 58 -15.79 -26.20 4.99
C TYR A 58 -16.45 -25.67 3.71
N ALA A 59 -16.07 -26.26 2.58
CA ALA A 59 -16.62 -25.85 1.28
C ALA A 59 -18.08 -26.27 1.11
N ASN A 60 -18.57 -27.15 1.99
CA ASN A 60 -19.94 -27.62 1.88
C ASN A 60 -20.87 -27.23 3.03
N ILE A 61 -20.50 -26.21 3.81
CA ILE A 61 -21.36 -25.81 4.92
C ILE A 61 -22.59 -25.07 4.41
N GLU A 62 -23.60 -24.93 5.26
CA GLU A 62 -24.81 -24.23 4.86
C GLU A 62 -24.79 -22.78 5.36
N THR A 63 -25.23 -21.87 4.50
CA THR A 63 -25.27 -20.46 4.85
C THR A 63 -26.25 -20.23 5.99
N GLU A 64 -25.82 -19.48 7.00
CA GLU A 64 -26.63 -19.18 8.16
C GLU A 64 -27.00 -17.71 8.30
N HIS A 65 -26.03 -16.82 8.08
CA HIS A 65 -26.30 -15.39 8.18
C HIS A 65 -25.32 -14.56 7.36
N LYS A 66 -25.52 -13.25 7.34
CA LYS A 66 -24.68 -12.35 6.57
C LYS A 66 -23.18 -12.67 6.58
N TRP A 67 -22.62 -12.93 7.76
CA TRP A 67 -21.19 -13.20 7.88
C TRP A 67 -20.79 -14.67 7.90
N LEU A 68 -21.76 -15.56 7.82
CA LEU A 68 -21.48 -16.99 7.83
C LEU A 68 -22.13 -17.63 6.61
N THR A 69 -21.47 -17.47 5.47
CA THR A 69 -21.94 -17.96 4.19
C THR A 69 -21.03 -19.01 3.56
N ASN A 70 -21.60 -19.83 2.69
CA ASN A 70 -20.81 -20.84 1.99
C ASN A 70 -19.91 -20.04 1.05
N ILE A 71 -18.62 -20.32 1.13
CA ILE A 71 -17.62 -19.61 0.32
C ILE A 71 -17.92 -19.55 -1.18
N THR A 72 -18.43 -20.65 -1.74
CA THR A 72 -18.72 -20.71 -3.17
C THR A 72 -19.96 -19.91 -3.58
N GLU A 73 -20.85 -19.67 -2.64
CA GLU A 73 -22.09 -18.95 -2.94
C GLU A 73 -21.92 -17.58 -3.57
N LYS A 74 -20.99 -16.78 -3.05
CA LYS A 74 -20.80 -15.44 -3.60
C LYS A 74 -20.03 -15.39 -4.92
N ALA A 75 -19.59 -16.56 -5.39
CA ALA A 75 -18.85 -16.62 -6.64
C ALA A 75 -19.75 -17.14 -7.77
N ILE A 76 -20.55 -18.16 -7.46
CA ILE A 76 -21.47 -18.76 -8.42
C ILE A 76 -22.28 -17.65 -9.10
N GLY A 77 -22.35 -17.67 -10.43
CA GLY A 77 -23.10 -16.67 -11.16
C GLY A 77 -22.36 -15.39 -11.48
N ARG A 78 -21.13 -15.25 -10.98
CA ARG A 78 -20.33 -14.05 -11.23
C ARG A 78 -19.43 -14.25 -12.45
N LEU A 79 -19.09 -13.15 -13.13
CA LEU A 79 -18.18 -13.23 -14.27
C LEU A 79 -16.78 -13.41 -13.69
N PRO A 80 -16.08 -14.49 -14.05
CA PRO A 80 -14.74 -14.73 -13.51
C PRO A 80 -13.68 -13.68 -13.81
N ILE A 81 -13.98 -12.72 -14.68
CA ILE A 81 -13.01 -11.68 -14.97
C ILE A 81 -12.93 -10.69 -13.81
N GLU A 82 -14.01 -10.58 -13.04
CA GLU A 82 -14.06 -9.67 -11.89
C GLU A 82 -13.44 -10.30 -10.64
N ILE A 83 -12.21 -10.80 -10.76
CA ILE A 83 -11.55 -11.45 -9.65
C ILE A 83 -11.46 -10.64 -8.36
N ASN A 84 -11.15 -9.35 -8.47
CA ASN A 84 -11.03 -8.52 -7.28
C ASN A 84 -12.37 -8.36 -6.59
N ALA A 85 -13.42 -8.18 -7.38
CA ALA A 85 -14.75 -8.00 -6.82
C ALA A 85 -15.25 -9.29 -6.15
N ILE A 86 -14.97 -10.44 -6.77
CA ILE A 86 -15.39 -11.71 -6.22
C ILE A 86 -14.63 -12.02 -4.93
N TRP A 87 -13.36 -11.64 -4.89
CA TRP A 87 -12.54 -11.86 -3.71
C TRP A 87 -13.20 -11.15 -2.53
N ASP A 88 -13.56 -9.89 -2.73
CA ASP A 88 -14.21 -9.09 -1.69
C ASP A 88 -15.56 -9.66 -1.27
N ALA A 89 -16.36 -10.07 -2.25
CA ALA A 89 -17.67 -10.63 -1.96
C ALA A 89 -17.56 -11.91 -1.14
N MSE A 90 -16.59 -12.76 -1.46
CA MSE A 90 -16.40 -14.00 -0.72
C MSE A 90 -15.92 -13.73 0.72
O MSE A 90 -16.43 -14.30 1.68
CB MSE A 90 -15.38 -14.92 -1.42
CG MSE A 90 -15.82 -15.51 -2.77
SE MSE A 90 -14.64 -16.94 -3.35
CE MSE A 90 -13.07 -15.89 -3.83
N TYR A 91 -14.92 -12.87 0.84
CA TYR A 91 -14.36 -12.52 2.13
C TYR A 91 -15.42 -11.92 3.05
N ASP A 92 -16.13 -10.92 2.54
CA ASP A 92 -17.17 -10.25 3.29
C ASP A 92 -18.26 -11.17 3.85
N ALA A 93 -18.68 -12.13 3.04
CA ALA A 93 -19.74 -13.07 3.43
C ALA A 93 -19.32 -14.21 4.33
N THR A 94 -18.02 -14.34 4.56
CA THR A 94 -17.50 -15.42 5.38
C THR A 94 -16.68 -14.94 6.58
N GLN A 95 -16.79 -13.66 6.92
CA GLN A 95 -16.03 -13.11 8.04
C GLN A 95 -16.19 -13.88 9.35
N TRP A 96 -17.37 -14.41 9.62
CA TRP A 96 -17.59 -15.11 10.89
C TRP A 96 -16.63 -16.26 11.18
N GLN A 97 -16.16 -16.94 10.14
CA GLN A 97 -15.23 -18.04 10.38
C GLN A 97 -14.15 -18.18 9.30
N GLY A 98 -14.08 -17.23 8.39
CA GLY A 98 -13.09 -17.34 7.32
C GLY A 98 -12.10 -16.19 7.14
N MSE A 99 -12.07 -15.25 8.09
CA MSE A 99 -11.16 -14.11 7.97
C MSE A 99 -9.69 -14.48 8.08
O MSE A 99 -8.83 -13.79 7.52
CB MSE A 99 -11.47 -13.06 9.05
CG MSE A 99 -12.75 -12.30 8.84
SE MSE A 99 -12.79 -10.71 9.94
CE MSE A 99 -13.06 -11.57 11.66
N ARG A 100 -9.40 -15.55 8.81
CA ARG A 100 -8.03 -16.01 9.01
C ARG A 100 -8.07 -17.55 9.11
N GLY A 101 -6.92 -18.18 9.20
CA GLY A 101 -6.89 -19.63 9.33
C GLY A 101 -7.42 -20.43 8.16
N LEU A 102 -7.85 -21.65 8.46
CA LEU A 102 -8.36 -22.61 7.47
C LEU A 102 -9.26 -22.02 6.39
N GLY A 103 -10.25 -21.23 6.81
CA GLY A 103 -11.18 -20.63 5.87
C GLY A 103 -10.52 -19.91 4.72
N MSE A 104 -9.40 -19.22 4.99
CA MSE A 104 -8.70 -18.51 3.93
C MSE A 104 -8.07 -19.45 2.91
O MSE A 104 -7.91 -19.08 1.75
CB MSE A 104 -7.63 -17.58 4.52
CG MSE A 104 -8.18 -16.34 5.21
SE MSE A 104 -9.26 -15.25 4.01
CE MSE A 104 -7.88 -14.76 2.73
N PHE A 105 -7.70 -20.65 3.34
CA PHE A 105 -7.08 -21.62 2.41
C PHE A 105 -8.08 -21.91 1.29
N ALA A 106 -9.32 -22.12 1.66
CA ALA A 106 -10.38 -22.41 0.70
C ALA A 106 -10.57 -21.24 -0.26
N LEU A 107 -10.66 -20.03 0.29
CA LEU A 107 -10.82 -18.84 -0.54
C LEU A 107 -9.64 -18.73 -1.49
N SER A 108 -8.46 -19.07 -1.00
CA SER A 108 -7.24 -19.02 -1.80
C SER A 108 -7.32 -19.92 -3.04
N GLY A 109 -7.82 -21.14 -2.84
CA GLY A 109 -7.95 -22.07 -3.94
C GLY A 109 -8.87 -21.58 -5.03
N ILE A 110 -9.96 -20.95 -4.63
CA ILE A 110 -10.93 -20.41 -5.59
C ILE A 110 -10.33 -19.23 -6.35
N ASP A 111 -9.65 -18.35 -5.64
CA ASP A 111 -9.03 -17.18 -6.27
C ASP A 111 -8.06 -17.64 -7.34
N MSE A 112 -7.24 -18.63 -7.00
CA MSE A 112 -6.25 -19.15 -7.93
C MSE A 112 -6.94 -19.67 -9.19
O MSE A 112 -6.51 -19.38 -10.33
CB MSE A 112 -5.47 -20.28 -7.27
CG MSE A 112 -4.27 -20.76 -8.08
SE MSE A 112 -3.23 -22.09 -7.14
CE MSE A 112 -3.34 -21.33 -5.36
N ALA A 113 -8.01 -20.43 -9.00
CA ALA A 113 -8.77 -21.01 -10.10
C ALA A 113 -9.39 -19.96 -11.00
N LEU A 114 -9.75 -18.80 -10.44
CA LEU A 114 -10.35 -17.74 -11.24
C LEU A 114 -9.39 -17.17 -12.25
N TYR A 115 -8.11 -17.16 -11.91
CA TYR A 115 -7.10 -16.64 -12.83
C TYR A 115 -6.95 -17.58 -14.02
N ASP A 116 -7.03 -18.87 -13.74
CA ASP A 116 -6.91 -19.88 -14.79
C ASP A 116 -8.14 -19.81 -15.68
N LEU A 117 -9.32 -19.74 -15.08
CA LEU A 117 -10.54 -19.65 -15.85
C LEU A 117 -10.62 -18.37 -16.66
N ALA A 118 -10.41 -17.23 -15.99
CA ALA A 118 -10.49 -15.94 -16.66
C ALA A 118 -9.48 -15.88 -17.80
N GLY A 119 -8.33 -16.53 -17.61
CA GLY A 119 -7.31 -16.53 -18.64
C GLY A 119 -7.76 -17.32 -19.87
N LYS A 120 -8.51 -18.39 -19.64
CA LYS A 120 -9.00 -19.22 -20.73
C LYS A 120 -10.11 -18.52 -21.50
N GLN A 121 -11.00 -17.83 -20.79
CA GLN A 121 -12.10 -17.12 -21.44
C GLN A 121 -11.57 -16.02 -22.34
N LEU A 122 -10.62 -15.25 -21.84
CA LEU A 122 -10.03 -14.15 -22.61
C LEU A 122 -8.93 -14.64 -23.56
N GLY A 123 -8.45 -15.86 -23.33
CA GLY A 123 -7.41 -16.39 -24.18
C GLY A 123 -6.04 -15.75 -23.96
N VAL A 124 -5.66 -15.57 -22.70
CA VAL A 124 -4.37 -14.98 -22.36
C VAL A 124 -3.80 -15.69 -21.15
N PRO A 125 -2.46 -15.71 -21.02
CA PRO A 125 -1.83 -16.38 -19.87
C PRO A 125 -2.17 -15.60 -18.60
N ALA A 126 -2.26 -16.30 -17.48
CA ALA A 126 -2.62 -15.67 -16.21
C ALA A 126 -1.84 -14.40 -15.87
N TYR A 127 -0.52 -14.41 -16.06
CA TYR A 127 0.28 -13.23 -15.71
C TYR A 127 -0.16 -11.93 -16.40
N GLN A 128 -0.81 -12.02 -17.56
CA GLN A 128 -1.27 -10.82 -18.25
C GLN A 128 -2.48 -10.25 -17.53
N LEU A 129 -3.16 -11.08 -16.73
CA LEU A 129 -4.30 -10.61 -15.97
C LEU A 129 -3.80 -9.99 -14.66
N LEU A 130 -2.49 -9.99 -14.46
CA LEU A 130 -1.90 -9.44 -13.24
C LEU A 130 -1.03 -8.23 -13.52
N GLY A 131 -1.11 -7.69 -14.73
CA GLY A 131 -0.32 -6.52 -15.08
C GLY A 131 0.63 -6.69 -16.26
N GLY A 132 0.95 -7.93 -16.60
CA GLY A 132 1.87 -8.16 -17.70
C GLY A 132 3.28 -8.26 -17.13
N THR A 133 4.30 -8.20 -17.97
CA THR A 133 5.66 -8.30 -17.48
C THR A 133 6.68 -7.62 -18.38
N ASN A 134 7.80 -7.20 -17.81
CA ASN A 134 8.88 -6.58 -18.56
C ASN A 134 10.09 -7.49 -18.42
N LYS A 135 9.90 -8.60 -17.71
CA LYS A 135 10.95 -9.57 -17.48
C LYS A 135 10.91 -10.60 -18.60
N ASP A 136 12.06 -10.99 -19.11
CA ASP A 136 12.05 -11.98 -20.18
C ASP A 136 12.11 -13.38 -19.57
N LYS A 137 12.75 -13.50 -18.41
CA LYS A 137 12.88 -14.79 -17.71
C LYS A 137 12.79 -14.58 -16.19
N VAL A 138 12.36 -15.60 -15.45
CA VAL A 138 12.28 -15.55 -13.99
C VAL A 138 13.13 -16.69 -13.45
N HIS A 139 13.69 -16.54 -12.26
CA HIS A 139 14.53 -17.59 -11.68
C HIS A 139 14.12 -17.95 -10.27
N PRO A 140 13.68 -19.19 -10.05
CA PRO A 140 13.27 -19.63 -8.73
C PRO A 140 14.45 -20.10 -7.90
N TYR A 141 14.19 -20.33 -6.61
CA TYR A 141 15.21 -20.88 -5.73
C TYR A 141 14.56 -22.23 -5.47
N LEU A 142 15.35 -23.27 -5.37
CA LEU A 142 14.82 -24.60 -5.16
C LEU A 142 15.03 -25.08 -3.75
N THR A 143 13.97 -25.53 -3.11
CA THR A 143 14.07 -26.03 -1.76
C THR A 143 14.52 -27.47 -1.82
N LEU A 144 15.70 -27.76 -1.28
CA LEU A 144 16.25 -29.11 -1.29
C LEU A 144 16.20 -29.76 0.09
N TYR A 145 15.94 -31.06 0.09
CA TYR A 145 15.88 -31.83 1.33
C TYR A 145 16.06 -33.31 1.01
N PRO A 146 17.19 -33.89 1.43
CA PRO A 146 17.47 -35.31 1.19
C PRO A 146 16.61 -36.23 2.05
N ALA A 147 16.40 -37.44 1.57
CA ALA A 147 15.62 -38.43 2.31
C ALA A 147 16.55 -39.02 3.36
N ILE A 148 16.67 -38.34 4.50
CA ILE A 148 17.54 -38.77 5.58
C ILE A 148 16.77 -39.11 6.85
N PRO A 149 17.38 -39.91 7.74
CA PRO A 149 16.75 -40.32 9.01
C PRO A 149 16.09 -39.16 9.76
N ASP A 151 15.57 -37.15 13.78
CA ASP A 151 16.45 -36.58 12.77
C ASP A 151 17.85 -37.19 12.86
N ALA A 152 18.57 -37.17 11.74
CA ALA A 152 19.90 -37.75 11.65
C ALA A 152 21.02 -36.92 12.26
N SER A 153 22.22 -37.47 12.23
CA SER A 153 23.41 -36.81 12.75
C SER A 153 23.92 -35.84 11.70
N LEU A 154 24.85 -34.98 12.10
CA LEU A 154 25.41 -34.00 11.17
C LEU A 154 25.91 -34.67 9.89
N ASP A 155 26.82 -35.62 10.05
CA ASP A 155 27.41 -36.35 8.95
C ASP A 155 26.36 -36.91 7.99
N VAL A 156 25.37 -37.60 8.53
CA VAL A 156 24.31 -38.18 7.71
C VAL A 156 23.55 -37.11 6.92
N ALA A 157 23.23 -36.02 7.59
CA ALA A 157 22.49 -34.94 6.94
C ALA A 157 23.33 -34.28 5.85
N ILE A 158 24.60 -34.02 6.17
CA ILE A 158 25.50 -33.40 5.21
C ILE A 158 25.69 -34.29 3.98
N LYS A 159 25.68 -35.60 4.22
CA LYS A 159 25.85 -36.59 3.16
C LYS A 159 24.67 -36.61 2.21
N GLY A 160 23.47 -36.46 2.75
CA GLY A 160 22.29 -36.46 1.91
C GLY A 160 22.19 -35.22 1.04
N TYR A 161 22.60 -34.09 1.58
CA TYR A 161 22.56 -32.82 0.85
C TYR A 161 23.63 -32.73 -0.22
N ALA A 162 24.75 -33.42 -0.02
CA ALA A 162 25.86 -33.39 -0.95
C ALA A 162 25.46 -33.59 -2.42
N PRO A 163 24.85 -34.75 -2.74
CA PRO A 163 24.45 -34.95 -4.15
C PRO A 163 23.48 -33.90 -4.67
N LEU A 164 22.48 -33.55 -3.87
CA LEU A 164 21.49 -32.56 -4.27
C LEU A 164 22.15 -31.23 -4.60
N LEU A 165 23.07 -30.79 -3.75
CA LEU A 165 23.78 -29.54 -3.98
C LEU A 165 24.57 -29.56 -5.30
N GLU A 166 25.33 -30.62 -5.51
CA GLU A 166 26.13 -30.77 -6.73
C GLU A 166 25.21 -30.76 -7.95
N LYS A 167 24.11 -31.49 -7.86
CA LYS A 167 23.15 -31.55 -8.96
C LYS A 167 22.57 -30.18 -9.25
N ALA A 168 22.40 -29.38 -8.20
CA ALA A 168 21.86 -28.03 -8.37
C ALA A 168 22.87 -27.20 -9.16
N LYS A 169 24.14 -27.33 -8.81
CA LYS A 169 25.18 -26.59 -9.51
C LYS A 169 25.28 -27.04 -10.97
N ALA A 170 25.07 -28.34 -11.19
CA ALA A 170 25.15 -28.90 -12.54
C ALA A 170 24.02 -28.37 -13.41
N HIS A 171 22.85 -28.14 -12.81
CA HIS A 171 21.71 -27.61 -13.55
C HIS A 171 21.70 -26.09 -13.51
N ASN A 172 22.80 -25.51 -13.06
CA ASN A 172 22.93 -24.06 -12.97
C ASN A 172 21.76 -23.41 -12.22
N ILE A 173 21.37 -23.99 -11.10
CA ILE A 173 20.29 -23.42 -10.29
C ILE A 173 20.92 -22.23 -9.57
N ARG A 174 20.34 -21.05 -9.71
CA ARG A 174 20.90 -19.84 -9.12
C ARG A 174 20.72 -19.67 -7.62
N ALA A 175 19.80 -20.41 -7.03
CA ALA A 175 19.57 -20.32 -5.59
C ALA A 175 18.87 -21.57 -5.07
N VAL A 176 19.28 -22.00 -3.88
CA VAL A 176 18.70 -23.18 -3.26
C VAL A 176 18.50 -22.97 -1.77
N LYS A 177 17.52 -23.67 -1.20
CA LYS A 177 17.25 -23.56 0.23
C LYS A 177 17.48 -24.89 0.93
N VAL A 178 18.27 -24.87 2.00
CA VAL A 178 18.52 -26.08 2.77
C VAL A 178 17.78 -25.92 4.11
N CYS A 179 17.52 -27.02 4.79
CA CYS A 179 16.80 -27.02 6.06
C CYS A 179 17.60 -27.69 7.17
N VAL A 180 17.27 -27.33 8.42
CA VAL A 180 17.89 -27.93 9.59
C VAL A 180 16.84 -28.93 10.07
N PRO A 181 17.19 -30.23 10.09
CA PRO A 181 16.22 -31.22 10.54
C PRO A 181 15.53 -30.85 11.85
N ILE A 182 14.20 -30.91 11.83
CA ILE A 182 13.39 -30.59 13.00
C ILE A 182 13.83 -31.33 14.25
N LYS A 183 13.80 -32.65 14.19
CA LYS A 183 14.16 -33.47 15.34
C LYS A 183 15.65 -33.55 15.59
N ALA A 184 16.45 -32.85 14.80
CA ALA A 184 17.88 -32.85 14.99
C ALA A 184 18.15 -32.16 16.31
N ASP A 185 18.93 -32.80 17.17
CA ASP A 185 19.25 -32.21 18.47
C ASP A 185 20.62 -31.56 18.44
N TRP A 186 20.90 -30.79 17.38
CA TRP A 186 22.18 -30.13 17.27
C TRP A 186 22.13 -28.80 18.02
N SER A 187 23.23 -28.46 18.68
CA SER A 187 23.30 -27.20 19.42
C SER A 187 23.46 -26.10 18.38
N THR A 188 23.37 -24.85 18.81
CA THR A 188 23.53 -23.74 17.89
C THR A 188 24.92 -23.82 17.23
N LYS A 189 25.92 -24.24 17.98
CA LYS A 189 27.27 -24.34 17.44
C LYS A 189 27.34 -25.44 16.38
N GLU A 190 26.57 -26.50 16.58
CA GLU A 190 26.56 -27.60 15.63
C GLU A 190 25.80 -27.19 14.37
N VAL A 191 24.73 -26.41 14.54
CA VAL A 191 23.96 -25.95 13.40
C VAL A 191 24.84 -25.04 12.53
N ALA A 192 25.67 -24.23 13.18
CA ALA A 192 26.57 -23.33 12.46
C ALA A 192 27.59 -24.13 11.65
N TYR A 193 28.14 -25.17 12.25
CA TYR A 193 29.10 -26.03 11.59
C TYR A 193 28.43 -26.65 10.38
N TYR A 194 27.21 -27.13 10.60
CA TYR A 194 26.39 -27.75 9.58
C TYR A 194 26.26 -26.86 8.35
N LEU A 195 25.87 -25.60 8.57
CA LEU A 195 25.70 -24.65 7.49
C LEU A 195 27.01 -24.29 6.79
N ARG A 196 28.09 -24.23 7.55
CA ARG A 196 29.39 -23.92 6.96
C ARG A 196 29.78 -25.04 6.00
N GLU A 197 29.56 -26.27 6.44
CA GLU A 197 29.88 -27.44 5.62
C GLU A 197 29.05 -27.46 4.35
N LEU A 198 27.79 -27.08 4.44
CA LEU A 198 26.92 -27.05 3.27
C LEU A 198 27.36 -25.94 2.31
N ARG A 199 27.68 -24.79 2.87
CA ARG A 199 28.13 -23.65 2.07
C ARG A 199 29.43 -24.00 1.34
N GLY A 200 30.26 -24.80 1.99
CA GLY A 200 31.50 -25.21 1.38
C GLY A 200 31.22 -26.09 0.17
N ILE A 201 30.30 -27.03 0.33
CA ILE A 201 29.92 -27.95 -0.73
C ILE A 201 29.29 -27.26 -1.94
N LEU A 202 28.40 -26.33 -1.66
CA LEU A 202 27.70 -25.60 -2.71
C LEU A 202 28.57 -24.54 -3.38
N GLY A 203 29.31 -23.77 -2.59
CA GLY A 203 30.14 -22.72 -3.13
C GLY A 203 29.38 -21.41 -3.00
N HIS A 204 30.07 -20.28 -3.16
CA HIS A 204 29.41 -18.99 -3.02
C HIS A 204 28.78 -18.38 -4.27
N ASP A 205 28.98 -19.01 -5.43
CA ASP A 205 28.42 -18.52 -6.68
C ASP A 205 26.92 -18.79 -6.77
N THR A 206 26.43 -19.65 -5.89
CA THR A 206 25.01 -19.98 -5.85
C THR A 206 24.45 -19.44 -4.53
N ASP A 207 23.34 -18.73 -4.57
CA ASP A 207 22.76 -18.22 -3.34
C ASP A 207 22.19 -19.37 -2.52
N MSE A 208 22.28 -19.26 -1.21
CA MSE A 208 21.79 -20.29 -0.31
C MSE A 208 20.88 -19.71 0.76
O MSE A 208 21.28 -18.81 1.51
CB MSE A 208 22.98 -21.01 0.33
CG MSE A 208 22.62 -22.26 1.11
SE MSE A 208 24.19 -23.22 1.76
CE MSE A 208 23.90 -23.11 3.67
N MSE A 209 19.64 -20.19 0.83
CA MSE A 209 18.71 -19.73 1.86
C MSE A 209 18.64 -20.84 2.90
O MSE A 209 18.94 -22.00 2.60
CB MSE A 209 17.31 -19.44 1.30
CG MSE A 209 17.06 -19.79 -0.16
SE MSE A 209 17.97 -18.63 -1.38
CE MSE A 209 16.49 -17.60 -2.10
N VAL A 210 18.26 -20.50 4.12
CA VAL A 210 18.17 -21.50 5.17
C VAL A 210 16.85 -21.46 5.92
N ASP A 211 16.23 -22.63 6.05
CA ASP A 211 14.97 -22.80 6.76
C ASP A 211 15.33 -23.51 8.07
N TYR A 212 15.04 -22.88 9.21
CA TYR A 212 15.38 -23.48 10.49
C TYR A 212 14.21 -24.23 11.11
N LEU A 213 13.11 -24.31 10.37
CA LEU A 213 11.93 -25.04 10.82
C LEU A 213 11.46 -24.78 12.24
N TYR A 214 11.51 -23.52 12.66
CA TYR A 214 11.03 -23.10 13.98
C TYR A 214 11.63 -23.82 15.18
N ARG A 215 12.93 -24.06 15.16
CA ARG A 215 13.58 -24.76 16.26
C ARG A 215 14.01 -23.86 17.42
N PHE A 216 13.81 -22.54 17.28
CA PHE A 216 14.22 -21.59 18.33
C PHE A 216 13.07 -20.77 18.95
N THR A 217 13.27 -20.32 20.18
CA THR A 217 12.29 -19.50 20.88
C THR A 217 12.92 -18.24 21.50
N ASP A 218 14.24 -18.24 21.61
CA ASP A 218 14.98 -17.10 22.19
C ASP A 218 15.72 -16.32 21.11
N TRP A 219 15.27 -15.08 20.86
CA TRP A 219 15.92 -14.26 19.83
C TRP A 219 17.41 -14.04 20.06
N TYR A 220 17.82 -13.95 21.33
CA TYR A 220 19.22 -13.71 21.66
C TYR A 220 20.13 -14.82 21.14
N GLU A 221 19.70 -16.06 21.35
CA GLU A 221 20.45 -17.24 20.93
C GLU A 221 20.53 -17.26 19.40
N VAL A 222 19.41 -16.93 18.75
CA VAL A 222 19.41 -16.90 17.29
C VAL A 222 20.34 -15.84 16.75
N ALA A 223 20.32 -14.66 17.37
CA ALA A 223 21.19 -13.58 16.92
C ALA A 223 22.64 -14.04 16.98
N ARG A 224 23.03 -14.69 18.07
CA ARG A 224 24.39 -15.19 18.21
C ARG A 224 24.73 -16.12 17.05
N LEU A 225 23.84 -17.06 16.77
CA LEU A 225 24.06 -17.99 15.67
C LEU A 225 24.18 -17.28 14.33
N LEU A 226 23.24 -16.40 14.03
CA LEU A 226 23.27 -15.69 12.75
C LEU A 226 24.46 -14.75 12.63
N ASN A 227 24.87 -14.13 13.73
CA ASN A 227 26.01 -13.24 13.68
C ASN A 227 27.32 -14.00 13.54
N SER A 228 27.32 -15.28 13.91
CA SER A 228 28.52 -16.09 13.82
C SER A 228 28.75 -16.68 12.43
N ILE A 229 27.73 -16.70 11.59
CA ILE A 229 27.88 -17.24 10.24
C ILE A 229 27.65 -16.18 9.18
N GLU A 230 27.97 -14.93 9.51
CA GLU A 230 27.81 -13.83 8.59
C GLU A 230 28.70 -14.02 7.36
N ASP A 231 29.85 -14.67 7.54
CA ASP A 231 30.76 -14.91 6.42
C ASP A 231 30.22 -15.83 5.33
N LEU A 232 29.23 -16.65 5.67
CA LEU A 232 28.64 -17.56 4.68
C LEU A 232 27.74 -16.79 3.72
N GLU A 233 27.47 -15.53 4.07
CA GLU A 233 26.64 -14.64 3.26
C GLU A 233 25.36 -15.32 2.75
N LEU A 234 24.64 -15.99 3.65
CA LEU A 234 23.40 -16.67 3.27
C LEU A 234 22.40 -15.62 2.80
N TYR A 235 21.44 -16.03 1.98
CA TYR A 235 20.46 -15.08 1.47
C TYR A 235 19.43 -14.68 2.53
N PHE A 236 18.92 -15.65 3.28
CA PHE A 236 17.97 -15.34 4.35
C PHE A 236 17.88 -16.41 5.43
N ALA A 237 17.24 -16.04 6.54
CA ALA A 237 17.05 -16.96 7.65
C ALA A 237 15.54 -17.08 7.84
N GLU A 238 14.99 -18.23 7.44
CA GLU A 238 13.56 -18.49 7.53
C GLU A 238 13.18 -19.34 8.74
N ALA A 239 11.99 -19.09 9.26
CA ALA A 239 11.46 -19.83 10.40
C ALA A 239 12.44 -19.97 11.56
N THR A 240 13.05 -18.87 11.98
CA THR A 240 13.99 -18.90 13.09
C THR A 240 13.21 -18.97 14.41
N LEU A 241 12.37 -17.98 14.66
CA LEU A 241 11.58 -17.93 15.89
C LEU A 241 10.14 -18.39 15.65
N GLN A 242 9.39 -18.61 16.74
CA GLN A 242 8.01 -19.05 16.61
C GLN A 242 7.23 -18.03 15.77
N HIS A 243 6.29 -18.53 14.97
CA HIS A 243 5.50 -17.70 14.05
C HIS A 243 4.66 -16.58 14.66
N ASP A 244 4.27 -16.69 15.92
CA ASP A 244 3.48 -15.63 16.56
C ASP A 244 4.39 -14.57 17.19
N ASP A 245 5.68 -14.89 17.28
CA ASP A 245 6.64 -14.00 17.93
C ASP A 245 7.17 -12.85 17.06
N LEU A 246 6.28 -11.97 16.65
CA LEU A 246 6.69 -10.85 15.81
C LEU A 246 7.69 -9.91 16.48
N SER A 247 7.45 -9.56 17.75
CA SER A 247 8.36 -8.67 18.47
C SER A 247 9.75 -9.32 18.54
N GLY A 248 9.78 -10.64 18.61
CA GLY A 248 11.04 -11.36 18.65
C GLY A 248 11.78 -11.27 17.32
N HIS A 249 11.05 -11.33 16.21
CA HIS A 249 11.68 -11.21 14.89
C HIS A 249 12.28 -9.81 14.77
N ALA A 250 11.60 -8.83 15.37
CA ALA A 250 12.08 -7.46 15.31
C ALA A 250 13.46 -7.36 15.99
N LYS A 251 13.58 -8.01 17.14
CA LYS A 251 14.85 -7.99 17.85
C LYS A 251 15.94 -8.65 17.00
N LEU A 252 15.56 -9.65 16.23
CA LEU A 252 16.52 -10.31 15.34
C LEU A 252 17.00 -9.34 14.29
N VAL A 253 16.06 -8.63 13.68
CA VAL A 253 16.38 -7.64 12.64
C VAL A 253 17.27 -6.53 13.20
N GLU A 254 16.95 -6.08 14.41
CA GLU A 254 17.70 -5.01 15.05
C GLU A 254 19.11 -5.42 15.52
N ASN A 255 19.34 -6.72 15.72
CA ASN A 255 20.64 -7.17 16.22
C ASN A 255 21.48 -8.11 15.36
N THR A 256 21.13 -8.23 14.08
CA THR A 256 21.89 -9.08 13.17
C THR A 256 21.85 -8.40 11.81
N ARG A 257 22.61 -8.94 10.87
CA ARG A 257 22.64 -8.40 9.52
C ARG A 257 22.08 -9.38 8.51
N SER A 258 21.42 -10.43 9.00
CA SER A 258 20.82 -11.44 8.12
C SER A 258 19.46 -10.95 7.67
N ARG A 259 19.03 -11.40 6.49
CA ARG A 259 17.70 -11.06 6.03
C ARG A 259 16.82 -11.94 6.93
N ILE A 260 15.74 -11.40 7.48
CA ILE A 260 14.87 -12.19 8.34
C ILE A 260 13.53 -12.36 7.65
N CYS A 261 13.09 -13.60 7.51
CA CYS A 261 11.82 -13.90 6.87
C CYS A 261 10.69 -14.10 7.88
N GLY A 262 9.46 -13.92 7.41
CA GLY A 262 8.29 -14.12 8.23
C GLY A 262 7.05 -14.35 7.39
N ALA A 263 5.95 -14.69 8.06
CA ALA A 263 4.62 -14.90 7.44
C ALA A 263 4.40 -16.16 6.61
N GLU A 264 5.31 -17.12 6.70
CA GLU A 264 5.16 -18.36 5.96
C GLU A 264 3.77 -19.00 6.15
N MSE A 265 3.28 -19.02 7.39
CA MSE A 265 1.98 -19.64 7.67
C MSE A 265 0.83 -18.66 7.90
O MSE A 265 -0.26 -19.05 8.36
CB MSE A 265 2.09 -20.54 8.92
CG MSE A 265 3.21 -21.58 8.85
SE MSE A 265 3.19 -22.81 10.37
CE MSE A 265 4.16 -21.77 11.68
N SER A 266 1.05 -17.39 7.58
CA SER A 266 0.03 -16.35 7.78
C SER A 266 -1.03 -16.33 6.68
N THR A 267 -2.11 -15.59 6.92
CA THR A 267 -3.18 -15.41 5.94
C THR A 267 -3.56 -13.93 5.95
N THR A 268 -3.97 -13.45 4.78
CA THR A 268 -4.40 -12.08 4.51
C THR A 268 -3.29 -11.04 4.54
N ARG A 269 -3.59 -9.91 3.93
CA ARG A 269 -2.64 -8.80 3.89
C ARG A 269 -2.59 -8.11 5.25
N PHE A 270 -3.55 -8.42 6.11
CA PHE A 270 -3.59 -7.79 7.44
C PHE A 270 -2.50 -8.38 8.31
N GLU A 271 -2.31 -9.69 8.24
CA GLU A 271 -1.23 -10.30 9.03
C GLU A 271 0.11 -9.91 8.40
N ALA A 272 0.15 -9.84 7.08
CA ALA A 272 1.39 -9.46 6.38
C ALA A 272 1.85 -8.05 6.78
N GLU A 273 0.91 -7.12 6.89
CA GLU A 273 1.22 -5.75 7.28
C GLU A 273 1.90 -5.74 8.66
N GLU A 274 1.37 -6.54 9.57
CA GLU A 274 1.91 -6.64 10.92
C GLU A 274 3.35 -7.14 10.88
N TRP A 275 3.60 -8.17 10.07
CA TRP A 275 4.94 -8.70 9.93
C TRP A 275 5.91 -7.62 9.49
N ILE A 276 5.44 -6.77 8.58
CA ILE A 276 6.27 -5.70 8.05
C ILE A 276 6.55 -4.61 9.08
N THR A 277 5.49 -4.09 9.68
CA THR A 277 5.63 -3.01 10.65
C THR A 277 6.06 -3.42 12.05
N LYS A 278 5.47 -4.47 12.59
CA LYS A 278 5.85 -4.92 13.92
C LYS A 278 7.02 -5.89 13.87
N GLY A 279 7.00 -6.81 12.91
CA GLY A 279 8.09 -7.76 12.83
C GLY A 279 9.37 -7.19 12.22
N LYS A 280 9.22 -6.12 11.46
CA LYS A 280 10.35 -5.47 10.78
C LYS A 280 11.09 -6.42 9.83
N VAL A 281 10.42 -7.46 9.35
CA VAL A 281 11.09 -8.43 8.48
C VAL A 281 11.48 -7.92 7.09
N HIS A 282 12.50 -8.55 6.51
CA HIS A 282 13.01 -8.18 5.19
C HIS A 282 12.23 -8.86 4.08
N LEU A 283 11.59 -9.98 4.41
CA LEU A 283 10.90 -10.76 3.39
C LEU A 283 9.71 -11.57 3.91
N LEU A 284 8.62 -11.52 3.14
CA LEU A 284 7.38 -12.22 3.46
C LEU A 284 7.25 -13.50 2.64
N GLN A 285 6.68 -14.54 3.25
CA GLN A 285 6.52 -15.82 2.57
C GLN A 285 5.07 -16.32 2.51
N SER A 286 4.11 -15.38 2.54
CA SER A 286 2.70 -15.74 2.47
C SER A 286 2.52 -16.71 1.29
N ASP A 287 1.76 -17.79 1.51
CA ASP A 287 1.54 -18.83 0.52
C ASP A 287 0.33 -18.62 -0.40
N TYR A 288 0.54 -18.87 -1.69
CA TYR A 288 -0.51 -18.76 -2.72
C TYR A 288 -1.78 -19.47 -2.29
N ASN A 289 -1.63 -20.69 -1.78
CA ASN A 289 -2.77 -21.49 -1.39
C ASN A 289 -3.23 -21.37 0.07
N ARG A 290 -2.78 -20.32 0.75
CA ARG A 290 -3.17 -20.09 2.14
C ARG A 290 -3.67 -18.67 2.45
N CYS A 291 -2.88 -17.67 2.05
CA CYS A 291 -3.15 -16.26 2.37
C CYS A 291 -4.21 -15.47 1.63
N GLY A 292 -4.78 -16.02 0.57
CA GLY A 292 -5.79 -15.31 -0.18
C GLY A 292 -5.52 -15.34 -1.68
N GLY A 293 -4.66 -16.27 -2.10
CA GLY A 293 -4.34 -16.41 -3.51
C GLY A 293 -3.55 -15.28 -4.14
N LEU A 294 -3.50 -15.32 -5.47
CA LEU A 294 -2.78 -14.32 -6.25
C LEU A 294 -3.31 -12.89 -6.03
N THR A 295 -4.62 -12.75 -5.88
CA THR A 295 -5.17 -11.42 -5.68
C THR A 295 -4.62 -10.79 -4.41
N GLU A 296 -4.57 -11.57 -3.33
CA GLU A 296 -4.05 -11.05 -2.07
C GLU A 296 -2.53 -10.93 -2.14
N LEU A 297 -1.86 -11.83 -2.87
CA LEU A 297 -0.41 -11.73 -2.98
C LEU A 297 -0.03 -10.45 -3.72
N ARG A 298 -0.88 -10.01 -4.65
CA ARG A 298 -0.59 -8.77 -5.39
C ARG A 298 -0.67 -7.57 -4.44
N ARG A 299 -1.69 -7.54 -3.58
CA ARG A 299 -1.83 -6.44 -2.65
C ARG A 299 -0.67 -6.49 -1.66
N ILE A 300 -0.34 -7.68 -1.18
CA ILE A 300 0.74 -7.84 -0.22
C ILE A 300 2.07 -7.36 -0.82
N THR A 301 2.36 -7.77 -2.05
CA THR A 301 3.62 -7.40 -2.69
C THR A 301 3.75 -5.90 -2.99
N GLU A 302 2.69 -5.27 -3.47
CA GLU A 302 2.78 -3.85 -3.74
C GLU A 302 2.95 -3.10 -2.41
N MSE A 303 2.36 -3.63 -1.34
CA MSE A 303 2.55 -2.99 -0.03
C MSE A 303 4.00 -3.25 0.42
O MSE A 303 4.68 -2.36 0.93
CB MSE A 303 1.59 -3.58 1.01
CG MSE A 303 1.95 -3.19 2.46
SE MSE A 303 0.68 -3.83 3.81
CE MSE A 303 0.95 -5.74 3.65
N ALA A 304 4.46 -4.49 0.23
CA ALA A 304 5.82 -4.85 0.64
C ALA A 304 6.86 -3.98 -0.07
N THR A 305 6.70 -3.79 -1.38
CA THR A 305 7.65 -3.00 -2.15
C THR A 305 7.78 -1.58 -1.61
N ALA A 306 6.66 -0.99 -1.24
CA ALA A 306 6.67 0.36 -0.72
C ALA A 306 7.44 0.43 0.60
N ASN A 307 7.52 -0.70 1.30
CA ASN A 307 8.23 -0.78 2.58
C ASN A 307 9.60 -1.44 2.50
N ASN A 308 10.11 -1.62 1.27
CA ASN A 308 11.42 -2.23 1.05
C ASN A 308 11.50 -3.65 1.56
N VAL A 309 10.39 -4.36 1.43
CA VAL A 309 10.30 -5.74 1.86
C VAL A 309 10.10 -6.63 0.63
N GLN A 310 10.86 -7.71 0.55
CA GLN A 310 10.77 -8.65 -0.56
C GLN A 310 9.69 -9.67 -0.30
N VAL A 311 9.19 -10.29 -1.35
CA VAL A 311 8.16 -11.32 -1.21
C VAL A 311 8.53 -12.55 -2.04
N MSE A 312 8.62 -13.69 -1.37
CA MSE A 312 8.92 -14.98 -2.01
C MSE A 312 7.91 -15.92 -1.38
O MSE A 312 8.20 -16.60 -0.39
CB MSE A 312 10.35 -15.43 -1.71
CG MSE A 312 11.41 -14.62 -2.42
SE MSE A 312 13.19 -15.36 -2.20
CE MSE A 312 14.19 -13.78 -2.70
N PRO A 313 6.71 -15.98 -1.96
CA PRO A 313 5.65 -16.84 -1.42
C PRO A 313 6.02 -18.30 -1.21
N HIS A 314 5.65 -18.80 -0.04
CA HIS A 314 5.90 -20.19 0.33
C HIS A 314 5.23 -21.04 -0.75
N ASN A 315 5.86 -22.16 -1.10
CA ASN A 315 5.28 -23.02 -2.14
C ASN A 315 5.79 -24.44 -2.07
N TRP A 316 4.92 -25.33 -1.60
CA TRP A 316 5.24 -26.75 -1.50
C TRP A 316 3.94 -27.54 -1.58
N LYS A 317 3.38 -27.61 -2.78
CA LYS A 317 2.14 -28.33 -3.01
C LYS A 317 2.28 -29.14 -4.30
N THR A 318 1.47 -28.86 -5.31
CA THR A 318 1.58 -29.60 -6.57
C THR A 318 1.90 -28.64 -7.72
N GLY A 319 1.84 -29.14 -8.94
CA GLY A 319 2.13 -28.32 -10.10
C GLY A 319 1.14 -27.18 -10.29
N ILE A 320 0.01 -27.25 -9.62
CA ILE A 320 -1.00 -26.19 -9.73
C ILE A 320 -0.45 -24.91 -9.12
N THR A 321 0.07 -25.00 -7.89
CA THR A 321 0.63 -23.82 -7.23
C THR A 321 1.93 -23.40 -7.94
N SER A 322 2.75 -24.37 -8.33
CA SER A 322 3.99 -24.05 -9.01
C SER A 322 3.73 -23.22 -10.28
N ALA A 323 2.61 -23.50 -10.95
CA ALA A 323 2.26 -22.74 -12.14
C ALA A 323 1.88 -21.34 -11.72
N ALA A 324 1.06 -21.23 -10.69
CA ALA A 324 0.63 -19.92 -10.20
C ALA A 324 1.87 -19.13 -9.81
N ALA A 325 2.87 -19.79 -9.24
CA ALA A 325 4.12 -19.13 -8.82
C ALA A 325 4.91 -18.50 -9.98
N ILE A 326 5.03 -19.22 -11.09
CA ILE A 326 5.74 -18.67 -12.25
C ILE A 326 5.04 -17.41 -12.74
N HIS A 327 3.72 -17.47 -12.88
CA HIS A 327 2.94 -16.32 -13.32
C HIS A 327 3.09 -15.16 -12.32
N TYR A 328 3.02 -15.47 -11.03
CA TYR A 328 3.17 -14.44 -9.99
C TYR A 328 4.50 -13.70 -10.18
N GLN A 329 5.59 -14.46 -10.18
CA GLN A 329 6.92 -13.88 -10.30
C GLN A 329 7.06 -12.98 -11.53
N PHE A 330 6.45 -13.36 -12.64
CA PHE A 330 6.54 -12.56 -13.85
C PHE A 330 5.86 -11.20 -13.76
N ALA A 331 4.63 -11.16 -13.26
CA ALA A 331 3.91 -9.89 -13.18
C ALA A 331 3.86 -9.18 -11.83
N VAL A 332 3.98 -9.91 -10.74
CA VAL A 332 3.88 -9.32 -9.42
C VAL A 332 5.14 -9.33 -8.57
N GLY A 333 5.92 -10.40 -8.66
CA GLY A 333 7.14 -10.54 -7.88
C GLY A 333 8.06 -9.33 -7.83
N ASN A 334 8.65 -9.08 -6.66
CA ASN A 334 9.56 -7.94 -6.50
C ASN A 334 10.95 -8.39 -6.04
N ALA A 335 11.19 -9.70 -6.01
CA ALA A 335 12.47 -10.24 -5.55
C ALA A 335 13.18 -11.01 -6.66
N PRO A 336 14.51 -11.18 -6.56
CA PRO A 336 15.26 -11.91 -7.59
C PRO A 336 14.91 -13.40 -7.72
N TYR A 337 14.35 -13.97 -6.66
CA TYR A 337 13.97 -15.38 -6.65
C TYR A 337 12.56 -15.54 -6.08
N PHE A 338 12.08 -16.78 -6.12
CA PHE A 338 10.77 -17.16 -5.60
C PHE A 338 10.81 -18.66 -5.35
N GLU A 339 10.11 -19.14 -4.32
CA GLU A 339 10.13 -20.58 -4.02
C GLU A 339 9.47 -21.45 -5.08
N TYR A 340 10.10 -22.57 -5.34
CA TYR A 340 9.61 -23.52 -6.33
C TYR A 340 10.11 -24.90 -5.96
N VAL A 341 9.24 -25.90 -6.14
CA VAL A 341 9.60 -27.29 -5.87
C VAL A 341 9.62 -27.97 -7.23
N HIS A 342 10.80 -28.41 -7.66
CA HIS A 342 10.96 -29.05 -8.95
C HIS A 342 11.12 -30.57 -8.82
N PRO A 343 10.41 -31.34 -9.68
CA PRO A 343 10.41 -32.80 -9.72
C PRO A 343 11.78 -33.49 -9.75
N GLU A 344 12.75 -32.86 -10.42
CA GLU A 344 14.09 -33.43 -10.51
C GLU A 344 14.89 -33.10 -9.26
N PHE A 345 14.29 -32.34 -8.36
CA PHE A 345 14.95 -31.93 -7.12
C PHE A 345 14.07 -32.19 -5.90
N CYS A 346 12.95 -32.85 -6.14
CA CYS A 346 12.02 -33.18 -5.06
C CYS A 346 11.57 -34.63 -5.23
N ASP A 347 11.04 -35.20 -4.15
CA ASP A 347 10.57 -36.58 -4.18
C ASP A 347 9.08 -36.64 -3.85
N GLY A 348 8.25 -36.21 -4.80
CA GLY A 348 6.81 -36.23 -4.58
C GLY A 348 6.05 -36.66 -5.81
N GLU A 349 5.47 -37.85 -5.75
CA GLU A 349 4.69 -38.37 -6.87
C GLU A 349 3.55 -37.42 -7.22
N LEU A 350 2.98 -36.80 -6.19
CA LEU A 350 1.86 -35.88 -6.41
C LEU A 350 2.32 -34.60 -7.12
N ARG A 351 3.44 -34.05 -6.66
CA ARG A 351 3.97 -32.83 -7.28
C ARG A 351 4.32 -33.06 -8.75
N LYS A 352 4.65 -34.30 -9.07
CA LYS A 352 5.05 -34.64 -10.44
C LYS A 352 3.94 -35.03 -11.42
N TYR A 353 2.93 -35.73 -10.95
CA TYR A 353 1.88 -36.20 -11.84
C TYR A 353 0.51 -35.55 -11.88
N LEU A 354 0.08 -34.96 -10.78
CA LEU A 354 -1.25 -34.36 -10.73
C LEU A 354 -1.65 -33.55 -11.95
N VAL A 355 -0.80 -32.62 -12.37
CA VAL A 355 -1.12 -31.80 -13.53
C VAL A 355 -0.03 -31.78 -14.60
N THR A 356 -0.44 -31.42 -15.81
CA THR A 356 0.45 -31.35 -16.95
C THR A 356 0.12 -30.09 -17.75
N PRO A 357 1.10 -29.53 -18.46
CA PRO A 357 2.49 -29.99 -18.57
C PRO A 357 3.34 -29.34 -17.48
N GLU A 358 4.61 -29.71 -17.42
CA GLU A 358 5.54 -29.16 -16.45
C GLU A 358 6.32 -28.06 -17.17
N ALA A 359 6.57 -26.95 -16.48
CA ALA A 359 7.30 -25.84 -17.08
C ALA A 359 8.75 -26.29 -17.25
N GLU A 360 9.38 -25.89 -18.36
CA GLU A 360 10.77 -26.28 -18.62
C GLU A 360 11.76 -25.33 -17.97
N LEU A 361 12.58 -25.89 -17.08
CA LEU A 361 13.60 -25.12 -16.38
C LEU A 361 14.87 -25.20 -17.21
N VAL A 362 15.32 -24.05 -17.72
CA VAL A 362 16.53 -24.01 -18.51
C VAL A 362 17.53 -23.02 -17.94
N ASP A 363 18.72 -23.50 -17.63
CA ASP A 363 19.77 -22.65 -17.10
C ASP A 363 19.25 -21.88 -15.87
N GLY A 364 18.50 -22.59 -15.03
CA GLY A 364 17.96 -21.99 -13.82
C GLY A 364 16.77 -21.05 -13.98
N GLY A 365 16.21 -20.97 -15.18
CA GLY A 365 15.09 -20.07 -15.39
C GLY A 365 13.92 -20.58 -16.20
N PHE A 366 12.79 -19.90 -16.09
CA PHE A 366 11.59 -20.27 -16.83
C PHE A 366 11.31 -19.18 -17.85
N ALA A 367 10.77 -19.57 -19.00
CA ALA A 367 10.41 -18.61 -20.03
C ALA A 367 8.98 -18.17 -19.78
N LYS A 368 8.58 -17.06 -20.39
CA LYS A 368 7.24 -16.54 -20.22
C LYS A 368 6.17 -17.52 -20.68
N PRO A 369 5.20 -17.83 -19.80
CA PRO A 369 4.13 -18.77 -20.14
C PRO A 369 3.46 -18.31 -21.43
N THR A 370 2.93 -19.28 -22.19
CA THR A 370 2.26 -18.95 -23.46
C THR A 370 0.80 -19.39 -23.51
N ALA A 371 0.48 -20.46 -22.79
CA ALA A 371 -0.89 -20.97 -22.78
C ALA A 371 -1.82 -20.10 -21.94
N PRO A 372 -3.13 -20.14 -22.23
CA PRO A 372 -4.13 -19.35 -21.50
C PRO A 372 -4.19 -19.74 -20.03
N GLY A 373 -4.55 -18.79 -19.18
CA GLY A 373 -4.65 -19.06 -17.76
C GLY A 373 -3.34 -19.55 -17.16
N LEU A 374 -3.43 -20.55 -16.28
CA LEU A 374 -2.24 -21.09 -15.65
C LEU A 374 -1.55 -22.14 -16.51
N GLY A 375 -2.20 -22.52 -17.60
CA GLY A 375 -1.62 -23.50 -18.51
C GLY A 375 -1.38 -24.89 -17.96
N ILE A 376 -2.34 -25.40 -17.19
CA ILE A 376 -2.21 -26.74 -16.64
C ILE A 376 -3.54 -27.46 -16.69
N ASP A 377 -3.52 -28.78 -16.59
CA ASP A 377 -4.74 -29.56 -16.58
C ASP A 377 -4.50 -30.85 -15.84
N LEU A 378 -5.56 -31.42 -15.28
CA LEU A 378 -5.47 -32.65 -14.53
C LEU A 378 -5.07 -33.84 -15.38
N ASN A 379 -4.22 -34.69 -14.79
CA ASN A 379 -3.77 -35.91 -15.46
C ASN A 379 -4.75 -37.01 -15.04
N GLN A 380 -5.81 -37.16 -15.83
CA GLN A 380 -6.87 -38.14 -15.57
C GLN A 380 -6.39 -39.54 -15.21
N GLU A 381 -5.40 -40.06 -15.94
CA GLU A 381 -4.89 -41.39 -15.66
C GLU A 381 -4.43 -41.47 -14.21
N PHE A 382 -3.41 -40.68 -13.88
CA PHE A 382 -2.86 -40.64 -12.52
C PHE A 382 -3.98 -40.55 -11.51
N LEU A 383 -4.95 -39.68 -11.79
CA LEU A 383 -6.09 -39.49 -10.90
C LEU A 383 -6.95 -40.74 -10.83
N ALA A 384 -7.19 -41.36 -11.99
CA ALA A 384 -8.00 -42.57 -12.05
C ALA A 384 -7.32 -43.63 -11.20
N SER A 385 -6.01 -43.52 -11.05
CA SER A 385 -5.23 -44.44 -10.25
C SER A 385 -5.53 -44.14 -8.80
N LEU A 386 -6.38 -43.14 -8.59
CA LEU A 386 -6.79 -42.69 -7.27
C LEU A 386 -5.55 -42.17 -6.52
N LEU B 5 -4.10 -18.26 -28.38
CA LEU B 5 -4.37 -16.99 -27.66
C LEU B 5 -5.34 -16.09 -28.41
N ASN B 6 -5.90 -15.12 -27.70
CA ASN B 6 -6.84 -14.16 -28.29
C ASN B 6 -6.12 -13.37 -29.37
N PRO B 7 -6.61 -13.43 -30.62
CA PRO B 7 -5.98 -12.70 -31.73
C PRO B 7 -6.15 -11.19 -31.64
N ALA B 8 -7.27 -10.75 -31.07
CA ALA B 8 -7.56 -9.32 -30.96
C ALA B 8 -6.55 -8.55 -30.10
N VAL B 9 -5.81 -9.27 -29.26
CA VAL B 9 -4.81 -8.62 -28.40
C VAL B 9 -3.57 -8.37 -29.26
N ALA B 10 -3.60 -7.26 -30.00
CA ALA B 10 -2.49 -6.93 -30.88
C ALA B 10 -1.60 -5.82 -30.33
N PRO B 11 -0.31 -5.84 -30.70
CA PRO B 11 0.65 -4.83 -30.24
C PRO B 11 0.33 -3.41 -30.70
N ILE B 12 0.69 -2.44 -29.87
CA ILE B 12 0.44 -1.04 -30.18
C ILE B 12 1.25 -0.64 -31.42
N LYS B 13 0.59 0.03 -32.35
CA LYS B 13 1.25 0.47 -33.58
C LYS B 13 1.67 1.92 -33.46
N SER B 14 0.80 2.75 -32.91
CA SER B 14 1.11 4.15 -32.78
C SER B 14 0.40 4.82 -31.61
N ILE B 15 0.86 6.03 -31.30
CA ILE B 15 0.31 6.83 -30.22
C ILE B 15 0.48 8.28 -30.62
N GLU B 16 -0.62 9.02 -30.75
CA GLU B 16 -0.48 10.40 -31.12
C GLU B 16 -1.17 11.31 -30.12
N PHE B 17 -0.57 12.48 -29.91
CA PHE B 17 -1.13 13.46 -28.99
C PHE B 17 -1.83 14.49 -29.86
N ILE B 18 -3.12 14.69 -29.62
CA ILE B 18 -3.93 15.61 -30.41
C ILE B 18 -4.49 16.80 -29.63
N PRO B 19 -3.88 17.98 -29.80
CA PRO B 19 -4.36 19.19 -29.09
C PRO B 19 -5.75 19.57 -29.59
N VAL B 20 -6.59 20.02 -28.67
CA VAL B 20 -7.94 20.45 -29.03
C VAL B 20 -8.24 21.74 -28.27
N ASN B 21 -8.33 22.84 -29.02
CA ASN B 21 -8.60 24.14 -28.44
C ASN B 21 -9.97 24.61 -28.91
N TYR B 22 -10.62 25.42 -28.09
CA TYR B 22 -11.95 25.92 -28.43
C TYR B 22 -12.15 27.32 -27.88
N GLN B 23 -12.29 28.30 -28.76
CA GLN B 23 -12.50 29.70 -28.34
C GLN B 23 -13.98 30.03 -28.33
N SER B 28 -11.22 29.97 -23.14
CA SER B 28 -10.11 29.14 -23.64
C SER B 28 -10.11 27.76 -22.99
N GLN B 29 -10.95 26.87 -23.51
CA GLN B 29 -11.05 25.51 -23.01
C GLN B 29 -10.23 24.61 -23.93
N ASN B 30 -9.49 23.68 -23.36
CA ASN B 30 -8.69 22.79 -24.18
C ASN B 30 -8.27 21.51 -23.48
N THR B 31 -7.72 20.59 -24.26
CA THR B 31 -7.26 19.32 -23.74
C THR B 31 -6.33 18.71 -24.77
N VAL B 32 -5.75 17.57 -24.43
CA VAL B 32 -4.86 16.88 -25.34
C VAL B 32 -5.29 15.43 -25.43
N VAL B 33 -6.04 15.10 -26.48
CA VAL B 33 -6.49 13.75 -26.66
C VAL B 33 -5.32 12.83 -27.00
N VAL B 34 -5.32 11.66 -26.38
CA VAL B 34 -4.27 10.69 -26.63
C VAL B 34 -4.89 9.49 -27.33
N LYS B 35 -4.43 9.22 -28.54
CA LYS B 35 -4.94 8.10 -29.30
C LYS B 35 -3.89 7.02 -29.48
N VAL B 36 -4.19 5.83 -28.97
CA VAL B 36 -3.28 4.69 -29.08
C VAL B 36 -3.95 3.70 -30.02
N THR B 37 -3.25 3.32 -31.08
CA THR B 37 -3.80 2.40 -32.07
C THR B 37 -2.96 1.14 -32.21
N ASP B 38 -3.60 -0.03 -32.23
CA ASP B 38 -2.85 -1.28 -32.39
C ASP B 38 -2.67 -1.56 -33.87
N GLU B 39 -1.96 -2.64 -34.18
CA GLU B 39 -1.68 -3.01 -35.57
C GLU B 39 -2.94 -3.36 -36.38
N ASN B 40 -4.05 -3.63 -35.70
CA ASN B 40 -5.29 -3.96 -36.38
C ASN B 40 -6.18 -2.75 -36.62
N GLY B 41 -5.72 -1.57 -36.21
CA GLY B 41 -6.50 -0.38 -36.41
C GLY B 41 -7.38 0.01 -35.23
N VAL B 42 -7.55 -0.89 -34.27
CA VAL B 42 -8.36 -0.60 -33.08
C VAL B 42 -7.60 0.41 -32.23
N TYR B 43 -8.30 1.36 -31.63
CA TYR B 43 -7.64 2.39 -30.83
C TYR B 43 -8.33 2.73 -29.52
N GLY B 44 -7.57 3.32 -28.61
CA GLY B 44 -8.09 3.72 -27.32
C GLY B 44 -7.93 5.22 -27.17
N LEU B 45 -8.79 5.83 -26.36
CA LEU B 45 -8.72 7.26 -26.16
C LEU B 45 -8.49 7.63 -24.70
N GLY B 46 -7.65 8.64 -24.50
CA GLY B 46 -7.35 9.13 -23.18
C GLY B 46 -7.07 10.60 -23.36
N GLU B 47 -6.72 11.30 -22.30
CA GLU B 47 -6.39 12.72 -22.42
C GLU B 47 -5.42 13.14 -21.33
N ALA B 48 -4.56 14.10 -21.65
CA ALA B 48 -3.56 14.60 -20.72
C ALA B 48 -3.82 16.06 -20.38
N ASP B 49 -3.47 16.44 -19.17
CA ASP B 49 -3.66 17.82 -18.71
C ASP B 49 -2.43 18.63 -19.11
N GLY B 50 -2.49 19.95 -18.90
CA GLY B 50 -1.37 20.82 -19.23
C GLY B 50 -1.49 21.55 -20.57
N SER B 51 -0.70 22.61 -20.75
CA SER B 51 -0.70 23.38 -21.99
C SER B 51 -0.54 22.41 -23.16
N PRO B 52 -1.55 22.32 -24.04
CA PRO B 52 -1.54 21.44 -25.21
C PRO B 52 -0.26 21.44 -26.03
N ASP B 53 0.26 22.62 -26.35
CA ASP B 53 1.48 22.73 -27.14
C ASP B 53 2.72 22.27 -26.38
N ALA B 54 2.71 22.44 -25.06
CA ALA B 54 3.84 22.01 -24.26
C ALA B 54 3.79 20.48 -24.24
N ILE B 55 2.59 19.93 -24.06
CA ILE B 55 2.42 18.48 -24.02
C ILE B 55 2.78 17.85 -25.37
N LEU B 56 2.38 18.49 -26.46
CA LEU B 56 2.68 17.97 -27.79
C LEU B 56 4.18 17.93 -28.01
N ALA B 57 4.86 19.02 -27.61
CA ALA B 57 6.31 19.09 -27.76
C ALA B 57 6.98 17.98 -26.94
N TYR B 58 6.61 17.88 -25.66
CA TYR B 58 7.17 16.85 -24.80
C TYR B 58 6.98 15.46 -25.44
N ALA B 59 5.78 15.23 -25.93
CA ALA B 59 5.45 13.95 -26.56
C ALA B 59 6.25 13.66 -27.85
N ASN B 60 6.93 14.67 -28.38
CA ASN B 60 7.69 14.49 -29.61
C ASN B 60 9.19 14.75 -29.47
N ILE B 61 9.72 14.63 -28.27
CA ILE B 61 11.14 14.86 -28.07
C ILE B 61 11.96 13.66 -28.54
N GLU B 62 13.23 13.89 -28.84
CA GLU B 62 14.13 12.83 -29.30
C GLU B 62 14.74 12.12 -28.10
N THR B 63 14.83 10.80 -28.17
CA THR B 63 15.42 10.02 -27.10
C THR B 63 16.91 10.35 -27.06
N GLU B 64 17.45 10.49 -25.85
CA GLU B 64 18.86 10.84 -25.68
C GLU B 64 19.64 9.80 -24.88
N HIS B 65 19.02 9.28 -23.82
CA HIS B 65 19.67 8.27 -22.98
C HIS B 65 18.67 7.47 -22.14
N LYS B 66 19.17 6.48 -21.43
CA LYS B 66 18.36 5.60 -20.60
C LYS B 66 17.24 6.28 -19.80
N TRP B 67 17.51 7.44 -19.22
CA TRP B 67 16.51 8.12 -18.42
C TRP B 67 15.82 9.29 -19.13
N LEU B 68 16.22 9.54 -20.37
CA LEU B 68 15.64 10.62 -21.15
C LEU B 68 15.19 10.06 -22.49
N THR B 69 14.03 9.39 -22.47
CA THR B 69 13.48 8.76 -23.65
C THR B 69 12.12 9.36 -24.00
N ASN B 70 11.73 9.20 -25.25
CA ASN B 70 10.44 9.68 -25.70
C ASN B 70 9.42 8.78 -25.01
N ILE B 71 8.40 9.39 -24.40
CA ILE B 71 7.39 8.64 -23.66
C ILE B 71 6.68 7.52 -24.43
N THR B 72 6.39 7.74 -25.71
CA THR B 72 5.69 6.73 -26.50
C THR B 72 6.56 5.54 -26.93
N GLU B 73 7.86 5.75 -27.02
CA GLU B 73 8.78 4.70 -27.45
C GLU B 73 8.64 3.38 -26.69
N LYS B 74 8.52 3.47 -25.37
CA LYS B 74 8.39 2.26 -24.56
C LYS B 74 7.03 1.57 -24.63
N ALA B 75 6.06 2.21 -25.30
CA ALA B 75 4.73 1.63 -25.40
C ALA B 75 4.48 1.00 -26.78
N ILE B 76 5.00 1.67 -27.82
CA ILE B 76 4.82 1.18 -29.18
C ILE B 76 5.36 -0.26 -29.23
N GLY B 77 4.60 -1.16 -29.85
CA GLY B 77 5.05 -2.53 -29.97
C GLY B 77 4.65 -3.46 -28.82
N ARG B 78 4.15 -2.88 -27.73
CA ARG B 78 3.73 -3.68 -26.58
C ARG B 78 2.25 -4.06 -26.66
N LEU B 79 1.87 -5.12 -25.98
CA LEU B 79 0.47 -5.56 -25.95
C LEU B 79 -0.27 -4.70 -24.93
N PRO B 80 -1.33 -3.98 -25.37
CA PRO B 80 -2.15 -3.09 -24.54
C PRO B 80 -2.67 -3.69 -23.23
N ILE B 81 -2.69 -5.02 -23.15
CA ILE B 81 -3.17 -5.72 -21.96
C ILE B 81 -2.21 -5.60 -20.77
N GLU B 82 -0.92 -5.45 -21.05
CA GLU B 82 0.09 -5.34 -20.00
C GLU B 82 0.20 -3.90 -19.55
N ILE B 83 -0.91 -3.34 -19.09
CA ILE B 83 -0.97 -1.94 -18.65
C ILE B 83 -0.01 -1.64 -17.51
N ASN B 84 0.08 -2.53 -16.53
CA ASN B 84 0.98 -2.29 -15.41
C ASN B 84 2.43 -2.27 -15.88
N ALA B 85 2.80 -3.25 -16.70
CA ALA B 85 4.17 -3.36 -17.21
C ALA B 85 4.54 -2.18 -18.10
N ILE B 86 3.62 -1.78 -18.98
CA ILE B 86 3.87 -0.64 -19.88
C ILE B 86 4.07 0.62 -19.08
N TRP B 87 3.30 0.77 -18.00
CA TRP B 87 3.40 1.95 -17.13
C TRP B 87 4.84 2.01 -16.56
N ASP B 88 5.29 0.91 -15.97
CA ASP B 88 6.64 0.85 -15.41
C ASP B 88 7.71 1.17 -16.43
N ALA B 89 7.55 0.64 -17.64
CA ALA B 89 8.49 0.85 -18.72
C ALA B 89 8.60 2.32 -19.09
N MSE B 90 7.45 2.95 -19.32
CA MSE B 90 7.45 4.37 -19.68
C MSE B 90 8.06 5.22 -18.58
O MSE B 90 8.87 6.11 -18.84
CB MSE B 90 6.03 4.84 -19.97
CG MSE B 90 5.35 4.17 -21.15
SE MSE B 90 3.68 5.07 -21.55
CE MSE B 90 2.58 4.20 -20.18
N TYR B 91 7.66 4.97 -17.33
CA TYR B 91 8.15 5.77 -16.20
C TYR B 91 9.66 5.69 -16.05
N ASP B 92 10.19 4.46 -16.09
CA ASP B 92 11.61 4.22 -15.93
C ASP B 92 12.47 4.88 -16.99
N ALA B 93 11.97 4.88 -18.23
CA ALA B 93 12.71 5.45 -19.36
C ALA B 93 12.61 6.97 -19.45
N THR B 94 11.78 7.58 -18.61
CA THR B 94 11.61 9.03 -18.64
C THR B 94 11.92 9.73 -17.32
N GLN B 95 12.66 9.08 -16.44
CA GLN B 95 12.98 9.68 -15.15
C GLN B 95 13.67 11.03 -15.19
N TRP B 96 14.51 11.25 -16.19
CA TRP B 96 15.23 12.52 -16.24
C TRP B 96 14.33 13.73 -16.24
N GLN B 97 13.15 13.63 -16.82
CA GLN B 97 12.26 14.79 -16.86
C GLN B 97 10.78 14.49 -16.72
N GLY B 98 10.42 13.24 -16.39
CA GLY B 98 9.01 12.91 -16.26
C GLY B 98 8.54 12.28 -14.96
N MSE B 99 9.37 12.31 -13.92
CA MSE B 99 8.98 11.70 -12.65
C MSE B 99 7.86 12.45 -11.93
O MSE B 99 7.13 11.88 -11.12
CB MSE B 99 10.18 11.58 -11.72
CG MSE B 99 11.18 10.52 -12.17
SE MSE B 99 12.38 10.08 -10.72
CE MSE B 99 13.46 11.69 -10.74
N ARG B 100 7.77 13.75 -12.21
CA ARG B 100 6.76 14.60 -11.60
C ARG B 100 6.47 15.74 -12.58
N GLY B 101 5.42 16.50 -12.31
CA GLY B 101 5.10 17.63 -13.16
C GLY B 101 4.49 17.29 -14.50
N LEU B 102 4.67 18.19 -15.47
CA LEU B 102 4.12 18.04 -16.82
C LEU B 102 4.32 16.68 -17.46
N GLY B 103 5.52 16.13 -17.37
CA GLY B 103 5.81 14.84 -17.97
C GLY B 103 4.85 13.74 -17.54
N MSE B 104 4.40 13.79 -16.29
CA MSE B 104 3.48 12.79 -15.79
C MSE B 104 2.09 12.94 -16.43
O MSE B 104 1.36 11.96 -16.56
CB MSE B 104 3.36 12.86 -14.26
CG MSE B 104 4.53 12.20 -13.50
SE MSE B 104 4.82 10.34 -13.98
CE MSE B 104 3.12 9.58 -13.47
N PHE B 105 1.75 14.16 -16.83
CA PHE B 105 0.44 14.38 -17.46
C PHE B 105 0.41 13.58 -18.76
N ALA B 106 1.53 13.55 -19.47
CA ALA B 106 1.62 12.84 -20.74
C ALA B 106 1.52 11.34 -20.54
N LEU B 107 2.11 10.86 -19.45
CA LEU B 107 2.07 9.42 -19.17
C LEU B 107 0.64 9.03 -18.81
N SER B 108 -0.04 9.91 -18.07
CA SER B 108 -1.42 9.67 -17.66
C SER B 108 -2.30 9.43 -18.86
N GLY B 109 -2.23 10.35 -19.83
CA GLY B 109 -3.04 10.25 -21.03
C GLY B 109 -2.90 8.92 -21.73
N ILE B 110 -1.68 8.40 -21.79
CA ILE B 110 -1.44 7.12 -22.44
C ILE B 110 -2.01 5.97 -21.62
N ASP B 111 -1.80 5.99 -20.31
CA ASP B 111 -2.31 4.94 -19.44
C ASP B 111 -3.83 4.85 -19.60
N MSE B 112 -4.48 5.99 -19.68
CA MSE B 112 -5.93 6.09 -19.82
C MSE B 112 -6.39 5.44 -21.13
O MSE B 112 -7.34 4.65 -21.13
CB MSE B 112 -6.38 7.55 -19.79
CG MSE B 112 -7.88 7.76 -19.55
SE MSE B 112 -8.39 9.63 -19.33
CE MSE B 112 -6.90 10.19 -18.22
N ALA B 113 -5.71 5.76 -22.22
CA ALA B 113 -6.04 5.20 -23.53
C ALA B 113 -5.88 3.68 -23.57
N LEU B 114 -4.93 3.17 -22.81
CA LEU B 114 -4.68 1.73 -22.75
C LEU B 114 -5.84 0.93 -22.18
N TYR B 115 -6.54 1.50 -21.21
CA TYR B 115 -7.68 0.84 -20.61
C TYR B 115 -8.82 0.77 -21.63
N ASP B 116 -8.92 1.82 -22.45
CA ASP B 116 -9.96 1.87 -23.47
C ASP B 116 -9.58 0.91 -24.61
N LEU B 117 -8.31 0.89 -24.98
CA LEU B 117 -7.85 0.00 -26.05
C LEU B 117 -7.89 -1.46 -25.60
N ALA B 118 -7.39 -1.73 -24.40
CA ALA B 118 -7.39 -3.08 -23.88
C ALA B 118 -8.82 -3.60 -23.75
N GLY B 119 -9.71 -2.71 -23.34
CA GLY B 119 -11.10 -3.09 -23.19
C GLY B 119 -11.72 -3.52 -24.52
N LYS B 120 -11.46 -2.75 -25.58
CA LYS B 120 -12.00 -3.08 -26.89
C LYS B 120 -11.45 -4.40 -27.41
N GLN B 121 -10.14 -4.63 -27.26
CA GLN B 121 -9.54 -5.87 -27.73
C GLN B 121 -10.17 -7.08 -27.05
N LEU B 122 -10.28 -7.03 -25.72
CA LEU B 122 -10.85 -8.14 -24.98
C LEU B 122 -12.38 -8.17 -24.99
N GLY B 123 -12.99 -7.09 -25.45
CA GLY B 123 -14.44 -7.00 -25.49
C GLY B 123 -15.08 -6.83 -24.12
N VAL B 124 -14.48 -6.00 -23.27
CA VAL B 124 -15.04 -5.77 -21.93
C VAL B 124 -14.91 -4.32 -21.49
N PRO B 125 -15.83 -3.84 -20.64
CA PRO B 125 -15.73 -2.45 -20.18
C PRO B 125 -14.48 -2.27 -19.32
N ALA B 126 -13.92 -1.06 -19.34
CA ALA B 126 -12.69 -0.75 -18.61
C ALA B 126 -12.67 -1.13 -17.12
N TYR B 127 -13.78 -0.96 -16.43
CA TYR B 127 -13.80 -1.28 -15.00
C TYR B 127 -13.58 -2.78 -14.74
N GLN B 128 -13.81 -3.63 -15.74
CA GLN B 128 -13.57 -5.06 -15.55
C GLN B 128 -12.08 -5.36 -15.66
N LEU B 129 -11.32 -4.40 -16.16
CA LEU B 129 -9.87 -4.57 -16.27
C LEU B 129 -9.24 -4.02 -15.00
N LEU B 130 -10.07 -3.39 -14.18
CA LEU B 130 -9.60 -2.80 -12.92
C LEU B 130 -10.04 -3.58 -11.68
N GLY B 131 -10.60 -4.77 -11.88
CA GLY B 131 -11.01 -5.59 -10.76
C GLY B 131 -12.48 -5.97 -10.71
N GLY B 132 -13.30 -5.37 -11.57
CA GLY B 132 -14.72 -5.69 -11.56
C GLY B 132 -15.40 -4.86 -10.46
N THR B 133 -16.67 -5.12 -10.21
CA THR B 133 -17.37 -4.35 -9.19
C THR B 133 -18.48 -5.14 -8.48
N ASN B 134 -18.85 -4.66 -7.30
CA ASN B 134 -19.92 -5.27 -6.53
C ASN B 134 -21.00 -4.21 -6.33
N LYS B 135 -20.79 -3.04 -6.93
CA LYS B 135 -21.73 -1.94 -6.83
C LYS B 135 -22.69 -1.99 -8.00
N ASP B 136 -23.94 -1.60 -7.79
CA ASP B 136 -24.88 -1.64 -8.91
C ASP B 136 -24.96 -0.24 -9.52
N LYS B 137 -24.60 0.77 -8.74
CA LYS B 137 -24.60 2.16 -9.21
C LYS B 137 -23.60 3.01 -8.43
N VAL B 138 -23.14 4.09 -9.04
CA VAL B 138 -22.22 4.99 -8.35
C VAL B 138 -22.84 6.38 -8.37
N HIS B 139 -22.49 7.20 -7.38
CA HIS B 139 -23.04 8.54 -7.30
C HIS B 139 -21.97 9.60 -7.21
N PRO B 140 -21.96 10.51 -8.18
CA PRO B 140 -20.96 11.58 -8.19
C PRO B 140 -21.40 12.82 -7.43
N TYR B 141 -20.44 13.68 -7.15
CA TYR B 141 -20.75 14.94 -6.51
C TYR B 141 -20.47 15.83 -7.72
N LEU B 142 -21.26 16.89 -7.89
CA LEU B 142 -21.05 17.77 -9.03
C LEU B 142 -20.49 19.11 -8.60
N THR B 143 -19.44 19.56 -9.28
CA THR B 143 -18.85 20.84 -8.96
C THR B 143 -19.65 21.89 -9.70
N LEU B 144 -20.15 22.85 -8.95
CA LEU B 144 -20.98 23.92 -9.50
C LEU B 144 -20.30 25.29 -9.38
N TYR B 145 -20.45 26.11 -10.41
CA TYR B 145 -19.88 27.44 -10.38
C TYR B 145 -20.61 28.30 -11.40
N PRO B 146 -21.32 29.34 -10.93
CA PRO B 146 -22.06 30.24 -11.81
C PRO B 146 -21.18 31.18 -12.60
N ALA B 147 -21.72 31.72 -13.68
CA ALA B 147 -20.99 32.67 -14.51
C ALA B 147 -21.07 34.01 -13.79
N ILE B 148 -20.18 34.22 -12.83
CA ILE B 148 -20.17 35.44 -12.06
C ILE B 148 -18.86 36.23 -12.22
N PRO B 149 -18.90 37.53 -11.89
CA PRO B 149 -17.78 38.47 -11.97
C PRO B 149 -16.47 37.92 -11.41
N ASP B 151 -13.47 38.20 -9.38
CA ASP B 151 -14.51 37.60 -8.57
C ASP B 151 -15.54 38.63 -8.10
N ALA B 152 -16.80 38.19 -8.04
CA ALA B 152 -17.90 39.06 -7.65
C ALA B 152 -18.05 39.34 -6.16
N SER B 153 -19.22 39.88 -5.81
CA SER B 153 -19.56 40.22 -4.44
C SER B 153 -20.37 39.10 -3.80
N LEU B 154 -20.49 39.13 -2.49
CA LEU B 154 -21.24 38.10 -1.77
C LEU B 154 -22.64 37.93 -2.34
N ASP B 155 -23.29 39.05 -2.60
CA ASP B 155 -24.65 39.04 -3.14
C ASP B 155 -24.72 38.42 -4.53
N VAL B 156 -23.82 38.85 -5.41
CA VAL B 156 -23.78 38.33 -6.77
C VAL B 156 -23.47 36.84 -6.78
N ALA B 157 -22.49 36.45 -5.97
CA ALA B 157 -22.09 35.05 -5.89
C ALA B 157 -23.25 34.18 -5.43
N ILE B 158 -23.86 34.55 -4.30
CA ILE B 158 -24.98 33.79 -3.75
C ILE B 158 -26.17 33.72 -4.73
N LYS B 159 -26.45 34.83 -5.39
CA LYS B 159 -27.55 34.88 -6.35
C LYS B 159 -27.20 34.00 -7.55
N GLY B 160 -25.93 34.00 -7.93
CA GLY B 160 -25.49 33.18 -9.04
C GLY B 160 -25.49 31.69 -8.74
N TYR B 161 -25.32 31.34 -7.47
CA TYR B 161 -25.30 29.93 -7.05
C TYR B 161 -26.69 29.40 -6.77
N ALA B 162 -27.52 30.26 -6.17
CA ALA B 162 -28.88 29.92 -5.78
C ALA B 162 -29.62 28.96 -6.71
N PRO B 163 -29.65 29.27 -8.02
CA PRO B 163 -30.36 28.40 -8.97
C PRO B 163 -29.65 27.07 -9.28
N LEU B 164 -28.33 27.08 -9.42
CA LEU B 164 -27.61 25.85 -9.70
C LEU B 164 -27.87 24.87 -8.56
N LEU B 165 -27.98 25.41 -7.36
CA LEU B 165 -28.24 24.58 -6.18
C LEU B 165 -29.68 24.05 -6.20
N GLU B 166 -30.63 24.87 -6.64
CA GLU B 166 -32.02 24.45 -6.70
C GLU B 166 -32.15 23.39 -7.79
N LYS B 167 -31.42 23.57 -8.88
CA LYS B 167 -31.45 22.60 -9.97
C LYS B 167 -30.84 21.27 -9.54
N ALA B 168 -29.82 21.33 -8.69
CA ALA B 168 -29.18 20.10 -8.23
C ALA B 168 -30.16 19.28 -7.39
N LYS B 169 -30.84 19.95 -6.47
CA LYS B 169 -31.81 19.28 -5.61
C LYS B 169 -32.94 18.72 -6.45
N ALA B 170 -33.37 19.48 -7.45
CA ALA B 170 -34.45 19.05 -8.33
C ALA B 170 -34.09 17.74 -9.01
N HIS B 171 -32.81 17.59 -9.36
CA HIS B 171 -32.35 16.37 -10.02
C HIS B 171 -31.86 15.29 -9.06
N ASN B 172 -32.03 15.53 -7.76
CA ASN B 172 -31.62 14.56 -6.74
C ASN B 172 -30.13 14.22 -6.76
N ILE B 173 -29.31 15.21 -7.05
CA ILE B 173 -27.86 15.04 -7.05
C ILE B 173 -27.51 14.83 -5.56
N ARG B 174 -26.79 13.76 -5.26
CA ARG B 174 -26.45 13.43 -3.87
C ARG B 174 -25.44 14.36 -3.20
N ALA B 175 -24.63 15.05 -3.99
CA ALA B 175 -23.63 15.95 -3.43
C ALA B 175 -23.13 16.97 -4.45
N VAL B 176 -22.81 18.16 -3.97
CA VAL B 176 -22.32 19.23 -4.84
C VAL B 176 -21.16 19.97 -4.20
N LYS B 177 -20.28 20.50 -5.03
CA LYS B 177 -19.16 21.28 -4.52
C LYS B 177 -19.32 22.71 -5.02
N VAL B 178 -19.12 23.66 -4.12
CA VAL B 178 -19.21 25.07 -4.44
C VAL B 178 -17.84 25.65 -4.16
N CYS B 179 -17.53 26.80 -4.77
CA CYS B 179 -16.23 27.41 -4.59
C CYS B 179 -16.30 28.83 -4.04
N VAL B 180 -15.18 29.27 -3.46
CA VAL B 180 -15.06 30.63 -2.96
C VAL B 180 -14.27 31.32 -4.06
N PRO B 181 -14.88 32.32 -4.71
CA PRO B 181 -14.21 33.04 -5.80
C PRO B 181 -12.79 33.49 -5.46
N ILE B 182 -11.85 33.13 -6.33
CA ILE B 182 -10.45 33.48 -6.15
C ILE B 182 -10.28 34.97 -5.89
N LYS B 183 -10.52 35.75 -6.94
CA LYS B 183 -10.40 37.20 -6.91
C LYS B 183 -11.34 37.87 -5.90
N ALA B 184 -12.11 37.07 -5.17
CA ALA B 184 -13.00 37.65 -4.17
C ALA B 184 -12.10 38.10 -3.05
N ASP B 185 -12.51 39.14 -2.32
CA ASP B 185 -11.67 39.65 -1.25
C ASP B 185 -12.38 39.58 0.09
N TRP B 186 -13.29 38.62 0.24
CA TRP B 186 -14.03 38.48 1.47
C TRP B 186 -13.13 38.09 2.63
N SER B 187 -13.48 38.54 3.83
CA SER B 187 -12.71 38.20 5.01
C SER B 187 -13.17 36.79 5.35
N THR B 188 -12.50 36.14 6.29
CA THR B 188 -12.90 34.79 6.65
C THR B 188 -14.29 34.84 7.29
N LYS B 189 -14.60 35.96 7.93
CA LYS B 189 -15.91 36.12 8.56
C LYS B 189 -16.99 36.17 7.47
N GLU B 190 -16.65 36.76 6.34
CA GLU B 190 -17.60 36.84 5.23
C GLU B 190 -17.68 35.52 4.49
N VAL B 191 -16.58 34.75 4.49
CA VAL B 191 -16.60 33.45 3.83
C VAL B 191 -17.57 32.55 4.58
N ALA B 192 -17.50 32.58 5.91
CA ALA B 192 -18.41 31.78 6.73
C ALA B 192 -19.86 32.12 6.40
N TYR B 193 -20.17 33.40 6.34
CA TYR B 193 -21.52 33.87 6.02
C TYR B 193 -21.93 33.30 4.66
N TYR B 194 -21.06 33.48 3.68
CA TYR B 194 -21.28 33.00 2.32
C TYR B 194 -21.67 31.53 2.31
N LEU B 195 -20.86 30.70 2.99
CA LEU B 195 -21.12 29.28 3.05
C LEU B 195 -22.41 28.96 3.79
N ARG B 196 -22.73 29.74 4.82
CA ARG B 196 -23.96 29.52 5.57
C ARG B 196 -25.16 29.78 4.67
N GLU B 197 -25.05 30.82 3.84
CA GLU B 197 -26.13 31.18 2.91
C GLU B 197 -26.35 30.09 1.88
N LEU B 198 -25.27 29.56 1.32
CA LEU B 198 -25.40 28.51 0.32
C LEU B 198 -25.96 27.24 0.94
N ARG B 199 -25.44 26.88 2.11
CA ARG B 199 -25.93 25.69 2.80
C ARG B 199 -27.40 25.90 3.13
N GLY B 200 -27.75 27.16 3.40
CA GLY B 200 -29.13 27.50 3.71
C GLY B 200 -30.02 27.22 2.52
N ILE B 201 -29.52 27.55 1.34
CA ILE B 201 -30.27 27.34 0.09
C ILE B 201 -30.35 25.87 -0.25
N LEU B 202 -29.21 25.17 -0.17
CA LEU B 202 -29.14 23.76 -0.51
C LEU B 202 -29.91 22.82 0.43
N GLY B 203 -29.91 23.12 1.72
CA GLY B 203 -30.59 22.25 2.66
C GLY B 203 -29.57 21.25 3.17
N HIS B 204 -29.92 20.48 4.20
CA HIS B 204 -28.98 19.52 4.77
C HIS B 204 -29.07 18.10 4.22
N ASP B 205 -30.00 17.85 3.31
CA ASP B 205 -30.16 16.50 2.75
C ASP B 205 -29.14 16.20 1.67
N THR B 206 -28.47 17.24 1.18
CA THR B 206 -27.46 17.05 0.14
C THR B 206 -26.09 17.36 0.73
N ASP B 207 -25.12 16.49 0.50
CA ASP B 207 -23.79 16.78 1.02
C ASP B 207 -23.24 17.97 0.27
N MSE B 208 -22.46 18.80 0.95
CA MSE B 208 -21.89 19.98 0.33
C MSE B 208 -20.38 20.07 0.59
O MSE B 208 -19.94 20.12 1.75
CB MSE B 208 -22.57 21.24 0.86
CG MSE B 208 -22.16 22.51 0.13
SE MSE B 208 -23.13 24.07 0.73
CE MSE B 208 -21.69 25.16 1.46
N MSE B 209 -19.60 20.09 -0.49
CA MSE B 209 -18.14 20.20 -0.42
C MSE B 209 -17.77 21.64 -0.75
O MSE B 209 -18.54 22.36 -1.40
CB MSE B 209 -17.45 19.28 -1.43
CG MSE B 209 -17.55 17.80 -1.14
SE MSE B 209 -19.29 17.04 -1.54
CE MSE B 209 -18.76 15.21 -1.84
N VAL B 210 -16.61 22.08 -0.29
CA VAL B 210 -16.17 23.44 -0.53
C VAL B 210 -14.73 23.48 -1.03
N ASP B 211 -14.51 24.24 -2.10
CA ASP B 211 -13.20 24.42 -2.70
C ASP B 211 -12.85 25.89 -2.44
N TYR B 212 -11.87 26.13 -1.57
CA TYR B 212 -11.46 27.49 -1.23
C TYR B 212 -10.44 28.09 -2.19
N LEU B 213 -10.11 27.35 -3.26
CA LEU B 213 -9.17 27.78 -4.29
C LEU B 213 -7.85 28.39 -3.81
N TYR B 214 -7.27 27.77 -2.78
CA TYR B 214 -5.97 28.20 -2.25
C TYR B 214 -5.85 29.66 -1.85
N ARG B 215 -6.89 30.19 -1.21
CA ARG B 215 -6.86 31.59 -0.82
C ARG B 215 -6.16 31.85 0.52
N PHE B 216 -5.76 30.79 1.21
CA PHE B 216 -5.13 30.94 2.53
C PHE B 216 -3.68 30.45 2.60
N THR B 217 -2.95 31.00 3.56
CA THR B 217 -1.56 30.63 3.80
C THR B 217 -1.30 30.38 5.29
N ASP B 218 -2.22 30.81 6.14
CA ASP B 218 -2.04 30.61 7.58
C ASP B 218 -3.03 29.60 8.15
N TRP B 219 -2.51 28.44 8.55
CA TRP B 219 -3.36 27.38 9.08
C TRP B 219 -4.23 27.81 10.24
N TYR B 220 -3.72 28.71 11.08
CA TYR B 220 -4.46 29.17 12.23
C TYR B 220 -5.76 29.86 11.84
N GLU B 221 -5.67 30.79 10.88
CA GLU B 221 -6.84 31.52 10.40
C GLU B 221 -7.82 30.55 9.75
N VAL B 222 -7.31 29.58 9.01
CA VAL B 222 -8.17 28.59 8.37
C VAL B 222 -8.86 27.72 9.42
N ALA B 223 -8.13 27.37 10.49
CA ALA B 223 -8.71 26.55 11.55
C ALA B 223 -9.86 27.29 12.24
N ARG B 224 -9.69 28.59 12.48
CA ARG B 224 -10.74 29.40 13.09
C ARG B 224 -11.99 29.40 12.22
N LEU B 225 -11.80 29.53 10.91
CA LEU B 225 -12.90 29.55 9.98
C LEU B 225 -13.64 28.20 9.97
N LEU B 226 -12.90 27.12 9.75
CA LEU B 226 -13.50 25.80 9.71
C LEU B 226 -14.18 25.42 11.03
N ASN B 227 -13.56 25.74 12.17
CA ASN B 227 -14.17 25.41 13.45
C ASN B 227 -15.43 26.22 13.73
N SER B 228 -15.62 27.33 13.01
CA SER B 228 -16.80 28.16 13.23
C SER B 228 -18.01 27.71 12.40
N ILE B 229 -17.77 26.92 11.36
CA ILE B 229 -18.88 26.45 10.52
C ILE B 229 -19.10 24.94 10.60
N GLU B 230 -18.75 24.37 11.74
CA GLU B 230 -18.89 22.93 11.97
C GLU B 230 -20.36 22.54 11.86
N ASP B 231 -21.25 23.42 12.33
CA ASP B 231 -22.68 23.18 12.30
C ASP B 231 -23.23 23.00 10.87
N LEU B 232 -22.47 23.43 9.86
CA LEU B 232 -22.91 23.29 8.47
C LEU B 232 -22.72 21.88 7.96
N GLU B 233 -22.03 21.07 8.75
CA GLU B 233 -21.74 19.68 8.41
C GLU B 233 -21.26 19.50 6.99
N LEU B 234 -20.33 20.35 6.57
CA LEU B 234 -19.79 20.28 5.22
C LEU B 234 -18.98 18.99 5.04
N TYR B 235 -19.01 18.40 3.85
CA TYR B 235 -18.31 17.14 3.61
C TYR B 235 -16.79 17.30 3.70
N PHE B 236 -16.24 18.27 2.98
CA PHE B 236 -14.80 18.49 3.05
C PHE B 236 -14.40 19.92 2.79
N ALA B 237 -13.13 20.19 3.04
CA ALA B 237 -12.53 21.50 2.85
C ALA B 237 -11.34 21.25 1.92
N GLU B 238 -11.47 21.72 0.69
CA GLU B 238 -10.42 21.54 -0.31
C GLU B 238 -9.67 22.82 -0.64
N ALA B 239 -8.39 22.66 -1.00
CA ALA B 239 -7.55 23.78 -1.38
C ALA B 239 -7.58 24.94 -0.39
N THR B 240 -7.40 24.60 0.87
CA THR B 240 -7.38 25.59 1.93
C THR B 240 -6.02 26.30 1.95
N LEU B 241 -4.98 25.53 2.24
CA LEU B 241 -3.62 26.08 2.29
C LEU B 241 -2.89 25.82 0.98
N GLN B 242 -1.72 26.44 0.80
CA GLN B 242 -0.97 26.25 -0.43
C GLN B 242 -0.63 24.77 -0.60
N HIS B 243 -0.66 24.30 -1.85
CA HIS B 243 -0.41 22.90 -2.19
C HIS B 243 0.92 22.30 -1.67
N ASP B 244 1.94 23.11 -1.49
CA ASP B 244 3.22 22.61 -1.00
C ASP B 244 3.28 22.54 0.52
N ASP B 245 2.32 23.18 1.19
CA ASP B 245 2.29 23.25 2.63
C ASP B 245 1.69 22.03 3.33
N LEU B 246 2.33 20.88 3.18
CA LEU B 246 1.82 19.67 3.81
C LEU B 246 1.78 19.72 5.33
N SER B 247 2.81 20.30 5.94
CA SER B 247 2.85 20.41 7.41
C SER B 247 1.71 21.33 7.87
N GLY B 248 1.38 22.32 7.04
CA GLY B 248 0.29 23.21 7.37
C GLY B 248 -1.03 22.46 7.37
N HIS B 249 -1.19 21.52 6.42
CA HIS B 249 -2.42 20.72 6.36
C HIS B 249 -2.53 19.82 7.58
N ALA B 250 -1.41 19.30 8.06
CA ALA B 250 -1.43 18.45 9.24
C ALA B 250 -1.96 19.27 10.41
N LYS B 251 -1.55 20.55 10.48
CA LYS B 251 -2.02 21.41 11.55
C LYS B 251 -3.56 21.51 11.50
N LEU B 252 -4.11 21.65 10.30
CA LEU B 252 -5.56 21.74 10.14
C LEU B 252 -6.25 20.47 10.61
N VAL B 253 -5.66 19.33 10.27
CA VAL B 253 -6.23 18.05 10.66
C VAL B 253 -6.20 17.92 12.17
N GLU B 254 -5.08 18.33 12.77
CA GLU B 254 -4.91 18.22 14.21
C GLU B 254 -5.75 19.20 15.03
N ASN B 255 -6.15 20.30 14.42
CA ASN B 255 -6.89 21.33 15.13
C ASN B 255 -8.32 21.65 14.68
N THR B 256 -8.87 20.85 13.77
CA THR B 256 -10.24 21.06 13.31
C THR B 256 -10.90 19.69 13.16
N ARG B 257 -12.21 19.69 12.96
CA ARG B 257 -12.95 18.46 12.77
C ARG B 257 -13.49 18.32 11.34
N SER B 258 -12.97 19.12 10.41
CA SER B 258 -13.40 19.05 9.01
C SER B 258 -12.55 18.01 8.28
N ARG B 259 -13.08 17.51 7.17
CA ARG B 259 -12.30 16.58 6.37
C ARG B 259 -11.38 17.52 5.62
N ILE B 260 -10.09 17.22 5.61
CA ILE B 260 -9.12 18.07 4.91
C ILE B 260 -8.63 17.31 3.67
N CYS B 261 -8.73 17.95 2.51
CA CYS B 261 -8.30 17.33 1.24
C CYS B 261 -6.91 17.79 0.85
N GLY B 262 -6.27 17.01 -0.01
CA GLY B 262 -4.94 17.34 -0.51
C GLY B 262 -4.64 16.64 -1.81
N ALA B 263 -3.51 16.97 -2.42
CA ALA B 263 -3.03 16.36 -3.67
C ALA B 263 -3.74 16.61 -4.99
N GLU B 264 -4.65 17.59 -5.02
CA GLU B 264 -5.39 17.90 -6.24
C GLU B 264 -4.46 18.13 -7.44
N MSE B 265 -3.34 18.80 -7.22
CA MSE B 265 -2.39 19.09 -8.30
C MSE B 265 -1.15 18.19 -8.31
O MSE B 265 -0.25 18.40 -9.13
CB MSE B 265 -1.94 20.55 -8.20
CG MSE B 265 -3.09 21.57 -8.24
SE MSE B 265 -2.51 23.42 -8.47
CE MSE B 265 -2.08 23.89 -6.63
N SER B 266 -1.11 17.20 -7.43
CA SER B 266 0.04 16.31 -7.34
C SER B 266 0.17 15.29 -8.48
N THR B 267 1.29 14.56 -8.48
CA THR B 267 1.54 13.50 -9.45
C THR B 267 2.25 12.36 -8.75
N THR B 268 1.92 11.13 -9.16
CA THR B 268 2.47 9.87 -8.64
C THR B 268 2.01 9.50 -7.25
N ARG B 269 2.16 8.21 -6.94
CA ARG B 269 1.78 7.71 -5.64
C ARG B 269 2.77 8.17 -4.57
N PHE B 270 3.95 8.61 -5.00
CA PHE B 270 4.97 9.06 -4.06
C PHE B 270 4.60 10.37 -3.40
N GLU B 271 4.02 11.28 -4.16
CA GLU B 271 3.56 12.53 -3.58
C GLU B 271 2.29 12.21 -2.78
N ALA B 272 1.48 11.28 -3.28
CA ALA B 272 0.26 10.91 -2.58
C ALA B 272 0.57 10.36 -1.20
N GLU B 273 1.59 9.50 -1.11
CA GLU B 273 2.00 8.91 0.15
C GLU B 273 2.39 9.98 1.16
N GLU B 274 3.07 11.02 0.68
CA GLU B 274 3.50 12.12 1.55
C GLU B 274 2.30 12.89 2.08
N TRP B 275 1.29 13.09 1.25
CA TRP B 275 0.09 13.79 1.68
C TRP B 275 -0.59 13.00 2.81
N ILE B 276 -0.56 11.68 2.70
CA ILE B 276 -1.19 10.81 3.70
C ILE B 276 -0.45 10.85 5.03
N THR B 277 0.85 10.57 4.97
CA THR B 277 1.66 10.51 6.18
C THR B 277 2.10 11.83 6.79
N LYS B 278 2.48 12.79 5.94
CA LYS B 278 2.91 14.08 6.44
C LYS B 278 1.74 15.06 6.49
N GLY B 279 0.92 15.08 5.45
CA GLY B 279 -0.21 15.99 5.45
C GLY B 279 -1.34 15.52 6.34
N LYS B 280 -1.36 14.22 6.65
CA LYS B 280 -2.42 13.62 7.49
C LYS B 280 -3.81 13.86 6.91
N VAL B 281 -3.90 14.12 5.61
CA VAL B 281 -5.21 14.43 5.02
C VAL B 281 -6.25 13.31 5.01
N HIS B 282 -7.52 13.70 5.03
CA HIS B 282 -8.61 12.73 5.05
C HIS B 282 -8.90 12.18 3.66
N LEU B 283 -8.61 12.99 2.65
CA LEU B 283 -8.96 12.64 1.27
C LEU B 283 -7.96 13.16 0.23
N LEU B 284 -7.63 12.30 -0.75
CA LEU B 284 -6.71 12.63 -1.82
C LEU B 284 -7.49 12.97 -3.10
N GLN B 285 -7.02 13.96 -3.84
CA GLN B 285 -7.70 14.37 -5.06
C GLN B 285 -6.87 14.24 -6.33
N SER B 286 -5.90 13.34 -6.31
CA SER B 286 -5.02 13.08 -7.44
C SER B 286 -5.87 12.94 -8.72
N ASP B 287 -5.45 13.63 -9.79
CA ASP B 287 -6.19 13.65 -11.06
C ASP B 287 -5.84 12.55 -12.07
N TYR B 288 -6.88 11.97 -12.67
CA TYR B 288 -6.74 10.92 -13.69
C TYR B 288 -5.71 11.27 -14.76
N ASN B 289 -5.86 12.47 -15.31
CA ASN B 289 -4.99 12.92 -16.38
C ASN B 289 -3.76 13.70 -15.95
N ARG B 290 -3.34 13.52 -14.69
CA ARG B 290 -2.17 14.20 -14.15
C ARG B 290 -1.18 13.31 -13.39
N CYS B 291 -1.72 12.57 -12.42
CA CYS B 291 -0.92 11.74 -11.52
C CYS B 291 -0.36 10.41 -12.00
N GLY B 292 -0.83 9.90 -13.13
CA GLY B 292 -0.35 8.64 -13.63
C GLY B 292 -1.45 7.74 -14.14
N GLY B 293 -2.62 8.34 -14.41
CA GLY B 293 -3.74 7.58 -14.93
C GLY B 293 -4.44 6.64 -13.97
N LEU B 294 -5.26 5.75 -14.53
CA LEU B 294 -6.02 4.79 -13.75
C LEU B 294 -5.11 3.80 -13.01
N THR B 295 -4.01 3.42 -13.64
CA THR B 295 -3.09 2.49 -13.02
C THR B 295 -2.50 3.08 -11.73
N GLU B 296 -2.08 4.35 -11.77
CA GLU B 296 -1.50 4.94 -10.56
C GLU B 296 -2.60 5.25 -9.55
N LEU B 297 -3.80 5.57 -10.02
CA LEU B 297 -4.90 5.85 -9.10
C LEU B 297 -5.31 4.56 -8.37
N ARG B 298 -5.08 3.40 -8.99
CA ARG B 298 -5.41 2.14 -8.32
C ARG B 298 -4.45 1.92 -7.16
N ARG B 299 -3.16 2.13 -7.40
CA ARG B 299 -2.18 1.95 -6.33
C ARG B 299 -2.40 2.99 -5.24
N ILE B 300 -2.68 4.22 -5.65
CA ILE B 300 -2.91 5.29 -4.69
C ILE B 300 -4.12 4.96 -3.81
N THR B 301 -5.19 4.47 -4.42
CA THR B 301 -6.40 4.16 -3.69
C THR B 301 -6.27 2.98 -2.73
N GLU B 302 -5.58 1.92 -3.13
CA GLU B 302 -5.44 0.80 -2.23
C GLU B 302 -4.55 1.22 -1.06
N MSE B 303 -3.57 2.08 -1.33
CA MSE B 303 -2.71 2.56 -0.24
C MSE B 303 -3.56 3.45 0.67
O MSE B 303 -3.48 3.37 1.91
CB MSE B 303 -1.53 3.38 -0.79
CG MSE B 303 -0.86 4.25 0.28
SE MSE B 303 0.73 5.19 -0.35
CE MSE B 303 -0.15 6.46 -1.52
N ALA B 304 -4.39 4.30 0.06
CA ALA B 304 -5.26 5.21 0.82
C ALA B 304 -6.21 4.45 1.74
N THR B 305 -6.84 3.41 1.21
CA THR B 305 -7.78 2.63 1.99
C THR B 305 -7.15 2.06 3.28
N ALA B 306 -5.97 1.46 3.15
CA ALA B 306 -5.29 0.89 4.33
C ALA B 306 -4.97 1.98 5.36
N ASN B 307 -4.91 3.22 4.92
CA ASN B 307 -4.62 4.34 5.79
C ASN B 307 -5.83 5.18 6.17
N ASN B 308 -7.02 4.65 5.89
CA ASN B 308 -8.27 5.33 6.22
C ASN B 308 -8.40 6.69 5.54
N VAL B 309 -7.97 6.75 4.29
CA VAL B 309 -8.02 7.96 3.51
C VAL B 309 -8.89 7.73 2.26
N GLN B 310 -9.84 8.62 2.02
CA GLN B 310 -10.71 8.50 0.86
C GLN B 310 -10.04 9.11 -0.36
N VAL B 311 -10.45 8.64 -1.54
CA VAL B 311 -9.91 9.18 -2.79
C VAL B 311 -11.07 9.59 -3.71
N MSE B 312 -11.05 10.85 -4.12
CA MSE B 312 -12.06 11.40 -5.03
C MSE B 312 -11.21 12.17 -6.04
O MSE B 312 -10.97 13.36 -5.90
CB MSE B 312 -13.01 12.36 -4.31
CG MSE B 312 -14.03 11.66 -3.44
SE MSE B 312 -15.40 12.83 -2.71
CE MSE B 312 -15.96 11.69 -1.26
N PRO B 313 -10.74 11.47 -7.08
CA PRO B 313 -9.91 12.07 -8.12
C PRO B 313 -10.44 13.39 -8.66
N HIS B 314 -9.57 14.37 -8.73
CA HIS B 314 -9.93 15.68 -9.28
C HIS B 314 -10.37 15.41 -10.71
N ASN B 315 -11.38 16.12 -11.17
CA ASN B 315 -11.88 15.89 -12.52
C ASN B 315 -12.65 17.06 -13.11
N TRP B 316 -12.04 17.69 -14.10
CA TRP B 316 -12.66 18.80 -14.82
C TRP B 316 -11.89 18.92 -16.13
N LYS B 317 -12.23 18.04 -17.07
CA LYS B 317 -11.59 18.02 -18.38
C LYS B 317 -12.71 17.80 -19.41
N THR B 318 -12.69 16.68 -20.13
CA THR B 318 -13.74 16.43 -21.11
C THR B 318 -14.43 15.11 -20.81
N GLY B 319 -15.28 14.68 -21.74
CA GLY B 319 -16.00 13.42 -21.57
C GLY B 319 -15.09 12.21 -21.46
N ILE B 320 -13.84 12.36 -21.91
CA ILE B 320 -12.86 11.26 -21.84
C ILE B 320 -12.50 10.94 -20.38
N THR B 321 -12.17 11.96 -19.60
CA THR B 321 -11.84 11.75 -18.19
C THR B 321 -13.10 11.36 -17.43
N SER B 322 -14.22 12.00 -17.74
CA SER B 322 -15.48 11.68 -17.08
C SER B 322 -15.81 10.20 -17.19
N ALA B 323 -15.57 9.62 -18.37
CA ALA B 323 -15.83 8.20 -18.58
C ALA B 323 -14.86 7.37 -17.74
N ALA B 324 -13.61 7.80 -17.68
CA ALA B 324 -12.63 7.09 -16.88
C ALA B 324 -13.04 7.17 -15.41
N ALA B 325 -13.61 8.31 -15.02
CA ALA B 325 -14.04 8.53 -13.64
C ALA B 325 -15.13 7.54 -13.23
N ILE B 326 -16.13 7.34 -14.08
CA ILE B 326 -17.18 6.38 -13.76
C ILE B 326 -16.62 4.98 -13.58
N HIS B 327 -15.72 4.56 -14.47
CA HIS B 327 -15.13 3.24 -14.37
C HIS B 327 -14.27 3.09 -13.10
N TYR B 328 -13.53 4.14 -12.77
CA TYR B 328 -12.71 4.14 -11.55
C TYR B 328 -13.61 3.91 -10.34
N GLN B 329 -14.66 4.72 -10.23
CA GLN B 329 -15.55 4.61 -9.08
C GLN B 329 -16.15 3.22 -8.91
N PHE B 330 -16.48 2.55 -10.01
CA PHE B 330 -17.05 1.21 -9.92
C PHE B 330 -16.07 0.14 -9.42
N ALA B 331 -14.85 0.15 -9.93
CA ALA B 331 -13.89 -0.88 -9.52
C ALA B 331 -12.81 -0.50 -8.50
N VAL B 332 -12.50 0.78 -8.37
CA VAL B 332 -11.41 1.21 -7.48
C VAL B 332 -11.80 2.16 -6.35
N GLY B 333 -12.74 3.06 -6.62
CA GLY B 333 -13.16 4.03 -5.64
C GLY B 333 -13.45 3.47 -4.26
N ASN B 334 -13.12 4.22 -3.22
CA ASN B 334 -13.33 3.78 -1.86
C ASN B 334 -14.16 4.81 -1.08
N ALA B 335 -14.68 5.81 -1.80
CA ALA B 335 -15.46 6.87 -1.18
C ALA B 335 -16.91 6.90 -1.71
N PRO B 336 -17.83 7.57 -0.98
CA PRO B 336 -19.25 7.72 -1.31
C PRO B 336 -19.52 8.39 -2.66
N TYR B 337 -18.66 9.34 -3.01
CA TYR B 337 -18.80 10.08 -4.25
C TYR B 337 -17.46 10.20 -4.94
N PHE B 338 -17.49 10.80 -6.12
CA PHE B 338 -16.30 11.03 -6.94
C PHE B 338 -16.59 12.29 -7.76
N GLU B 339 -15.58 13.07 -8.07
CA GLU B 339 -15.81 14.30 -8.82
C GLU B 339 -16.22 14.02 -10.26
N TYR B 340 -17.24 14.73 -10.70
CA TYR B 340 -17.77 14.58 -12.05
C TYR B 340 -18.28 15.93 -12.52
N VAL B 341 -18.15 16.20 -13.82
CA VAL B 341 -18.63 17.46 -14.38
C VAL B 341 -19.71 17.05 -15.38
N HIS B 342 -20.94 17.45 -15.11
CA HIS B 342 -22.07 17.11 -15.97
C HIS B 342 -22.48 18.27 -16.86
N PRO B 343 -22.72 17.99 -18.16
CA PRO B 343 -23.12 18.99 -19.16
C PRO B 343 -24.31 19.87 -18.77
N GLU B 344 -25.25 19.33 -17.99
CA GLU B 344 -26.41 20.11 -17.59
C GLU B 344 -26.12 20.99 -16.39
N PHE B 345 -24.91 20.87 -15.84
CA PHE B 345 -24.52 21.64 -14.66
C PHE B 345 -23.15 22.28 -14.86
N CYS B 346 -22.81 22.58 -16.11
CA CYS B 346 -21.53 23.17 -16.44
C CYS B 346 -21.44 23.62 -17.88
N ASP B 347 -21.01 24.86 -18.08
CA ASP B 347 -20.85 25.39 -19.42
C ASP B 347 -19.49 24.94 -19.93
N GLY B 348 -19.40 24.72 -21.24
CA GLY B 348 -18.15 24.26 -21.82
C GLY B 348 -18.44 23.30 -22.95
N GLU B 349 -18.17 23.73 -24.18
CA GLU B 349 -18.42 22.91 -25.35
C GLU B 349 -17.61 21.62 -25.42
N LEU B 350 -16.32 21.68 -25.08
CA LEU B 350 -15.49 20.48 -25.13
C LEU B 350 -16.09 19.39 -24.28
N ARG B 351 -16.36 19.74 -23.03
CA ARG B 351 -16.96 18.80 -22.09
C ARG B 351 -18.27 18.30 -22.68
N LYS B 352 -19.00 19.20 -23.33
CA LYS B 352 -20.29 18.85 -23.89
C LYS B 352 -20.28 18.02 -25.17
N TYR B 353 -19.47 18.39 -26.15
CA TYR B 353 -19.49 17.68 -27.43
C TYR B 353 -18.27 16.90 -27.92
N LEU B 354 -17.12 17.04 -27.27
CA LEU B 354 -15.94 16.33 -27.75
C LEU B 354 -16.13 14.83 -27.94
N VAL B 355 -16.75 14.16 -26.98
CA VAL B 355 -16.96 12.73 -27.14
C VAL B 355 -18.39 12.30 -26.92
N THR B 356 -18.73 11.10 -27.42
CA THR B 356 -20.06 10.55 -27.30
C THR B 356 -19.91 9.05 -27.08
N PRO B 357 -20.92 8.42 -26.43
CA PRO B 357 -22.15 9.03 -25.93
C PRO B 357 -21.94 9.56 -24.51
N GLU B 358 -22.94 10.27 -24.00
CA GLU B 358 -22.87 10.83 -22.66
C GLU B 358 -23.53 9.87 -21.68
N ALA B 359 -22.84 9.56 -20.58
CA ALA B 359 -23.39 8.65 -19.59
C ALA B 359 -24.70 9.25 -19.09
N GLU B 360 -25.69 8.40 -18.84
CA GLU B 360 -26.97 8.90 -18.37
C GLU B 360 -27.13 8.92 -16.87
N LEU B 361 -27.21 10.13 -16.33
CA LEU B 361 -27.37 10.33 -14.89
C LEU B 361 -28.83 10.14 -14.53
N VAL B 362 -29.12 9.08 -13.79
CA VAL B 362 -30.49 8.80 -13.37
C VAL B 362 -30.62 8.88 -11.86
N ASP B 363 -31.34 9.89 -11.41
CA ASP B 363 -31.57 10.10 -9.99
C ASP B 363 -30.26 10.23 -9.22
N GLY B 364 -29.38 11.09 -9.72
CA GLY B 364 -28.09 11.32 -9.07
C GLY B 364 -27.07 10.20 -9.17
N GLY B 365 -27.30 9.21 -10.03
CA GLY B 365 -26.35 8.11 -10.14
C GLY B 365 -26.17 7.53 -11.53
N PHE B 366 -25.12 6.72 -11.70
CA PHE B 366 -24.81 6.08 -12.98
C PHE B 366 -24.89 4.57 -12.88
N ALA B 367 -25.35 3.94 -13.95
CA ALA B 367 -25.45 2.49 -13.99
C ALA B 367 -24.12 1.95 -14.50
N LYS B 368 -23.90 0.65 -14.32
CA LYS B 368 -22.66 0.03 -14.75
C LYS B 368 -22.45 0.09 -16.26
N PRO B 369 -21.23 0.44 -16.70
CA PRO B 369 -20.93 0.52 -18.14
C PRO B 369 -21.03 -0.86 -18.77
N THR B 370 -21.57 -0.91 -19.99
CA THR B 370 -21.74 -2.18 -20.70
C THR B 370 -20.86 -2.29 -21.95
N ALA B 371 -20.54 -1.14 -22.53
CA ALA B 371 -19.71 -1.10 -23.74
C ALA B 371 -18.25 -1.44 -23.49
N PRO B 372 -17.49 -1.71 -24.55
CA PRO B 372 -16.07 -2.05 -24.47
C PRO B 372 -15.23 -0.84 -24.05
N GLY B 373 -14.11 -1.11 -23.36
CA GLY B 373 -13.23 -0.04 -22.93
C GLY B 373 -13.94 1.05 -22.15
N LEU B 374 -13.56 2.30 -22.43
CA LEU B 374 -14.14 3.45 -21.76
C LEU B 374 -15.51 3.79 -22.34
N GLY B 375 -15.88 3.10 -23.41
CA GLY B 375 -17.17 3.32 -24.04
C GLY B 375 -17.35 4.71 -24.64
N ILE B 376 -16.32 5.24 -25.27
CA ILE B 376 -16.40 6.58 -25.87
C ILE B 376 -15.64 6.70 -27.18
N ASP B 377 -15.98 7.73 -27.94
CA ASP B 377 -15.31 8.02 -29.19
C ASP B 377 -15.50 9.49 -29.52
N LEU B 378 -14.60 10.03 -30.34
CA LEU B 378 -14.65 11.43 -30.70
C LEU B 378 -15.85 11.80 -31.57
N ASN B 379 -16.37 13.01 -31.37
CA ASN B 379 -17.50 13.51 -32.15
C ASN B 379 -16.85 14.15 -33.37
N GLN B 380 -16.53 13.33 -34.36
CA GLN B 380 -15.87 13.78 -35.59
C GLN B 380 -16.49 15.08 -36.11
N GLU B 381 -17.82 15.17 -36.01
CA GLU B 381 -18.53 16.37 -36.45
C GLU B 381 -18.01 17.60 -35.71
N PHE B 382 -18.11 17.57 -34.39
CA PHE B 382 -17.66 18.68 -33.54
C PHE B 382 -16.19 18.98 -33.76
N LEU B 383 -15.38 17.91 -33.81
CA LEU B 383 -13.94 18.04 -34.00
C LEU B 383 -13.68 18.58 -35.40
N ALA B 384 -14.57 18.26 -36.32
CA ALA B 384 -14.45 18.71 -37.70
C ALA B 384 -14.49 20.23 -37.78
N SER B 385 -15.04 20.86 -36.73
CA SER B 385 -15.15 22.31 -36.70
C SER B 385 -14.17 22.95 -35.71
N LEU B 386 -13.36 22.12 -35.06
CA LEU B 386 -12.37 22.57 -34.07
C LEU B 386 -12.90 22.46 -32.64
N LEU C 5 -1.27 -38.56 46.24
CA LEU C 5 -1.94 -37.69 45.24
C LEU C 5 -3.44 -37.98 45.15
N ASN C 6 -4.19 -37.03 44.62
CA ASN C 6 -5.64 -37.17 44.48
C ASN C 6 -5.97 -38.22 43.43
N PRO C 7 -6.77 -39.24 43.80
CA PRO C 7 -7.17 -40.32 42.90
C PRO C 7 -8.13 -39.85 41.82
N ALA C 8 -8.92 -38.83 42.13
CA ALA C 8 -9.89 -38.30 41.18
C ALA C 8 -9.24 -37.65 39.95
N VAL C 9 -8.03 -37.15 40.09
CA VAL C 9 -7.34 -36.53 38.96
C VAL C 9 -6.82 -37.61 38.02
N ALA C 10 -7.66 -38.02 37.08
CA ALA C 10 -7.30 -39.08 36.14
C ALA C 10 -7.18 -38.61 34.69
N PRO C 11 -6.29 -39.25 33.92
CA PRO C 11 -6.03 -38.94 32.51
C PRO C 11 -7.30 -38.82 31.67
N ILE C 12 -7.22 -38.01 30.62
CA ILE C 12 -8.33 -37.81 29.70
C ILE C 12 -8.38 -39.07 28.82
N LYS C 13 -9.57 -39.63 28.63
CA LYS C 13 -9.70 -40.84 27.84
C LYS C 13 -10.22 -40.56 26.44
N SER C 14 -11.16 -39.63 26.32
CA SER C 14 -11.71 -39.31 25.01
C SER C 14 -12.27 -37.89 24.92
N ILE C 15 -12.30 -37.38 23.70
CA ILE C 15 -12.83 -36.05 23.45
C ILE C 15 -13.84 -36.21 22.32
N GLU C 16 -15.07 -35.81 22.58
CA GLU C 16 -16.11 -35.94 21.57
C GLU C 16 -16.70 -34.60 21.18
N PHE C 17 -16.81 -34.37 19.88
CA PHE C 17 -17.40 -33.15 19.35
C PHE C 17 -18.78 -33.57 18.90
N ILE C 18 -19.80 -32.96 19.50
CA ILE C 18 -21.17 -33.32 19.20
C ILE C 18 -22.02 -32.18 18.65
N PRO C 19 -22.23 -32.16 17.32
CA PRO C 19 -23.03 -31.12 16.70
C PRO C 19 -24.43 -31.18 17.28
N VAL C 20 -25.11 -30.04 17.32
CA VAL C 20 -26.47 -29.97 17.85
C VAL C 20 -27.22 -28.91 17.07
N ASN C 21 -28.17 -29.34 16.24
CA ASN C 21 -28.96 -28.43 15.42
C ASN C 21 -30.43 -28.42 15.85
N TYR C 22 -31.08 -27.27 15.71
CA TYR C 22 -32.49 -27.14 16.07
C TYR C 22 -33.30 -26.52 14.94
N GLN C 23 -34.48 -27.06 14.70
CA GLN C 23 -35.37 -26.54 13.65
C GLN C 23 -36.55 -25.78 14.27
N SER C 28 -31.44 -21.45 11.39
CA SER C 28 -31.44 -22.52 12.38
C SER C 28 -30.48 -22.21 13.52
N GLN C 29 -30.70 -22.86 14.66
CA GLN C 29 -29.87 -22.69 15.85
C GLN C 29 -28.96 -23.89 15.98
N ASN C 30 -27.68 -23.66 16.24
CA ASN C 30 -26.76 -24.78 16.39
C ASN C 30 -25.54 -24.49 17.24
N THR C 31 -24.84 -25.55 17.59
CA THR C 31 -23.63 -25.45 18.38
C THR C 31 -22.92 -26.78 18.29
N VAL C 32 -21.75 -26.85 18.89
CA VAL C 32 -20.98 -28.08 18.90
C VAL C 32 -20.56 -28.30 20.35
N VAL C 33 -21.13 -29.32 20.97
CA VAL C 33 -20.80 -29.61 22.34
C VAL C 33 -19.49 -30.37 22.35
N VAL C 34 -18.61 -30.06 23.30
CA VAL C 34 -17.36 -30.76 23.40
C VAL C 34 -17.38 -31.51 24.71
N LYS C 35 -17.37 -32.83 24.62
CA LYS C 35 -17.40 -33.66 25.81
C LYS C 35 -16.05 -34.33 26.04
N VAL C 36 -15.45 -34.02 27.18
CA VAL C 36 -14.16 -34.58 27.53
C VAL C 36 -14.37 -35.54 28.70
N THR C 37 -14.11 -36.82 28.47
CA THR C 37 -14.31 -37.83 29.49
C THR C 37 -12.98 -38.38 29.99
N ASP C 38 -12.86 -38.57 31.31
CA ASP C 38 -11.63 -39.12 31.86
C ASP C 38 -11.73 -40.65 31.94
N GLU C 39 -10.75 -41.27 32.58
CA GLU C 39 -10.71 -42.72 32.67
C GLU C 39 -11.62 -43.34 33.72
N ASN C 40 -12.36 -42.50 34.44
CA ASN C 40 -13.29 -42.97 35.45
C ASN C 40 -14.70 -42.61 35.00
N GLY C 41 -14.82 -42.14 33.77
CA GLY C 41 -16.12 -41.78 33.23
C GLY C 41 -16.60 -40.38 33.53
N VAL C 42 -15.87 -39.64 34.37
CA VAL C 42 -16.26 -38.26 34.67
C VAL C 42 -16.00 -37.40 33.45
N TYR C 43 -16.93 -36.52 33.10
CA TYR C 43 -16.76 -35.68 31.92
C TYR C 43 -16.98 -34.19 32.15
N GLY C 44 -16.50 -33.39 31.21
CA GLY C 44 -16.65 -31.95 31.27
C GLY C 44 -17.23 -31.49 29.96
N LEU C 45 -18.04 -30.43 29.98
CA LEU C 45 -18.66 -29.94 28.77
C LEU C 45 -18.24 -28.52 28.41
N GLY C 46 -18.07 -28.29 27.12
CA GLY C 46 -17.71 -26.98 26.62
C GLY C 46 -18.40 -26.91 25.27
N GLU C 47 -18.20 -25.84 24.52
CA GLU C 47 -18.79 -25.76 23.20
C GLU C 47 -17.94 -24.89 22.29
N ALA C 48 -17.96 -25.21 21.00
CA ALA C 48 -17.19 -24.48 20.01
C ALA C 48 -18.11 -23.77 19.02
N ASP C 49 -17.67 -22.62 18.55
CA ASP C 49 -18.44 -21.83 17.59
C ASP C 49 -18.11 -22.35 16.18
N GLY C 50 -18.79 -21.81 15.17
CA GLY C 50 -18.55 -22.22 13.79
C GLY C 50 -19.46 -23.30 13.25
N SER C 51 -19.50 -23.43 11.92
CA SER C 51 -20.33 -24.44 11.26
C SER C 51 -20.11 -25.78 11.92
N PRO C 52 -21.16 -26.33 12.56
CA PRO C 52 -21.06 -27.62 13.25
C PRO C 52 -20.36 -28.71 12.43
N ASP C 53 -20.73 -28.83 11.15
CA ASP C 53 -20.13 -29.84 10.31
C ASP C 53 -18.68 -29.55 9.95
N ALA C 54 -18.33 -28.26 9.86
CA ALA C 54 -16.96 -27.87 9.55
C ALA C 54 -16.09 -28.23 10.76
N ILE C 55 -16.60 -27.92 11.96
CA ILE C 55 -15.88 -28.21 13.20
C ILE C 55 -15.70 -29.70 13.40
N LEU C 56 -16.78 -30.45 13.21
CA LEU C 56 -16.73 -31.90 13.38
C LEU C 56 -15.60 -32.46 12.51
N ALA C 57 -15.57 -32.06 11.24
CA ALA C 57 -14.54 -32.50 10.30
C ALA C 57 -13.14 -32.13 10.78
N TYR C 58 -12.98 -30.89 11.25
CA TYR C 58 -11.67 -30.44 11.72
C TYR C 58 -11.25 -31.31 12.90
N ALA C 59 -12.19 -31.60 13.78
CA ALA C 59 -11.91 -32.41 14.95
C ALA C 59 -11.57 -33.85 14.61
N ASN C 60 -11.88 -34.28 13.40
CA ASN C 60 -11.58 -35.65 12.99
C ASN C 60 -10.48 -35.83 11.96
N ILE C 61 -9.71 -34.78 11.69
CA ILE C 61 -8.63 -34.91 10.71
C ILE C 61 -7.57 -35.88 11.23
N GLU C 62 -6.74 -36.37 10.31
CA GLU C 62 -5.66 -37.28 10.68
C GLU C 62 -4.38 -36.47 10.77
N THR C 63 -3.52 -36.84 11.73
CA THR C 63 -2.24 -36.17 11.94
C THR C 63 -1.37 -36.37 10.71
N GLU C 64 -0.60 -35.35 10.33
CA GLU C 64 0.27 -35.43 9.16
C GLU C 64 1.72 -35.07 9.46
N HIS C 65 1.93 -34.17 10.42
CA HIS C 65 3.28 -33.75 10.80
C HIS C 65 3.26 -32.85 12.03
N LYS C 66 4.44 -32.58 12.58
CA LYS C 66 4.61 -31.75 13.78
C LYS C 66 3.61 -30.61 13.96
N TRP C 67 3.28 -29.91 12.87
CA TRP C 67 2.36 -28.78 12.95
C TRP C 67 0.95 -29.04 12.45
N LEU C 68 0.70 -30.25 11.96
CA LEU C 68 -0.62 -30.60 11.44
C LEU C 68 -1.10 -31.85 12.17
N THR C 69 -1.48 -31.66 13.42
CA THR C 69 -1.95 -32.72 14.31
C THR C 69 -3.45 -32.62 14.58
N ASN C 70 -4.09 -33.75 14.88
CA ASN C 70 -5.51 -33.75 15.21
C ASN C 70 -5.55 -33.02 16.55
N ILE C 71 -6.44 -32.06 16.67
CA ILE C 71 -6.52 -31.25 17.89
C ILE C 71 -6.73 -32.02 19.21
N THR C 72 -7.49 -33.11 19.19
CA THR C 72 -7.73 -33.87 20.41
C THR C 72 -6.56 -34.73 20.84
N GLU C 73 -5.64 -35.00 19.92
CA GLU C 73 -4.51 -35.87 20.19
C GLU C 73 -3.57 -35.49 21.33
N LYS C 74 -3.19 -34.21 21.42
CA LYS C 74 -2.28 -33.79 22.47
C LYS C 74 -2.91 -33.65 23.86
N ALA C 75 -4.22 -33.84 23.95
CA ALA C 75 -4.93 -33.74 25.22
C ALA C 75 -5.24 -35.11 25.83
N ILE C 76 -5.48 -36.10 24.97
CA ILE C 76 -5.78 -37.46 25.41
C ILE C 76 -4.60 -38.00 26.23
N GLY C 77 -4.91 -38.57 27.38
CA GLY C 77 -3.87 -39.12 28.24
C GLY C 77 -3.29 -38.11 29.22
N ARG C 78 -3.67 -36.84 29.07
CA ARG C 78 -3.17 -35.80 29.97
C ARG C 78 -4.11 -35.64 31.16
N LEU C 79 -3.58 -35.15 32.28
CA LEU C 79 -4.39 -34.90 33.45
C LEU C 79 -5.07 -33.55 33.17
N PRO C 80 -6.40 -33.54 33.12
CA PRO C 80 -7.14 -32.30 32.85
C PRO C 80 -6.90 -31.11 33.79
N ILE C 81 -6.17 -31.31 34.86
CA ILE C 81 -5.88 -30.22 35.78
C ILE C 81 -4.80 -29.31 35.18
N GLU C 82 -3.99 -29.87 34.28
CA GLU C 82 -2.92 -29.13 33.63
C GLU C 82 -3.44 -28.40 32.40
N ILE C 83 -4.50 -27.64 32.58
CA ILE C 83 -5.14 -26.90 31.49
C ILE C 83 -4.22 -26.01 30.65
N ASN C 84 -3.36 -25.24 31.30
CA ASN C 84 -2.47 -24.33 30.60
C ASN C 84 -1.46 -25.07 29.72
N ALA C 85 -0.90 -26.15 30.26
CA ALA C 85 0.06 -26.94 29.51
C ALA C 85 -0.62 -27.62 28.32
N ILE C 86 -1.82 -28.14 28.54
CA ILE C 86 -2.57 -28.81 27.48
C ILE C 86 -2.94 -27.82 26.38
N TRP C 87 -3.20 -26.58 26.76
CA TRP C 87 -3.55 -25.54 25.82
C TRP C 87 -2.34 -25.33 24.92
N ASP C 88 -1.16 -25.20 25.54
CA ASP C 88 0.07 -25.00 24.78
C ASP C 88 0.38 -26.19 23.89
N ALA C 89 0.16 -27.41 24.40
CA ALA C 89 0.43 -28.61 23.62
C ALA C 89 -0.47 -28.66 22.40
N MSE C 90 -1.76 -28.40 22.58
CA MSE C 90 -2.69 -28.43 21.48
C MSE C 90 -2.36 -27.36 20.44
O MSE C 90 -2.33 -27.62 19.23
CB MSE C 90 -4.13 -28.21 21.98
CG MSE C 90 -4.71 -29.35 22.82
SE MSE C 90 -6.63 -29.13 23.01
CE MSE C 90 -6.64 -27.63 24.23
N TYR C 91 -2.11 -26.15 20.93
CA TYR C 91 -1.80 -25.04 20.04
C TYR C 91 -0.55 -25.30 19.21
N ASP C 92 0.53 -25.73 19.85
CA ASP C 92 1.79 -25.99 19.16
C ASP C 92 1.74 -27.03 18.06
N ALA C 93 0.95 -28.09 18.27
CA ALA C 93 0.85 -29.18 17.30
C ALA C 93 -0.13 -28.98 16.16
N THR C 94 -0.87 -27.87 16.21
CA THR C 94 -1.87 -27.55 15.20
C THR C 94 -1.61 -26.20 14.51
N GLN C 95 -0.39 -25.68 14.63
CA GLN C 95 -0.05 -24.40 14.04
C GLN C 95 -0.29 -24.26 12.54
N TRP C 96 -0.14 -25.35 11.80
CA TRP C 96 -0.32 -25.29 10.36
C TRP C 96 -1.69 -24.79 9.92
N GLN C 97 -2.73 -25.06 10.70
CA GLN C 97 -4.07 -24.62 10.33
C GLN C 97 -4.99 -24.26 11.50
N GLY C 98 -4.44 -24.08 12.69
CA GLY C 98 -5.26 -23.75 13.84
C GLY C 98 -4.78 -22.55 14.68
N MSE C 99 -3.82 -21.79 14.17
CA MSE C 99 -3.34 -20.65 14.95
C MSE C 99 -4.40 -19.54 15.06
O MSE C 99 -4.41 -18.78 16.03
CB MSE C 99 -2.07 -20.06 14.32
CG MSE C 99 -0.86 -20.93 14.45
SE MSE C 99 0.73 -19.92 14.05
CE MSE C 99 0.57 -19.88 12.11
N ARG C 100 -5.27 -19.48 14.06
CA ARG C 100 -6.34 -18.47 14.01
C ARG C 100 -7.55 -19.05 13.29
N GLY C 101 -8.65 -18.32 13.27
CA GLY C 101 -9.84 -18.80 12.57
C GLY C 101 -10.54 -20.02 13.14
N LEU C 102 -11.15 -20.79 12.25
CA LEU C 102 -11.92 -21.97 12.61
C LEU C 102 -11.23 -22.92 13.59
N GLY C 103 -9.96 -23.22 13.35
CA GLY C 103 -9.23 -24.11 14.23
C GLY C 103 -9.25 -23.69 15.69
N MSE C 104 -9.18 -22.39 15.95
CA MSE C 104 -9.19 -21.91 17.33
C MSE C 104 -10.55 -22.14 17.97
O MSE C 104 -10.65 -22.26 19.19
CB MSE C 104 -8.82 -20.42 17.37
CG MSE C 104 -7.32 -20.14 17.18
SE MSE C 104 -6.20 -21.09 18.45
CE MSE C 104 -6.95 -20.38 20.10
N PHE C 105 -11.60 -22.20 17.16
CA PHE C 105 -12.95 -22.43 17.71
C PHE C 105 -12.99 -23.80 18.40
N ALA C 106 -12.37 -24.79 17.75
CA ALA C 106 -12.32 -26.16 18.27
C ALA C 106 -11.50 -26.23 19.54
N LEU C 107 -10.34 -25.57 19.54
CA LEU C 107 -9.49 -25.57 20.70
C LEU C 107 -10.22 -24.93 21.89
N SER C 108 -10.96 -23.86 21.62
CA SER C 108 -11.72 -23.16 22.65
C SER C 108 -12.67 -24.15 23.35
N GLY C 109 -13.43 -24.88 22.55
CA GLY C 109 -14.37 -25.86 23.10
C GLY C 109 -13.75 -26.81 24.10
N ILE C 110 -12.60 -27.37 23.74
CA ILE C 110 -11.92 -28.30 24.64
C ILE C 110 -11.42 -27.60 25.89
N ASP C 111 -10.85 -26.41 25.72
CA ASP C 111 -10.36 -25.67 26.87
C ASP C 111 -11.49 -25.48 27.88
N MSE C 112 -12.63 -25.03 27.39
CA MSE C 112 -13.80 -24.80 28.23
C MSE C 112 -14.14 -26.07 29.01
O MSE C 112 -14.26 -26.04 30.25
CB MSE C 112 -14.99 -24.39 27.36
CG MSE C 112 -16.17 -23.84 28.13
SE MSE C 112 -17.50 -23.09 26.94
CE MSE C 112 -16.30 -22.28 25.66
N ALA C 113 -14.27 -27.18 28.30
CA ALA C 113 -14.59 -28.47 28.91
C ALA C 113 -13.60 -28.90 29.98
N LEU C 114 -12.33 -28.54 29.82
CA LEU C 114 -11.33 -28.91 30.81
C LEU C 114 -11.56 -28.28 32.17
N TYR C 115 -12.14 -27.08 32.18
CA TYR C 115 -12.42 -26.40 33.44
C TYR C 115 -13.58 -27.12 34.11
N ASP C 116 -14.53 -27.61 33.31
CA ASP C 116 -15.67 -28.31 33.88
C ASP C 116 -15.18 -29.66 34.42
N LEU C 117 -14.43 -30.39 33.59
CA LEU C 117 -13.89 -31.68 33.99
C LEU C 117 -12.96 -31.59 35.19
N ALA C 118 -11.97 -30.69 35.11
CA ALA C 118 -11.02 -30.52 36.20
C ALA C 118 -11.76 -30.13 37.47
N GLY C 119 -12.77 -29.28 37.33
CA GLY C 119 -13.54 -28.83 38.46
C GLY C 119 -14.24 -30.02 39.13
N LYS C 120 -14.78 -30.91 38.31
CA LYS C 120 -15.47 -32.08 38.84
C LYS C 120 -14.49 -33.00 39.55
N GLN C 121 -13.35 -33.29 38.91
CA GLN C 121 -12.36 -34.15 39.53
C GLN C 121 -11.92 -33.63 40.89
N LEU C 122 -11.67 -32.33 40.98
CA LEU C 122 -11.21 -31.71 42.21
C LEU C 122 -12.33 -31.34 43.18
N GLY C 123 -13.56 -31.30 42.68
CA GLY C 123 -14.70 -30.97 43.53
C GLY C 123 -14.85 -29.49 43.86
N VAL C 124 -14.47 -28.63 42.92
CA VAL C 124 -14.59 -27.19 43.15
C VAL C 124 -15.14 -26.51 41.91
N PRO C 125 -15.85 -25.39 42.08
CA PRO C 125 -16.42 -24.65 40.95
C PRO C 125 -15.30 -24.15 40.04
N ALA C 126 -15.61 -24.00 38.76
CA ALA C 126 -14.61 -23.56 37.79
C ALA C 126 -13.89 -22.25 38.14
N TYR C 127 -14.62 -21.26 38.64
CA TYR C 127 -13.99 -19.99 38.97
C TYR C 127 -12.88 -20.12 40.01
N GLN C 128 -12.91 -21.20 40.79
CA GLN C 128 -11.87 -21.40 41.80
C GLN C 128 -10.59 -21.94 41.15
N LEU C 129 -10.71 -22.44 39.93
CA LEU C 129 -9.55 -22.92 39.22
C LEU C 129 -8.94 -21.74 38.45
N LEU C 130 -9.72 -20.67 38.33
CA LEU C 130 -9.29 -19.45 37.63
C LEU C 130 -8.79 -18.35 38.58
N GLY C 131 -8.50 -18.73 39.82
CA GLY C 131 -8.01 -17.76 40.79
C GLY C 131 -8.91 -17.45 41.98
N GLY C 132 -10.18 -17.86 41.91
CA GLY C 132 -11.11 -17.56 42.99
C GLY C 132 -11.74 -16.18 42.79
N THR C 133 -12.44 -15.66 43.80
CA THR C 133 -13.08 -14.35 43.67
C THR C 133 -13.22 -13.58 44.98
N ASN C 134 -13.39 -12.27 44.88
CA ASN C 134 -13.59 -11.41 46.04
C ASN C 134 -14.95 -10.71 45.85
N LYS C 135 -15.63 -11.04 44.75
CA LYS C 135 -16.94 -10.46 44.46
C LYS C 135 -18.03 -11.33 45.06
N ASP C 136 -19.14 -10.72 45.50
CA ASP C 136 -20.22 -11.50 46.07
C ASP C 136 -21.23 -11.83 44.96
N LYS C 137 -21.32 -10.95 43.96
CA LYS C 137 -22.22 -11.17 42.84
C LYS C 137 -21.66 -10.54 41.57
N VAL C 138 -22.15 -10.97 40.42
CA VAL C 138 -21.72 -10.39 39.16
C VAL C 138 -22.98 -9.95 38.42
N HIS C 139 -22.89 -8.85 37.70
CA HIS C 139 -24.03 -8.32 36.97
C HIS C 139 -23.76 -8.27 35.47
N PRO C 140 -24.50 -9.06 34.70
CA PRO C 140 -24.28 -9.06 33.26
C PRO C 140 -25.08 -7.97 32.58
N TYR C 141 -24.77 -7.73 31.30
CA TYR C 141 -25.55 -6.77 30.53
C TYR C 141 -26.23 -7.74 29.60
N LEU C 142 -27.50 -7.47 29.28
CA LEU C 142 -28.23 -8.38 28.41
C LEU C 142 -28.43 -7.84 27.01
N THR C 143 -28.14 -8.69 26.02
CA THR C 143 -28.32 -8.31 24.64
C THR C 143 -29.77 -8.55 24.24
N LEU C 144 -30.42 -7.49 23.78
CA LEU C 144 -31.82 -7.58 23.38
C LEU C 144 -32.00 -7.32 21.90
N TYR C 145 -32.87 -8.11 21.28
CA TYR C 145 -33.19 -7.96 19.87
C TYR C 145 -34.59 -8.51 19.65
N PRO C 146 -35.56 -7.64 19.32
CA PRO C 146 -36.95 -8.03 19.09
C PRO C 146 -37.19 -8.75 17.78
N ALA C 147 -38.26 -9.54 17.73
CA ALA C 147 -38.61 -10.26 16.52
C ALA C 147 -39.19 -9.26 15.52
N ILE C 148 -38.32 -8.68 14.71
CA ILE C 148 -38.76 -7.70 13.72
C ILE C 148 -38.20 -8.05 12.34
N PRO C 149 -38.91 -7.65 11.27
CA PRO C 149 -38.48 -7.93 9.89
C PRO C 149 -37.02 -7.55 9.62
N ASP C 151 -34.33 -5.84 7.96
CA ASP C 151 -34.58 -4.53 7.34
C ASP C 151 -35.96 -4.03 7.71
N ALA C 152 -36.06 -3.35 8.85
CA ALA C 152 -37.32 -2.79 9.31
C ALA C 152 -37.25 -1.28 9.27
N SER C 153 -38.38 -0.63 9.53
CA SER C 153 -38.45 0.83 9.54
C SER C 153 -38.17 1.31 10.95
N LEU C 154 -37.95 2.61 11.10
CA LEU C 154 -37.67 3.17 12.41
C LEU C 154 -38.78 2.87 13.41
N ASP C 155 -40.03 3.13 13.04
CA ASP C 155 -41.15 2.88 13.95
C ASP C 155 -41.25 1.43 14.37
N VAL C 156 -41.23 0.52 13.39
CA VAL C 156 -41.32 -0.90 13.68
C VAL C 156 -40.25 -1.34 14.68
N ALA C 157 -38.99 -1.07 14.36
CA ALA C 157 -37.87 -1.43 15.23
C ALA C 157 -38.07 -0.93 16.66
N ILE C 158 -38.40 0.36 16.79
CA ILE C 158 -38.60 0.97 18.10
C ILE C 158 -39.77 0.33 18.84
N LYS C 159 -40.88 0.11 18.15
CA LYS C 159 -42.04 -0.52 18.78
C LYS C 159 -41.64 -1.93 19.21
N GLY C 160 -40.77 -2.55 18.42
CA GLY C 160 -40.32 -3.89 18.76
C GLY C 160 -39.45 -3.93 19.99
N TYR C 161 -38.58 -2.95 20.13
CA TYR C 161 -37.67 -2.87 21.28
C TYR C 161 -38.35 -2.39 22.55
N ALA C 162 -39.34 -1.52 22.40
CA ALA C 162 -40.07 -0.95 23.53
C ALA C 162 -40.40 -1.93 24.67
N PRO C 163 -41.13 -3.01 24.38
CA PRO C 163 -41.47 -3.96 25.45
C PRO C 163 -40.27 -4.62 26.14
N LEU C 164 -39.23 -4.93 25.36
CA LEU C 164 -38.04 -5.54 25.94
C LEU C 164 -37.35 -4.59 26.92
N LEU C 165 -37.27 -3.31 26.56
CA LEU C 165 -36.65 -2.33 27.43
C LEU C 165 -37.43 -2.21 28.74
N GLU C 166 -38.75 -2.19 28.62
CA GLU C 166 -39.61 -2.09 29.81
C GLU C 166 -39.42 -3.29 30.74
N LYS C 167 -39.41 -4.48 30.17
CA LYS C 167 -39.24 -5.70 30.96
C LYS C 167 -37.87 -5.76 31.63
N ALA C 168 -36.86 -5.18 30.97
CA ALA C 168 -35.52 -5.17 31.54
C ALA C 168 -35.54 -4.30 32.80
N LYS C 169 -36.18 -3.15 32.71
CA LYS C 169 -36.29 -2.22 33.83
C LYS C 169 -37.07 -2.86 34.97
N ALA C 170 -38.09 -3.64 34.62
CA ALA C 170 -38.89 -4.32 35.62
C ALA C 170 -38.05 -5.35 36.38
N HIS C 171 -37.20 -6.06 35.64
CA HIS C 171 -36.32 -7.08 36.21
C HIS C 171 -35.06 -6.49 36.84
N ASN C 172 -34.94 -5.17 36.81
CA ASN C 172 -33.77 -4.50 37.36
C ASN C 172 -32.46 -4.91 36.67
N ILE C 173 -32.52 -5.11 35.36
CA ILE C 173 -31.30 -5.47 34.65
C ILE C 173 -30.48 -4.17 34.70
N ARG C 174 -29.20 -4.27 35.02
CA ARG C 174 -28.39 -3.07 35.14
C ARG C 174 -27.83 -2.50 33.85
N ALA C 175 -27.89 -3.29 32.78
CA ALA C 175 -27.38 -2.85 31.48
C ALA C 175 -27.89 -3.76 30.36
N VAL C 176 -28.21 -3.16 29.22
CA VAL C 176 -28.69 -3.91 28.07
C VAL C 176 -28.04 -3.40 26.79
N LYS C 177 -27.91 -4.28 25.81
CA LYS C 177 -27.34 -3.88 24.53
C LYS C 177 -28.42 -3.98 23.47
N VAL C 178 -28.57 -2.91 22.70
CA VAL C 178 -29.54 -2.87 21.61
C VAL C 178 -28.74 -2.83 20.31
N CYS C 179 -29.32 -3.30 19.22
CA CYS C 179 -28.63 -3.34 17.94
C CYS C 179 -29.33 -2.52 16.87
N VAL C 180 -28.57 -2.09 15.87
CA VAL C 180 -29.11 -1.35 14.75
C VAL C 180 -29.29 -2.40 13.67
N PRO C 181 -30.54 -2.65 13.25
CA PRO C 181 -30.80 -3.65 12.22
C PRO C 181 -29.83 -3.59 11.04
N ILE C 182 -29.18 -4.71 10.76
CA ILE C 182 -28.22 -4.80 9.66
C ILE C 182 -28.78 -4.22 8.38
N LYS C 183 -29.74 -4.93 7.81
CA LYS C 183 -30.36 -4.51 6.56
C LYS C 183 -31.17 -3.23 6.61
N ALA C 184 -31.17 -2.56 7.76
CA ALA C 184 -31.88 -1.30 7.86
C ALA C 184 -31.11 -0.37 6.92
N ASP C 185 -31.80 0.58 6.31
CA ASP C 185 -31.15 1.49 5.38
C ASP C 185 -31.11 2.90 5.94
N TRP C 186 -31.29 3.01 7.26
CA TRP C 186 -31.31 4.30 7.92
C TRP C 186 -30.02 5.09 7.75
N SER C 187 -30.16 6.41 7.63
CA SER C 187 -29.00 7.29 7.48
C SER C 187 -28.42 7.44 8.89
N THR C 188 -27.22 8.02 8.99
CA THR C 188 -26.64 8.18 10.31
C THR C 188 -27.53 9.08 11.17
N LYS C 189 -28.19 10.04 10.54
CA LYS C 189 -29.08 10.92 11.28
C LYS C 189 -30.25 10.11 11.85
N GLU C 190 -30.73 9.16 11.06
CA GLU C 190 -31.84 8.33 11.50
C GLU C 190 -31.38 7.39 12.61
N VAL C 191 -30.11 7.02 12.58
CA VAL C 191 -29.57 6.15 13.61
C VAL C 191 -29.47 6.90 14.94
N ALA C 192 -29.11 8.18 14.87
CA ALA C 192 -29.00 9.00 16.07
C ALA C 192 -30.39 9.16 16.68
N TYR C 193 -31.38 9.36 15.81
CA TYR C 193 -32.77 9.51 16.22
C TYR C 193 -33.19 8.21 16.91
N TYR C 194 -33.00 7.10 16.20
CA TYR C 194 -33.33 5.77 16.70
C TYR C 194 -32.81 5.53 18.11
N LEU C 195 -31.52 5.79 18.31
CA LEU C 195 -30.89 5.60 19.61
C LEU C 195 -31.43 6.57 20.65
N ARG C 196 -31.72 7.79 20.24
CA ARG C 196 -32.27 8.77 21.17
C ARG C 196 -33.62 8.27 21.66
N GLU C 197 -34.39 7.69 20.74
CA GLU C 197 -35.71 7.17 21.06
C GLU C 197 -35.63 5.97 21.99
N LEU C 198 -34.67 5.09 21.76
CA LEU C 198 -34.52 3.92 22.61
C LEU C 198 -34.05 4.33 24.01
N ARG C 199 -33.10 5.27 24.06
CA ARG C 199 -32.60 5.76 25.34
C ARG C 199 -33.73 6.44 26.09
N GLY C 200 -34.60 7.12 25.35
CA GLY C 200 -35.74 7.79 25.98
C GLY C 200 -36.62 6.79 26.72
N ILE C 201 -36.93 5.68 26.05
CA ILE C 201 -37.76 4.63 26.61
C ILE C 201 -37.11 3.98 27.83
N LEU C 202 -35.86 3.56 27.68
CA LEU C 202 -35.14 2.90 28.76
C LEU C 202 -34.86 3.76 29.99
N GLY C 203 -34.51 5.03 29.79
CA GLY C 203 -34.18 5.89 30.90
C GLY C 203 -32.68 5.86 31.14
N HIS C 204 -32.15 6.81 31.92
CA HIS C 204 -30.72 6.88 32.16
C HIS C 204 -30.17 6.08 33.36
N ASP C 205 -31.04 5.40 34.11
CA ASP C 205 -30.57 4.63 35.25
C ASP C 205 -30.06 3.26 34.85
N THR C 206 -30.30 2.88 33.61
CA THR C 206 -29.83 1.60 33.11
C THR C 206 -28.76 1.89 32.07
N ASP C 207 -27.64 1.18 32.14
CA ASP C 207 -26.59 1.40 31.15
C ASP C 207 -27.03 0.83 29.83
N MSE C 208 -26.68 1.53 28.76
CA MSE C 208 -27.07 1.10 27.43
C MSE C 208 -25.88 1.03 26.48
O MSE C 208 -25.17 2.02 26.27
CB MSE C 208 -28.13 2.06 26.86
CG MSE C 208 -28.81 1.55 25.60
SE MSE C 208 -30.24 2.72 24.98
CE MSE C 208 -29.54 3.21 23.25
N MSE C 209 -25.68 -0.15 25.89
CA MSE C 209 -24.61 -0.34 24.93
C MSE C 209 -25.25 -0.50 23.56
O MSE C 209 -26.40 -0.92 23.45
CB MSE C 209 -23.76 -1.59 25.26
CG MSE C 209 -24.34 -2.53 26.31
SE MSE C 209 -24.11 -1.90 28.13
CE MSE C 209 -22.60 -2.95 28.74
N VAL C 210 -24.51 -0.16 22.51
CA VAL C 210 -25.04 -0.28 21.16
C VAL C 210 -24.14 -1.10 20.25
N ASP C 211 -24.78 -1.97 19.46
CA ASP C 211 -24.10 -2.84 18.50
C ASP C 211 -24.55 -2.34 17.14
N TYR C 212 -23.61 -1.79 16.37
CA TYR C 212 -23.96 -1.25 15.05
C TYR C 212 -23.84 -2.30 13.95
N LEU C 213 -23.54 -3.53 14.34
CA LEU C 213 -23.41 -4.66 13.41
C LEU C 213 -22.61 -4.39 12.14
N TYR C 214 -21.45 -3.76 12.30
CA TYR C 214 -20.56 -3.46 11.19
C TYR C 214 -21.19 -2.78 9.99
N ARG C 215 -22.02 -1.76 10.22
CA ARG C 215 -22.68 -1.09 9.10
C ARG C 215 -21.87 0.04 8.47
N PHE C 216 -20.74 0.40 9.08
CA PHE C 216 -19.92 1.50 8.56
C PHE C 216 -18.53 1.13 8.07
N THR C 217 -17.99 1.95 7.17
CA THR C 217 -16.65 1.73 6.65
C THR C 217 -15.81 3.01 6.74
N ASP C 218 -16.44 4.14 7.03
CA ASP C 218 -15.72 5.42 7.12
C ASP C 218 -15.65 5.92 8.57
N TRP C 219 -14.45 5.96 9.15
CA TRP C 219 -14.31 6.42 10.53
C TRP C 219 -14.85 7.83 10.77
N TYR C 220 -14.70 8.71 9.79
CA TYR C 220 -15.18 10.09 9.93
C TYR C 220 -16.70 10.16 10.11
N GLU C 221 -17.42 9.41 9.28
CA GLU C 221 -18.89 9.38 9.36
C GLU C 221 -19.31 8.88 10.74
N VAL C 222 -18.65 7.82 11.22
CA VAL C 222 -18.95 7.25 12.52
C VAL C 222 -18.64 8.22 13.67
N ALA C 223 -17.57 8.99 13.53
CA ALA C 223 -17.21 9.93 14.58
C ALA C 223 -18.27 11.03 14.67
N ARG C 224 -18.76 11.46 13.51
CA ARG C 224 -19.78 12.50 13.48
C ARG C 224 -21.03 11.99 14.21
N LEU C 225 -21.38 10.73 13.97
CA LEU C 225 -22.53 10.14 14.63
C LEU C 225 -22.30 10.07 16.14
N LEU C 226 -21.31 9.31 16.56
CA LEU C 226 -21.00 9.16 17.98
C LEU C 226 -20.88 10.48 18.73
N ASN C 227 -20.20 11.45 18.15
CA ASN C 227 -20.07 12.74 18.83
C ASN C 227 -21.41 13.45 18.99
N SER C 228 -22.36 13.19 18.08
CA SER C 228 -23.67 13.84 18.14
C SER C 228 -24.62 13.27 19.19
N ILE C 229 -24.28 12.10 19.73
CA ILE C 229 -25.13 11.47 20.74
C ILE C 229 -24.40 11.23 22.06
N GLU C 230 -23.45 12.11 22.35
CA GLU C 230 -22.66 12.04 23.56
C GLU C 230 -23.57 12.28 24.77
N ASP C 231 -24.64 13.03 24.57
CA ASP C 231 -25.60 13.32 25.64
C ASP C 231 -26.38 12.06 26.06
N LEU C 232 -26.38 11.02 25.22
CA LEU C 232 -27.09 9.81 25.57
C LEU C 232 -26.31 8.99 26.60
N GLU C 233 -25.03 9.33 26.79
CA GLU C 233 -24.20 8.62 27.76
C GLU C 233 -24.18 7.11 27.57
N LEU C 234 -24.14 6.65 26.32
CA LEU C 234 -24.11 5.22 26.05
C LEU C 234 -22.81 4.63 26.62
N TYR C 235 -22.87 3.37 27.05
CA TYR C 235 -21.70 2.72 27.64
C TYR C 235 -20.59 2.44 26.60
N PHE C 236 -20.98 1.92 25.45
CA PHE C 236 -19.99 1.68 24.39
C PHE C 236 -20.59 1.59 22.99
N ALA C 237 -19.72 1.63 21.99
CA ALA C 237 -20.11 1.53 20.60
C ALA C 237 -19.39 0.31 20.05
N GLU C 238 -20.18 -0.72 19.71
CA GLU C 238 -19.64 -1.97 19.22
C GLU C 238 -19.83 -2.15 17.72
N ALA C 239 -18.89 -2.87 17.11
CA ALA C 239 -18.94 -3.17 15.68
C ALA C 239 -19.34 -1.97 14.83
N THR C 240 -18.59 -0.89 14.94
CA THR C 240 -18.87 0.30 14.16
C THR C 240 -18.22 0.13 12.78
N LEU C 241 -16.89 0.03 12.76
CA LEU C 241 -16.14 -0.15 11.52
C LEU C 241 -15.86 -1.63 11.27
N GLN C 242 -15.38 -1.96 10.08
CA GLN C 242 -15.10 -3.36 9.74
C GLN C 242 -14.07 -3.95 10.71
N HIS C 243 -14.20 -5.24 11.01
CA HIS C 243 -13.34 -5.92 11.96
C HIS C 243 -11.84 -5.87 11.67
N ASP C 244 -11.45 -5.83 10.40
CA ASP C 244 -10.04 -5.77 10.08
C ASP C 244 -9.46 -4.35 10.17
N ASP C 245 -10.35 -3.37 10.20
CA ASP C 245 -9.94 -1.96 10.22
C ASP C 245 -9.48 -1.43 11.57
N LEU C 246 -8.37 -1.93 12.08
CA LEU C 246 -7.86 -1.47 13.37
C LEU C 246 -7.41 -0.01 13.38
N SER C 247 -6.75 0.44 12.32
CA SER C 247 -6.29 1.82 12.26
C SER C 247 -7.51 2.73 12.26
N GLY C 248 -8.62 2.23 11.69
CA GLY C 248 -9.85 2.98 11.65
C GLY C 248 -10.44 3.14 13.04
N HIS C 249 -10.37 2.09 13.85
CA HIS C 249 -10.87 2.19 15.21
C HIS C 249 -10.03 3.20 16.00
N ALA C 250 -8.73 3.23 15.75
CA ALA C 250 -7.83 4.15 16.45
C ALA C 250 -8.28 5.58 16.18
N LYS C 251 -8.68 5.84 14.95
CA LYS C 251 -9.16 7.16 14.54
C LYS C 251 -10.41 7.51 15.36
N LEU C 252 -11.29 6.53 15.57
CA LEU C 252 -12.49 6.75 16.36
C LEU C 252 -12.13 7.12 17.79
N VAL C 253 -11.22 6.34 18.37
CA VAL C 253 -10.79 6.57 19.74
C VAL C 253 -10.19 7.97 19.85
N GLU C 254 -9.42 8.36 18.85
CA GLU C 254 -8.76 9.65 18.83
C GLU C 254 -9.68 10.85 18.59
N ASN C 255 -10.82 10.61 17.95
CA ASN C 255 -11.72 11.72 17.63
C ASN C 255 -13.15 11.72 18.20
N THR C 256 -13.41 10.86 19.19
CA THR C 256 -14.72 10.81 19.85
C THR C 256 -14.46 10.52 21.32
N ARG C 257 -15.50 10.62 22.15
CA ARG C 257 -15.36 10.34 23.56
C ARG C 257 -16.16 9.09 23.94
N SER C 258 -16.50 8.25 22.97
CA SER C 258 -17.23 7.03 23.28
C SER C 258 -16.26 5.91 23.59
N ARG C 259 -16.75 4.86 24.24
CA ARG C 259 -15.91 3.71 24.49
C ARG C 259 -16.02 3.00 23.15
N ILE C 260 -14.88 2.59 22.59
CA ILE C 260 -14.89 1.90 21.31
C ILE C 260 -14.51 0.45 21.56
N CYS C 261 -15.33 -0.47 21.08
CA CYS C 261 -15.09 -1.90 21.25
C CYS C 261 -14.39 -2.51 20.05
N GLY C 262 -13.85 -3.71 20.25
CA GLY C 262 -13.19 -4.43 19.18
C GLY C 262 -12.95 -5.87 19.56
N ALA C 263 -12.51 -6.66 18.58
CA ALA C 263 -12.17 -8.07 18.77
C ALA C 263 -13.30 -9.09 18.95
N GLU C 264 -14.53 -8.70 18.66
CA GLU C 264 -15.65 -9.61 18.79
C GLU C 264 -15.43 -10.93 18.07
N MSE C 265 -14.98 -10.85 16.82
CA MSE C 265 -14.77 -12.05 16.01
C MSE C 265 -13.31 -12.53 15.95
O MSE C 265 -12.99 -13.41 15.16
CB MSE C 265 -15.25 -11.78 14.57
CG MSE C 265 -16.69 -11.29 14.47
SE MSE C 265 -17.34 -11.16 12.64
CE MSE C 265 -16.52 -9.47 12.18
N SER C 266 -12.47 -11.99 16.82
CA SER C 266 -11.05 -12.34 16.81
C SER C 266 -10.73 -13.64 17.53
N THR C 267 -9.49 -14.12 17.35
CA THR C 267 -9.04 -15.33 18.03
C THR C 267 -7.61 -15.10 18.50
N THR C 268 -7.29 -15.63 19.68
CA THR C 268 -6.00 -15.56 20.34
C THR C 268 -5.62 -14.22 20.96
N ARG C 269 -4.68 -14.29 21.89
CA ARG C 269 -4.19 -13.10 22.57
C ARG C 269 -3.35 -12.24 21.65
N PHE C 270 -2.87 -12.84 20.56
CA PHE C 270 -2.05 -12.10 19.61
C PHE C 270 -2.90 -11.08 18.87
N GLU C 271 -4.10 -11.48 18.45
CA GLU C 271 -4.96 -10.53 17.76
C GLU C 271 -5.50 -9.51 18.78
N ALA C 272 -5.75 -9.95 20.00
CA ALA C 272 -6.26 -9.05 21.03
C ALA C 272 -5.22 -7.95 21.34
N GLU C 273 -3.95 -8.35 21.38
CA GLU C 273 -2.88 -7.40 21.67
C GLU C 273 -2.84 -6.30 20.61
N GLU C 274 -3.04 -6.68 19.34
CA GLU C 274 -3.03 -5.73 18.24
C GLU C 274 -4.21 -4.76 18.37
N TRP C 275 -5.36 -5.29 18.81
CA TRP C 275 -6.52 -4.42 18.99
C TRP C 275 -6.19 -3.38 20.07
N ILE C 276 -5.51 -3.80 21.13
CA ILE C 276 -5.15 -2.90 22.21
C ILE C 276 -4.17 -1.82 21.76
N THR C 277 -3.04 -2.25 21.18
CA THR C 277 -2.01 -1.32 20.77
C THR C 277 -2.26 -0.54 19.47
N LYS C 278 -2.76 -1.21 18.44
CA LYS C 278 -3.03 -0.54 17.17
C LYS C 278 -4.46 0.00 17.08
N GLY C 279 -5.43 -0.77 17.60
CA GLY C 279 -6.80 -0.31 17.54
C GLY C 279 -7.08 0.73 18.61
N LYS C 280 -6.30 0.71 19.69
CA LYS C 280 -6.46 1.64 20.81
C LYS C 280 -7.85 1.52 21.43
N VAL C 281 -8.48 0.36 21.28
CA VAL C 281 -9.85 0.20 21.81
C VAL C 281 -9.95 0.21 23.33
N HIS C 282 -11.12 0.61 23.82
CA HIS C 282 -11.36 0.69 25.26
C HIS C 282 -11.76 -0.66 25.81
N LEU C 283 -12.32 -1.50 24.96
CA LEU C 283 -12.85 -2.76 25.42
C LEU C 283 -12.75 -3.89 24.40
N LEU C 284 -12.36 -5.07 24.86
CA LEU C 284 -12.21 -6.25 24.00
C LEU C 284 -13.40 -7.20 24.16
N GLN C 285 -13.82 -7.81 23.07
CA GLN C 285 -14.98 -8.69 23.14
C GLN C 285 -14.71 -10.12 22.67
N SER C 286 -13.44 -10.55 22.72
CA SER C 286 -13.03 -11.90 22.33
C SER C 286 -13.99 -12.92 22.93
N ASP C 287 -14.51 -13.83 22.11
CA ASP C 287 -15.49 -14.84 22.54
C ASP C 287 -14.92 -16.11 23.19
N TYR C 288 -15.58 -16.56 24.26
CA TYR C 288 -15.20 -17.77 25.00
C TYR C 288 -15.00 -18.98 24.08
N ASN C 289 -15.95 -19.18 23.18
CA ASN C 289 -15.91 -20.33 22.28
C ASN C 289 -15.26 -20.12 20.92
N ARG C 290 -14.47 -19.05 20.81
CA ARG C 290 -13.78 -18.72 19.56
C ARG C 290 -12.28 -18.41 19.72
N CYS C 291 -11.97 -17.52 20.67
CA CYS C 291 -10.62 -17.03 20.88
C CYS C 291 -9.58 -17.87 21.58
N GLY C 292 -10.00 -18.98 22.18
CA GLY C 292 -9.06 -19.83 22.88
C GLY C 292 -9.57 -20.26 24.25
N GLY C 293 -10.87 -20.10 24.48
CA GLY C 293 -11.47 -20.51 25.75
C GLY C 293 -11.14 -19.62 26.94
N LEU C 294 -11.42 -20.14 28.13
CA LEU C 294 -11.17 -19.40 29.37
C LEU C 294 -9.69 -19.18 29.61
N THR C 295 -8.85 -20.15 29.23
CA THR C 295 -7.42 -19.98 29.43
C THR C 295 -6.91 -18.76 28.66
N GLU C 296 -7.33 -18.61 27.40
CA GLU C 296 -6.85 -17.48 26.62
C GLU C 296 -7.47 -16.17 27.09
N LEU C 297 -8.71 -16.23 27.56
CA LEU C 297 -9.39 -15.02 28.05
C LEU C 297 -8.71 -14.49 29.30
N ARG C 298 -8.11 -15.39 30.07
CA ARG C 298 -7.41 -14.98 31.28
C ARG C 298 -6.12 -14.21 30.91
N ARG C 299 -5.38 -14.71 29.94
CA ARG C 299 -4.16 -14.01 29.52
C ARG C 299 -4.55 -12.69 28.88
N ILE C 300 -5.63 -12.71 28.09
CA ILE C 300 -6.09 -11.50 27.42
C ILE C 300 -6.54 -10.44 28.43
N THR C 301 -7.30 -10.85 29.45
CA THR C 301 -7.78 -9.91 30.45
C THR C 301 -6.68 -9.33 31.33
N GLU C 302 -5.71 -10.14 31.74
CA GLU C 302 -4.65 -9.58 32.56
C GLU C 302 -3.84 -8.57 31.74
N MSE C 303 -3.70 -8.83 30.44
CA MSE C 303 -2.98 -7.91 29.58
C MSE C 303 -3.85 -6.65 29.37
O MSE C 303 -3.35 -5.53 29.38
CB MSE C 303 -2.68 -8.56 28.22
CG MSE C 303 -2.19 -7.57 27.15
SE MSE C 303 -1.83 -8.40 25.42
CE MSE C 303 -3.64 -8.85 24.91
N ALA C 304 -5.15 -6.86 29.17
CA ALA C 304 -6.07 -5.75 28.97
C ALA C 304 -6.08 -4.81 30.19
N THR C 305 -6.07 -5.40 31.38
CA THR C 305 -6.07 -4.63 32.62
C THR C 305 -4.83 -3.74 32.76
N ALA C 306 -3.66 -4.29 32.46
CA ALA C 306 -2.43 -3.50 32.56
C ALA C 306 -2.45 -2.34 31.56
N ASN C 307 -3.28 -2.46 30.51
CA ASN C 307 -3.37 -1.42 29.48
C ASN C 307 -4.64 -0.58 29.59
N ASN C 308 -5.32 -0.70 30.73
CA ASN C 308 -6.55 0.07 30.97
C ASN C 308 -7.64 -0.26 29.95
N VAL C 309 -7.74 -1.52 29.58
CA VAL C 309 -8.74 -1.96 28.61
C VAL C 309 -9.69 -2.96 29.28
N GLN C 310 -10.99 -2.77 29.11
CA GLN C 310 -11.95 -3.68 29.70
C GLN C 310 -12.17 -4.87 28.78
N VAL C 311 -12.71 -5.95 29.31
CA VAL C 311 -12.99 -7.13 28.52
C VAL C 311 -14.38 -7.64 28.88
N MSE C 312 -15.26 -7.70 27.88
CA MSE C 312 -16.62 -8.22 28.04
C MSE C 312 -16.74 -9.22 26.90
O MSE C 312 -17.19 -8.88 25.81
CB MSE C 312 -17.64 -7.09 27.90
CG MSE C 312 -17.72 -6.20 29.13
SE MSE C 312 -19.15 -4.89 29.02
CE MSE C 312 -18.54 -3.74 30.45
N PRO C 313 -16.34 -10.47 27.14
CA PRO C 313 -16.40 -11.53 26.13
C PRO C 313 -17.73 -11.66 25.41
N HIS C 314 -17.66 -11.70 24.08
CA HIS C 314 -18.86 -11.86 23.28
C HIS C 314 -19.48 -13.20 23.68
N ASN C 315 -20.80 -13.23 23.81
CA ASN C 315 -21.47 -14.46 24.24
C ASN C 315 -22.89 -14.50 23.71
N TRP C 316 -23.13 -15.48 22.85
CA TRP C 316 -24.44 -15.68 22.26
C TRP C 316 -24.42 -17.08 21.66
N LYS C 317 -24.44 -18.06 22.55
CA LYS C 317 -24.43 -19.46 22.17
C LYS C 317 -25.50 -20.17 23.01
N THR C 318 -25.10 -21.10 23.87
CA THR C 318 -26.07 -21.81 24.71
C THR C 318 -25.71 -21.68 26.18
N GLY C 319 -26.41 -22.44 27.03
CA GLY C 319 -26.15 -22.39 28.46
C GLY C 319 -24.77 -22.84 28.86
N ILE C 320 -24.05 -23.49 27.95
CA ILE C 320 -22.70 -23.93 28.27
C ILE C 320 -21.78 -22.71 28.38
N THR C 321 -21.83 -21.85 27.37
CA THR C 321 -21.01 -20.64 27.38
C THR C 321 -21.50 -19.66 28.45
N SER C 322 -22.81 -19.60 28.68
CA SER C 322 -23.35 -18.71 29.70
C SER C 322 -22.75 -19.07 31.05
N ALA C 323 -22.62 -20.37 31.32
CA ALA C 323 -22.04 -20.82 32.57
C ALA C 323 -20.57 -20.40 32.62
N ALA C 324 -19.86 -20.55 31.51
CA ALA C 324 -18.44 -20.17 31.48
C ALA C 324 -18.29 -18.68 31.74
N ALA C 325 -19.23 -17.89 31.24
CA ALA C 325 -19.24 -16.45 31.40
C ALA C 325 -19.39 -16.03 32.87
N ILE C 326 -20.26 -16.70 33.62
CA ILE C 326 -20.45 -16.37 35.03
C ILE C 326 -19.18 -16.66 35.82
N HIS C 327 -18.55 -17.81 35.55
CA HIS C 327 -17.33 -18.16 36.26
C HIS C 327 -16.20 -17.20 35.87
N TYR C 328 -16.15 -16.86 34.59
CA TYR C 328 -15.17 -15.90 34.09
C TYR C 328 -15.29 -14.56 34.82
N GLN C 329 -16.49 -14.00 34.84
CA GLN C 329 -16.69 -12.70 35.47
C GLN C 329 -16.32 -12.72 36.95
N PHE C 330 -16.59 -13.82 37.62
CA PHE C 330 -16.25 -13.91 39.04
C PHE C 330 -14.75 -13.93 39.32
N ALA C 331 -14.01 -14.68 38.51
CA ALA C 331 -12.59 -14.80 38.77
C ALA C 331 -11.64 -14.01 37.89
N VAL C 332 -12.07 -13.69 36.68
CA VAL C 332 -11.18 -12.99 35.74
C VAL C 332 -11.64 -11.62 35.23
N GLY C 333 -12.94 -11.44 35.08
CA GLY C 333 -13.47 -10.19 34.60
C GLY C 333 -12.87 -8.96 35.25
N ASN C 334 -12.69 -7.90 34.47
CA ASN C 334 -12.13 -6.65 34.99
C ASN C 334 -13.08 -5.49 34.74
N ALA C 335 -14.28 -5.79 34.26
CA ALA C 335 -15.28 -4.75 33.95
C ALA C 335 -16.58 -4.89 34.75
N PRO C 336 -17.36 -3.80 34.87
CA PRO C 336 -18.62 -3.80 35.63
C PRO C 336 -19.66 -4.84 35.16
N TYR C 337 -19.65 -5.13 33.86
CA TYR C 337 -20.60 -6.08 33.27
C TYR C 337 -19.87 -7.05 32.34
N PHE C 338 -20.64 -7.98 31.79
CA PHE C 338 -20.14 -8.98 30.85
C PHE C 338 -21.34 -9.40 30.00
N GLU C 339 -21.11 -9.82 28.76
CA GLU C 339 -22.24 -10.21 27.93
C GLU C 339 -22.86 -11.53 28.37
N TYR C 340 -24.19 -11.55 28.36
CA TYR C 340 -24.94 -12.74 28.77
C TYR C 340 -26.27 -12.73 28.04
N VAL C 341 -26.73 -13.93 27.65
CA VAL C 341 -28.01 -14.04 26.97
C VAL C 341 -28.91 -14.84 27.91
N HIS C 342 -30.03 -14.23 28.30
CA HIS C 342 -30.97 -14.85 29.23
C HIS C 342 -32.26 -15.30 28.54
N PRO C 343 -32.76 -16.49 28.90
CA PRO C 343 -33.98 -17.10 28.34
C PRO C 343 -35.21 -16.17 28.32
N GLU C 344 -35.39 -15.40 29.38
CA GLU C 344 -36.53 -14.50 29.49
C GLU C 344 -36.37 -13.22 28.66
N PHE C 345 -35.26 -13.12 27.94
CA PHE C 345 -35.00 -11.94 27.15
C PHE C 345 -34.48 -12.28 25.76
N CYS C 346 -34.93 -13.42 25.23
CA CYS C 346 -34.52 -13.86 23.90
C CYS C 346 -35.17 -15.19 23.55
N ASP C 347 -35.55 -15.35 22.30
CA ASP C 347 -36.14 -16.59 21.86
C ASP C 347 -34.98 -17.48 21.43
N GLY C 348 -35.08 -18.77 21.71
CA GLY C 348 -34.02 -19.69 21.35
C GLY C 348 -34.10 -20.93 22.22
N GLU C 349 -34.67 -22.00 21.66
CA GLU C 349 -34.82 -23.24 22.39
C GLU C 349 -33.48 -23.85 22.76
N LEU C 350 -32.51 -23.74 21.87
CA LEU C 350 -31.18 -24.29 22.14
C LEU C 350 -30.63 -23.62 23.38
N ARG C 351 -30.66 -22.29 23.41
CA ARG C 351 -30.17 -21.53 24.55
C ARG C 351 -30.97 -21.86 25.80
N LYS C 352 -32.28 -21.97 25.63
CA LYS C 352 -33.16 -22.26 26.76
C LYS C 352 -33.13 -23.68 27.32
N TYR C 353 -33.03 -24.70 26.45
CA TYR C 353 -33.08 -26.08 26.93
C TYR C 353 -31.84 -26.99 26.91
N LEU C 354 -30.89 -26.73 26.02
CA LEU C 354 -29.72 -27.60 25.91
C LEU C 354 -29.14 -28.13 27.23
N VAL C 355 -28.74 -27.24 28.13
CA VAL C 355 -28.18 -27.69 29.39
C VAL C 355 -29.00 -27.22 30.59
N THR C 356 -28.76 -27.83 31.74
CA THR C 356 -29.48 -27.51 32.95
C THR C 356 -28.52 -27.60 34.13
N PRO C 357 -28.75 -26.81 35.19
CA PRO C 357 -29.83 -25.85 35.40
C PRO C 357 -29.46 -24.45 34.95
N GLU C 358 -30.46 -23.58 34.86
CA GLU C 358 -30.24 -22.20 34.46
C GLU C 358 -29.89 -21.46 35.75
N ALA C 359 -28.91 -20.56 35.69
CA ALA C 359 -28.51 -19.79 36.85
C ALA C 359 -29.62 -18.78 37.11
N GLU C 360 -29.96 -18.58 38.39
CA GLU C 360 -31.00 -17.65 38.78
C GLU C 360 -30.54 -16.20 38.85
N LEU C 361 -31.14 -15.37 38.03
CA LEU C 361 -30.81 -13.95 38.00
C LEU C 361 -31.73 -13.24 38.99
N VAL C 362 -31.13 -12.63 40.01
CA VAL C 362 -31.90 -11.93 41.03
C VAL C 362 -31.43 -10.49 41.19
N ASP C 363 -32.35 -9.55 41.02
CA ASP C 363 -32.03 -8.13 41.12
C ASP C 363 -30.86 -7.79 40.17
N GLY C 364 -30.89 -8.41 39.00
CA GLY C 364 -29.87 -8.17 37.99
C GLY C 364 -28.50 -8.79 38.20
N GLY C 365 -28.37 -9.68 39.19
CA GLY C 365 -27.07 -10.30 39.43
C GLY C 365 -27.12 -11.80 39.70
N PHE C 366 -25.96 -12.44 39.57
CA PHE C 366 -25.85 -13.88 39.81
C PHE C 366 -25.00 -14.12 41.04
N ALA C 367 -25.37 -15.10 41.85
CA ALA C 367 -24.60 -15.42 43.06
C ALA C 367 -23.43 -16.31 42.68
N LYS C 368 -22.53 -16.53 43.61
CA LYS C 368 -21.37 -17.37 43.35
C LYS C 368 -21.76 -18.83 43.13
N PRO C 369 -21.33 -19.41 42.00
CA PRO C 369 -21.64 -20.82 41.68
C PRO C 369 -21.18 -21.73 42.83
N THR C 370 -21.89 -22.82 43.06
CA THR C 370 -21.52 -23.74 44.14
C THR C 370 -21.23 -25.14 43.63
N ALA C 371 -21.78 -25.48 42.47
CA ALA C 371 -21.56 -26.81 41.89
C ALA C 371 -20.15 -26.96 41.34
N PRO C 372 -19.69 -28.21 41.23
CA PRO C 372 -18.33 -28.47 40.70
C PRO C 372 -18.26 -28.08 39.23
N GLY C 373 -17.05 -27.79 38.76
CA GLY C 373 -16.88 -27.43 37.36
C GLY C 373 -17.78 -26.29 36.95
N LEU C 374 -18.36 -26.37 35.75
CA LEU C 374 -19.23 -25.32 35.24
C LEU C 374 -20.68 -25.42 35.72
N GLY C 375 -20.96 -26.41 36.56
CA GLY C 375 -22.30 -26.58 37.10
C GLY C 375 -23.42 -26.77 36.08
N ILE C 376 -23.14 -27.51 35.02
CA ILE C 376 -24.15 -27.74 33.99
C ILE C 376 -24.05 -29.15 33.43
N ASP C 377 -25.14 -29.60 32.82
CA ASP C 377 -25.15 -30.91 32.18
C ASP C 377 -26.21 -30.95 31.12
N LEU C 378 -26.05 -31.86 30.18
CA LEU C 378 -26.97 -32.00 29.07
C LEU C 378 -28.36 -32.49 29.47
N ASN C 379 -29.38 -31.87 28.89
CA ASN C 379 -30.75 -32.22 29.13
C ASN C 379 -31.07 -33.35 28.16
N GLN C 380 -30.87 -34.59 28.62
CA GLN C 380 -31.09 -35.80 27.82
C GLN C 380 -32.39 -35.79 27.03
N GLU C 381 -33.49 -35.41 27.67
CA GLU C 381 -34.77 -35.37 27.00
C GLU C 381 -34.69 -34.52 25.74
N PHE C 382 -34.50 -33.22 25.94
CA PHE C 382 -34.39 -32.27 24.84
C PHE C 382 -33.45 -32.79 23.77
N LEU C 383 -32.34 -33.36 24.21
CA LEU C 383 -31.34 -33.91 23.29
C LEU C 383 -31.93 -35.05 22.45
N ALA C 384 -32.78 -35.85 23.10
CA ALA C 384 -33.42 -36.98 22.43
C ALA C 384 -34.40 -36.55 21.34
N SER C 385 -34.38 -35.27 21.00
CA SER C 385 -35.28 -34.75 19.99
C SER C 385 -34.46 -33.94 18.99
N LEU C 386 -33.18 -34.27 18.88
CA LEU C 386 -32.26 -33.58 17.99
C LEU C 386 -32.14 -32.11 18.38
N SER D 2 18.55 63.91 -0.74
CA SER D 2 17.71 62.69 -0.47
C SER D 2 18.36 61.42 -1.07
N LEU D 3 19.36 61.63 -1.91
CA LEU D 3 20.10 60.54 -2.57
C LEU D 3 19.27 59.78 -3.60
N ALA D 4 19.75 59.78 -4.84
CA ALA D 4 19.08 59.09 -5.94
C ALA D 4 19.55 57.64 -6.02
N LEU D 5 18.67 56.76 -6.50
CA LEU D 5 18.99 55.35 -6.61
C LEU D 5 19.85 55.00 -7.82
N ASN D 6 20.37 53.78 -7.84
CA ASN D 6 21.22 53.33 -8.94
C ASN D 6 20.44 53.36 -10.24
N PRO D 7 21.01 53.97 -11.28
CA PRO D 7 20.35 54.06 -12.59
C PRO D 7 20.42 52.75 -13.38
N ALA D 8 21.44 51.95 -13.07
CA ALA D 8 21.63 50.69 -13.78
C ALA D 8 20.60 49.62 -13.43
N VAL D 9 19.94 49.76 -12.30
CA VAL D 9 18.93 48.78 -11.90
C VAL D 9 17.67 49.04 -12.71
N ALA D 10 17.64 48.51 -13.93
CA ALA D 10 16.52 48.73 -14.82
C ALA D 10 15.61 47.53 -14.99
N PRO D 11 14.33 47.77 -15.28
CA PRO D 11 13.35 46.69 -15.47
C PRO D 11 13.77 45.71 -16.54
N ILE D 12 13.33 44.46 -16.39
CA ILE D 12 13.61 43.41 -17.35
C ILE D 12 12.67 43.68 -18.52
N LYS D 13 13.20 43.59 -19.74
CA LYS D 13 12.40 43.86 -20.93
C LYS D 13 11.99 42.59 -21.69
N SER D 14 12.86 41.59 -21.69
CA SER D 14 12.54 40.35 -22.38
C SER D 14 13.32 39.18 -21.82
N ILE D 15 12.79 37.97 -22.07
CA ILE D 15 13.43 36.75 -21.63
C ILE D 15 13.37 35.79 -22.80
N GLU D 16 14.52 35.27 -23.19
CA GLU D 16 14.59 34.38 -24.32
C GLU D 16 15.25 33.05 -23.97
N PHE D 17 14.64 31.97 -24.44
CA PHE D 17 15.15 30.61 -24.24
C PHE D 17 15.74 30.20 -25.58
N ILE D 18 17.01 29.84 -25.58
CA ILE D 18 17.71 29.47 -26.81
C ILE D 18 18.28 28.06 -26.79
N PRO D 19 17.63 27.11 -27.47
CA PRO D 19 18.15 25.74 -27.49
C PRO D 19 19.45 25.67 -28.28
N VAL D 20 20.40 24.87 -27.81
CA VAL D 20 21.69 24.73 -28.49
C VAL D 20 22.13 23.27 -28.58
N ASN D 21 21.99 22.68 -29.77
CA ASN D 21 22.40 21.29 -29.97
C ASN D 21 23.72 21.24 -30.72
N TYR D 22 24.48 20.18 -30.48
CA TYR D 22 25.78 19.98 -31.13
C TYR D 22 25.91 18.51 -31.53
N GLN D 23 26.15 18.27 -32.82
CA GLN D 23 26.31 16.91 -33.33
C GLN D 23 27.74 16.62 -33.76
N SER D 28 22.74 13.42 -27.77
CA SER D 28 23.77 14.35 -28.22
C SER D 28 23.97 15.44 -27.17
N GLN D 29 24.81 16.41 -27.47
CA GLN D 29 25.07 17.51 -26.54
C GLN D 29 24.14 18.68 -26.81
N ASN D 30 23.42 19.11 -25.78
CA ASN D 30 22.50 20.22 -25.93
C ASN D 30 22.22 20.89 -24.60
N THR D 31 21.63 22.07 -24.66
CA THR D 31 21.26 22.82 -23.48
C THR D 31 20.27 23.87 -23.94
N VAL D 32 19.77 24.65 -22.99
CA VAL D 32 18.84 25.71 -23.30
C VAL D 32 19.35 26.96 -22.62
N VAL D 33 19.91 27.86 -23.41
CA VAL D 33 20.42 29.10 -22.88
C VAL D 33 19.27 30.03 -22.58
N VAL D 34 19.32 30.71 -21.44
CA VAL D 34 18.28 31.63 -21.07
C VAL D 34 18.92 33.00 -20.95
N LYS D 35 18.44 33.93 -21.77
CA LYS D 35 18.98 35.27 -21.79
C LYS D 35 17.94 36.29 -21.35
N VAL D 36 18.25 37.00 -20.28
CA VAL D 36 17.35 38.01 -19.74
C VAL D 36 17.95 39.38 -20.04
N THR D 37 17.20 40.22 -20.74
CA THR D 37 17.69 41.55 -21.10
C THR D 37 16.87 42.66 -20.47
N ASP D 38 17.56 43.66 -19.90
CA ASP D 38 16.86 44.77 -19.28
C ASP D 38 16.61 45.91 -20.25
N GLU D 39 16.00 46.97 -19.74
CA GLU D 39 15.67 48.15 -20.53
C GLU D 39 16.83 48.72 -21.33
N ASN D 40 18.02 48.73 -20.72
CA ASN D 40 19.20 49.29 -21.36
C ASN D 40 20.04 48.33 -22.20
N GLY D 41 19.50 47.15 -22.48
CA GLY D 41 20.24 46.18 -23.29
C GLY D 41 21.22 45.30 -22.54
N VAL D 42 21.34 45.50 -21.23
CA VAL D 42 22.24 44.69 -20.41
C VAL D 42 21.55 43.33 -20.22
N TYR D 43 22.31 42.25 -20.25
CA TYR D 43 21.70 40.92 -20.09
C TYR D 43 22.43 39.94 -19.19
N GLY D 44 21.70 38.90 -18.79
CA GLY D 44 22.25 37.85 -17.96
C GLY D 44 22.04 36.50 -18.62
N LEU D 45 22.99 35.58 -18.41
CA LEU D 45 22.90 34.24 -18.99
C LEU D 45 22.70 33.15 -17.94
N GLY D 46 21.92 32.15 -18.31
CA GLY D 46 21.65 31.02 -17.44
C GLY D 46 21.26 29.88 -18.37
N GLU D 47 21.03 28.68 -17.84
CA GLU D 47 20.64 27.58 -18.71
C GLU D 47 19.71 26.59 -18.01
N ALA D 48 18.83 25.98 -18.80
CA ALA D 48 17.86 25.03 -18.29
C ALA D 48 18.09 23.62 -18.80
N ASP D 49 17.87 22.65 -17.92
CA ASP D 49 18.02 21.23 -18.26
C ASP D 49 16.75 20.78 -18.97
N GLY D 50 16.75 19.56 -19.49
CA GLY D 50 15.59 19.03 -20.17
C GLY D 50 15.65 19.16 -21.68
N SER D 51 14.87 18.34 -22.39
CA SER D 51 14.83 18.38 -23.85
C SER D 51 14.63 19.83 -24.28
N PRO D 52 15.60 20.41 -25.01
CA PRO D 52 15.51 21.79 -25.46
C PRO D 52 14.21 22.21 -26.17
N ASP D 53 13.64 21.31 -26.96
CA ASP D 53 12.41 21.65 -27.66
C ASP D 53 11.18 21.54 -26.74
N ALA D 54 11.26 20.70 -25.72
CA ALA D 54 10.15 20.59 -24.78
C ALA D 54 10.19 21.86 -23.95
N ILE D 55 11.39 22.25 -23.55
CA ILE D 55 11.58 23.45 -22.75
C ILE D 55 11.20 24.70 -23.52
N LEU D 56 11.56 24.73 -24.80
CA LEU D 56 11.23 25.88 -25.64
C LEU D 56 9.72 26.08 -25.70
N ALA D 57 9.00 25.00 -25.96
CA ALA D 57 7.55 25.05 -26.04
C ALA D 57 6.95 25.46 -24.70
N TYR D 58 7.53 24.98 -23.61
CA TYR D 58 7.02 25.31 -22.28
C TYR D 58 7.18 26.80 -22.03
N ALA D 59 8.30 27.34 -22.47
CA ALA D 59 8.61 28.76 -22.28
C ALA D 59 7.78 29.69 -23.16
N ASN D 60 7.01 29.13 -24.09
CA ASN D 60 6.17 29.94 -24.97
C ASN D 60 4.68 29.65 -24.88
N ILE D 61 4.26 28.95 -23.83
CA ILE D 61 2.84 28.62 -23.65
C ILE D 61 2.03 29.90 -23.45
N GLU D 62 0.72 29.75 -23.57
CA GLU D 62 -0.17 30.89 -23.40
C GLU D 62 -0.82 30.84 -22.02
N THR D 63 -0.83 31.98 -21.35
CA THR D 63 -1.43 32.09 -20.02
C THR D 63 -2.92 31.76 -20.07
N GLU D 64 -3.38 30.92 -19.14
CA GLU D 64 -4.79 30.53 -19.11
C GLU D 64 -5.54 30.96 -17.85
N HIS D 65 -4.88 30.89 -16.69
CA HIS D 65 -5.51 31.28 -15.43
C HIS D 65 -4.48 31.50 -14.34
N LYS D 66 -4.94 31.95 -13.18
CA LYS D 66 -4.09 32.25 -12.03
C LYS D 66 -2.86 31.33 -11.85
N TRP D 67 -3.08 30.03 -11.93
CA TRP D 67 -2.00 29.05 -11.73
C TRP D 67 -1.36 28.48 -12.99
N LEU D 68 -1.84 28.91 -14.16
CA LEU D 68 -1.29 28.43 -15.42
C LEU D 68 -0.87 29.64 -16.25
N THR D 69 0.29 30.19 -15.89
CA THR D 69 0.83 31.37 -16.56
C THR D 69 2.11 31.04 -17.29
N ASN D 70 2.46 31.90 -18.25
CA ASN D 70 3.70 31.73 -18.98
C ASN D 70 4.76 32.12 -17.97
N ILE D 71 5.80 31.30 -17.84
CA ILE D 71 6.87 31.54 -16.87
C ILE D 71 7.58 32.90 -16.94
N THR D 72 7.76 33.44 -18.13
CA THR D 72 8.45 34.72 -18.29
C THR D 72 7.60 35.94 -17.91
N GLU D 73 6.29 35.80 -18.08
CA GLU D 73 5.36 36.88 -17.80
C GLU D 73 5.57 37.58 -16.46
N LYS D 74 5.71 36.80 -15.39
CA LYS D 74 5.90 37.37 -14.06
C LYS D 74 7.27 37.99 -13.80
N ALA D 75 8.20 37.80 -14.73
CA ALA D 75 9.54 38.37 -14.57
C ALA D 75 9.65 39.67 -15.36
N ILE D 76 9.06 39.70 -16.56
CA ILE D 76 9.09 40.89 -17.39
C ILE D 76 8.60 42.11 -16.62
N GLY D 77 9.37 43.19 -16.66
CA GLY D 77 9.00 44.41 -15.97
C GLY D 77 9.52 44.52 -14.56
N ARG D 78 10.11 43.44 -14.04
CA ARG D 78 10.64 43.45 -12.69
C ARG D 78 12.11 43.85 -12.66
N LEU D 79 12.55 44.42 -11.54
CA LEU D 79 13.95 44.81 -11.39
C LEU D 79 14.72 43.55 -11.03
N PRO D 80 15.70 43.15 -11.87
CA PRO D 80 16.53 41.96 -11.66
C PRO D 80 17.11 41.76 -10.27
N ILE D 81 17.21 42.85 -9.52
CA ILE D 81 17.78 42.77 -8.18
C ILE D 81 16.86 42.05 -7.18
N GLU D 82 15.57 42.02 -7.47
CA GLU D 82 14.60 41.36 -6.58
C GLU D 82 14.43 39.89 -6.99
N ILE D 83 15.55 39.18 -7.03
CA ILE D 83 15.57 37.77 -7.43
C ILE D 83 14.63 36.87 -6.63
N ASN D 84 14.63 37.03 -5.31
CA ASN D 84 13.80 36.19 -4.44
C ASN D 84 12.31 36.45 -4.67
N ALA D 85 11.94 37.71 -4.81
CA ALA D 85 10.55 38.06 -5.03
C ALA D 85 10.08 37.56 -6.39
N ILE D 86 10.93 37.72 -7.40
CA ILE D 86 10.62 37.27 -8.75
C ILE D 86 10.46 35.75 -8.80
N TRP D 87 11.30 35.05 -8.04
CA TRP D 87 11.25 33.60 -7.98
C TRP D 87 9.87 33.19 -7.48
N ASP D 88 9.42 33.83 -6.39
CA ASP D 88 8.10 33.53 -5.83
C ASP D 88 6.98 33.90 -6.79
N ALA D 89 7.17 35.00 -7.52
CA ALA D 89 6.17 35.45 -8.48
C ALA D 89 6.00 34.42 -9.58
N MSE D 90 7.12 33.92 -10.09
CA MSE D 90 7.09 32.91 -11.15
C MSE D 90 6.52 31.58 -10.66
O MSE D 90 5.69 30.96 -11.34
CB MSE D 90 8.50 32.67 -11.70
CG MSE D 90 9.14 33.87 -12.40
SE MSE D 90 10.75 33.35 -13.37
CE MSE D 90 12.00 33.36 -11.89
N TYR D 91 6.95 31.15 -9.49
CA TYR D 91 6.49 29.89 -8.94
C TYR D 91 4.97 29.87 -8.72
N ASP D 92 4.48 30.86 -7.99
CA ASP D 92 3.05 30.96 -7.70
C ASP D 92 2.16 30.96 -8.94
N ALA D 93 2.59 31.68 -9.97
CA ALA D 93 1.83 31.80 -11.20
C ALA D 93 1.86 30.58 -12.10
N THR D 94 2.73 29.63 -11.80
CA THR D 94 2.88 28.43 -12.63
C THR D 94 2.60 27.10 -11.93
N GLN D 95 2.04 27.16 -10.73
CA GLN D 95 1.74 25.96 -9.95
C GLN D 95 1.02 24.84 -10.68
N TRP D 96 0.13 25.17 -11.61
CA TRP D 96 -0.63 24.13 -12.30
C TRP D 96 0.21 23.10 -13.04
N GLN D 97 1.37 23.51 -13.58
CA GLN D 97 2.21 22.55 -14.30
C GLN D 97 3.71 22.75 -14.11
N GLY D 98 4.11 23.58 -13.17
CA GLY D 98 5.53 23.82 -12.96
C GLY D 98 6.09 23.65 -11.55
N MSE D 99 5.28 23.15 -10.63
CA MSE D 99 5.76 22.97 -9.26
C MSE D 99 6.91 21.96 -9.16
O MSE D 99 7.76 22.06 -8.28
CB MSE D 99 4.62 22.52 -8.33
CG MSE D 99 3.59 23.59 -8.07
SE MSE D 99 2.43 23.10 -6.59
CE MSE D 99 1.45 21.68 -7.45
N ARG D 100 6.92 20.99 -10.06
CA ARG D 100 7.95 19.95 -10.07
C ARG D 100 8.22 19.54 -11.51
N GLY D 101 9.24 18.71 -11.71
CA GLY D 101 9.53 18.25 -13.06
C GLY D 101 10.04 19.31 -14.02
N LEU D 102 9.89 19.04 -15.31
CA LEU D 102 10.36 19.93 -16.39
C LEU D 102 10.13 21.41 -16.17
N GLY D 103 8.93 21.79 -15.74
CA GLY D 103 8.63 23.20 -15.53
C GLY D 103 9.64 23.94 -14.66
N MSE D 104 10.16 23.25 -13.64
CA MSE D 104 11.12 23.86 -12.74
C MSE D 104 12.48 24.05 -13.42
O MSE D 104 13.25 24.91 -13.02
CB MSE D 104 11.30 22.97 -11.48
CG MSE D 104 10.14 23.06 -10.49
SE MSE D 104 9.88 24.86 -9.78
CE MSE D 104 11.59 25.12 -8.93
N PHE D 105 12.74 23.26 -14.46
CA PHE D 105 14.00 23.40 -15.19
C PHE D 105 14.02 24.80 -15.81
N ALA D 106 12.88 25.21 -16.38
CA ALA D 106 12.74 26.50 -17.03
C ALA D 106 12.90 27.65 -16.03
N LEU D 107 12.27 27.51 -14.86
CA LEU D 107 12.37 28.54 -13.83
C LEU D 107 13.84 28.62 -13.37
N SER D 108 14.50 27.47 -13.28
CA SER D 108 15.91 27.42 -12.85
C SER D 108 16.79 28.27 -13.76
N GLY D 109 16.63 28.11 -15.08
CA GLY D 109 17.42 28.88 -16.03
C GLY D 109 17.28 30.38 -15.89
N ILE D 110 16.06 30.84 -15.60
CA ILE D 110 15.81 32.27 -15.44
C ILE D 110 16.46 32.82 -14.17
N ASP D 111 16.30 32.08 -13.07
CA ASP D 111 16.87 32.46 -11.79
C ASP D 111 18.38 32.64 -11.91
N MSE D 112 19.01 31.69 -12.59
CA MSE D 112 20.45 31.71 -12.80
C MSE D 112 20.85 32.96 -13.57
O MSE D 112 21.83 33.62 -13.25
CB MSE D 112 20.90 30.47 -13.58
CG MSE D 112 22.41 30.31 -13.66
SE MSE D 112 22.93 28.65 -14.51
CE MSE D 112 21.56 27.50 -13.76
N ALA D 113 20.06 33.29 -14.59
CA ALA D 113 20.33 34.47 -15.41
C ALA D 113 20.19 35.75 -14.62
N LEU D 114 19.25 35.78 -13.67
CA LEU D 114 19.03 36.96 -12.85
C LEU D 114 20.25 37.33 -12.01
N TYR D 115 21.00 36.32 -11.57
CA TYR D 115 22.19 36.58 -10.77
C TYR D 115 23.26 37.22 -11.66
N ASP D 116 23.35 36.75 -12.90
CA ASP D 116 24.31 37.29 -13.84
C ASP D 116 23.92 38.72 -14.23
N LEU D 117 22.64 38.93 -14.54
CA LEU D 117 22.16 40.26 -14.91
C LEU D 117 22.25 41.24 -13.75
N ALA D 118 21.68 40.85 -12.61
CA ALA D 118 21.70 41.70 -11.42
C ALA D 118 23.13 42.09 -11.09
N GLY D 119 24.06 41.15 -11.30
CA GLY D 119 25.45 41.40 -11.03
C GLY D 119 25.99 42.50 -11.93
N LYS D 120 25.67 42.42 -13.22
CA LYS D 120 26.15 43.43 -14.16
C LYS D 120 25.60 44.82 -13.87
N GLN D 121 24.32 44.90 -13.51
CA GLN D 121 23.70 46.20 -13.21
C GLN D 121 24.36 46.86 -12.00
N LEU D 122 24.64 46.06 -10.98
CA LEU D 122 25.25 46.58 -9.75
C LEU D 122 26.78 46.55 -9.83
N GLY D 123 27.29 45.88 -10.86
CA GLY D 123 28.73 45.78 -11.04
C GLY D 123 29.44 44.95 -9.98
N VAL D 124 28.87 43.79 -9.64
CA VAL D 124 29.49 42.93 -8.64
C VAL D 124 29.41 41.47 -9.03
N PRO D 125 30.38 40.67 -8.61
CA PRO D 125 30.34 39.25 -8.95
C PRO D 125 29.10 38.62 -8.31
N ALA D 126 28.56 37.59 -8.97
CA ALA D 126 27.36 36.92 -8.48
C ALA D 126 27.38 36.45 -7.03
N TYR D 127 28.52 35.90 -6.58
CA TYR D 127 28.59 35.40 -5.22
C TYR D 127 28.39 36.47 -4.16
N GLN D 128 28.61 37.73 -4.54
CA GLN D 128 28.42 38.83 -3.62
C GLN D 128 26.94 39.16 -3.48
N LEU D 129 26.11 38.60 -4.36
CA LEU D 129 24.69 38.81 -4.27
C LEU D 129 24.08 37.64 -3.49
N LEU D 130 24.94 36.67 -3.15
CA LEU D 130 24.52 35.50 -2.39
C LEU D 130 25.07 35.55 -0.98
N GLY D 131 25.68 36.68 -0.61
CA GLY D 131 26.20 36.84 0.72
C GLY D 131 27.69 37.07 0.89
N GLY D 132 28.46 36.97 -0.19
CA GLY D 132 29.90 37.15 -0.08
C GLY D 132 30.53 35.87 0.42
N THR D 133 31.83 35.90 0.69
CA THR D 133 32.54 34.70 1.15
C THR D 133 33.68 34.99 2.12
N ASN D 134 34.09 33.97 2.86
CA ASN D 134 35.21 34.07 3.78
C ASN D 134 36.29 33.12 3.28
N LYS D 135 36.00 32.47 2.17
CA LYS D 135 36.94 31.53 1.56
C LYS D 135 37.82 32.29 0.55
N ASP D 136 39.05 31.83 0.37
CA ASP D 136 39.92 32.50 -0.60
C ASP D 136 39.92 31.66 -1.87
N LYS D 137 39.70 30.35 -1.71
CA LYS D 137 39.67 29.44 -2.85
C LYS D 137 38.66 28.33 -2.62
N VAL D 138 38.17 27.73 -3.70
CA VAL D 138 37.26 26.61 -3.59
C VAL D 138 37.88 25.47 -4.39
N HIS D 139 37.55 24.24 -4.02
CA HIS D 139 38.09 23.08 -4.70
C HIS D 139 36.96 22.16 -5.11
N PRO D 140 36.83 21.89 -6.40
CA PRO D 140 35.76 21.02 -6.89
C PRO D 140 36.24 19.59 -6.98
N TYR D 141 35.30 18.67 -7.14
CA TYR D 141 35.67 17.29 -7.36
C TYR D 141 35.35 17.20 -8.84
N LEU D 142 36.09 16.38 -9.57
CA LEU D 142 35.84 16.27 -11.00
C LEU D 142 35.30 14.91 -11.31
N THR D 143 34.23 14.89 -12.11
CA THR D 143 33.61 13.63 -12.52
C THR D 143 34.33 13.14 -13.76
N LEU D 144 34.88 11.93 -13.67
CA LEU D 144 35.62 11.34 -14.77
C LEU D 144 34.89 10.14 -15.36
N TYR D 145 35.00 9.98 -16.68
CA TYR D 145 34.39 8.86 -17.38
C TYR D 145 35.12 8.72 -18.73
N PRO D 146 35.83 7.61 -18.92
CA PRO D 146 36.58 7.36 -20.16
C PRO D 146 35.69 6.91 -21.31
N ALA D 147 36.20 7.03 -22.52
CA ALA D 147 35.46 6.62 -23.71
C ALA D 147 35.61 5.09 -23.79
N ILE D 148 34.66 4.37 -23.19
CA ILE D 148 34.72 2.92 -23.19
C ILE D 148 33.39 2.24 -23.50
N PRO D 149 33.39 1.35 -24.51
CA PRO D 149 32.16 0.64 -24.89
C PRO D 149 31.98 -0.60 -24.03
N ASP D 151 27.69 -1.26 -22.30
CA ASP D 151 28.76 -0.77 -21.43
C ASP D 151 29.92 -1.77 -21.39
N ALA D 152 31.13 -1.23 -21.24
CA ALA D 152 32.38 -2.00 -21.20
C ALA D 152 32.46 -3.08 -20.13
N SER D 153 33.58 -3.81 -20.13
CA SER D 153 33.82 -4.87 -19.17
C SER D 153 34.83 -4.41 -18.10
N LEU D 154 35.10 -5.26 -17.12
CA LEU D 154 36.02 -4.91 -16.05
C LEU D 154 37.38 -4.38 -16.52
N ASP D 155 38.15 -5.23 -17.19
CA ASP D 155 39.46 -4.83 -17.67
C ASP D 155 39.37 -3.63 -18.61
N VAL D 156 38.34 -3.58 -19.44
CA VAL D 156 38.13 -2.48 -20.38
C VAL D 156 37.90 -1.16 -19.64
N ALA D 157 37.00 -1.21 -18.66
CA ALA D 157 36.67 -0.03 -17.88
C ALA D 157 37.85 0.48 -17.06
N ILE D 158 38.56 -0.44 -16.41
CA ILE D 158 39.70 -0.08 -15.59
C ILE D 158 40.82 0.56 -16.42
N LYS D 159 41.13 -0.05 -17.56
CA LYS D 159 42.16 0.47 -18.45
C LYS D 159 41.78 1.87 -18.89
N GLY D 160 40.50 2.07 -19.17
CA GLY D 160 40.02 3.37 -19.61
C GLY D 160 40.09 4.46 -18.55
N TYR D 161 39.87 4.10 -17.29
CA TYR D 161 39.90 5.08 -16.19
C TYR D 161 41.31 5.43 -15.74
N ALA D 162 42.21 4.46 -15.82
CA ALA D 162 43.60 4.65 -15.40
C ALA D 162 44.26 5.98 -15.79
N PRO D 163 44.32 6.29 -17.10
CA PRO D 163 44.94 7.55 -17.52
C PRO D 163 44.26 8.81 -16.97
N LEU D 164 42.94 8.74 -16.77
CA LEU D 164 42.21 9.89 -16.22
C LEU D 164 42.63 10.11 -14.77
N LEU D 165 42.69 9.02 -14.01
CA LEU D 165 43.08 9.08 -12.60
C LEU D 165 44.53 9.56 -12.40
N GLU D 166 45.43 9.11 -13.26
CA GLU D 166 46.82 9.54 -13.16
C GLU D 166 46.88 11.03 -13.50
N LYS D 167 46.18 11.42 -14.55
CA LYS D 167 46.16 12.82 -14.97
C LYS D 167 45.66 13.72 -13.84
N ALA D 168 44.60 13.30 -13.16
CA ALA D 168 44.05 14.07 -12.05
C ALA D 168 45.08 14.22 -10.93
N LYS D 169 45.79 13.15 -10.60
CA LYS D 169 46.81 13.20 -9.57
C LYS D 169 47.90 14.19 -9.98
N ALA D 170 48.26 14.15 -11.26
CA ALA D 170 49.28 15.03 -11.80
C ALA D 170 48.88 16.50 -11.69
N HIS D 171 47.59 16.80 -11.92
CA HIS D 171 47.13 18.18 -11.84
C HIS D 171 46.72 18.60 -10.44
N ASN D 172 46.94 17.70 -9.48
CA ASN D 172 46.59 17.95 -8.08
C ASN D 172 45.11 18.14 -7.80
N ILE D 173 44.26 17.37 -8.48
CA ILE D 173 42.82 17.45 -8.26
C ILE D 173 42.57 16.83 -6.89
N ARG D 174 41.89 17.58 -6.01
CA ARG D 174 41.65 17.12 -4.65
C ARG D 174 40.67 15.96 -4.53
N ALA D 175 39.76 15.83 -5.49
CA ALA D 175 38.78 14.76 -5.45
C ALA D 175 38.20 14.49 -6.83
N VAL D 176 37.89 13.22 -7.09
CA VAL D 176 37.32 12.82 -8.37
C VAL D 176 36.19 11.82 -8.15
N LYS D 177 35.28 11.75 -9.11
CA LYS D 177 34.17 10.80 -9.04
C LYS D 177 34.25 9.86 -10.23
N VAL D 178 34.11 8.56 -9.95
CA VAL D 178 34.14 7.55 -11.00
C VAL D 178 32.76 6.91 -11.05
N CYS D 179 32.45 6.26 -12.15
CA CYS D 179 31.14 5.64 -12.30
C CYS D 179 31.21 4.16 -12.62
N VAL D 180 30.12 3.46 -12.29
CA VAL D 180 30.00 2.05 -12.62
C VAL D 180 29.16 2.11 -13.89
N PRO D 181 29.73 1.71 -15.05
CA PRO D 181 28.98 1.76 -16.31
C PRO D 181 27.58 1.15 -16.24
N ILE D 182 26.59 1.89 -16.74
CA ILE D 182 25.20 1.46 -16.72
C ILE D 182 24.92 0.04 -17.18
N LYS D 183 25.23 -0.23 -18.45
CA LYS D 183 24.98 -1.55 -19.01
C LYS D 183 25.95 -2.63 -18.56
N ALA D 184 26.87 -2.28 -17.67
CA ALA D 184 27.80 -3.29 -17.17
C ALA D 184 26.96 -4.24 -16.34
N ASP D 185 27.18 -5.53 -16.52
CA ASP D 185 26.41 -6.53 -15.78
C ASP D 185 27.24 -7.15 -14.68
N TRP D 186 28.21 -6.39 -14.16
CA TRP D 186 29.07 -6.92 -13.10
C TRP D 186 28.27 -7.26 -11.85
N SER D 187 28.62 -8.38 -11.22
CA SER D 187 27.96 -8.80 -10.00
C SER D 187 28.37 -7.76 -8.96
N THR D 188 27.72 -7.75 -7.81
CA THR D 188 28.10 -6.78 -6.80
C THR D 188 29.54 -7.03 -6.38
N LYS D 189 29.97 -8.29 -6.40
CA LYS D 189 31.34 -8.59 -6.02
C LYS D 189 32.34 -8.04 -7.04
N GLU D 190 31.94 -8.02 -8.31
CA GLU D 190 32.80 -7.50 -9.37
C GLU D 190 32.89 -5.98 -9.24
N VAL D 191 31.81 -5.36 -8.79
CA VAL D 191 31.79 -3.91 -8.62
C VAL D 191 32.78 -3.58 -7.50
N ALA D 192 32.76 -4.39 -6.44
CA ALA D 192 33.66 -4.19 -5.32
C ALA D 192 35.12 -4.30 -5.79
N TYR D 193 35.40 -5.32 -6.59
CA TYR D 193 36.74 -5.52 -7.15
C TYR D 193 37.09 -4.27 -7.97
N TYR D 194 36.20 -3.94 -8.90
CA TYR D 194 36.36 -2.78 -9.76
C TYR D 194 36.78 -1.53 -9.01
N LEU D 195 36.03 -1.17 -7.98
CA LEU D 195 36.32 0.01 -7.19
C LEU D 195 37.63 -0.12 -6.40
N ARG D 196 37.99 -1.33 -6.03
CA ARG D 196 39.24 -1.54 -5.30
C ARG D 196 40.41 -1.26 -6.23
N GLU D 197 40.25 -1.63 -7.51
CA GLU D 197 41.27 -1.43 -8.51
C GLU D 197 41.46 0.07 -8.78
N LEU D 198 40.34 0.76 -8.97
CA LEU D 198 40.43 2.19 -9.22
C LEU D 198 41.04 2.89 -8.03
N ARG D 199 40.60 2.54 -6.83
CA ARG D 199 41.13 3.15 -5.63
C ARG D 199 42.64 2.87 -5.55
N GLY D 200 43.04 1.67 -5.94
CA GLY D 200 44.45 1.30 -5.92
C GLY D 200 45.27 2.19 -6.85
N ILE D 201 44.75 2.43 -8.04
CA ILE D 201 45.43 3.27 -9.02
C ILE D 201 45.54 4.71 -8.52
N LEU D 202 44.43 5.22 -7.99
CA LEU D 202 44.38 6.60 -7.50
C LEU D 202 45.18 6.91 -6.25
N GLY D 203 45.24 5.96 -5.32
CA GLY D 203 45.95 6.22 -4.08
C GLY D 203 44.96 6.80 -3.09
N HIS D 204 45.37 7.02 -1.84
CA HIS D 204 44.46 7.53 -0.82
C HIS D 204 44.58 9.01 -0.43
N ASP D 205 45.36 9.79 -1.17
CA ASP D 205 45.49 11.21 -0.87
C ASP D 205 44.44 12.01 -1.61
N THR D 206 43.80 11.38 -2.58
CA THR D 206 42.76 12.02 -3.37
C THR D 206 41.42 11.38 -2.98
N ASP D 207 40.42 12.21 -2.69
CA ASP D 207 39.12 11.65 -2.33
C ASP D 207 38.45 11.07 -3.56
N MSE D 208 37.77 9.94 -3.36
CA MSE D 208 37.11 9.27 -4.46
C MSE D 208 35.61 9.08 -4.19
O MSE D 208 35.23 8.42 -3.21
CB MSE D 208 37.76 7.91 -4.71
CG MSE D 208 37.48 7.32 -6.09
SE MSE D 208 38.35 5.61 -6.35
CE MSE D 208 36.81 4.45 -6.44
N MSE D 209 34.79 9.67 -5.05
CA MSE D 209 33.33 9.53 -4.95
C MSE D 209 32.94 8.48 -5.97
O MSE D 209 33.65 8.27 -6.96
CB MSE D 209 32.63 10.85 -5.28
CG MSE D 209 32.78 11.94 -4.25
SE MSE D 209 34.54 12.76 -4.19
CE MSE D 209 34.09 14.37 -3.21
N VAL D 210 31.82 7.80 -5.76
CA VAL D 210 31.38 6.80 -6.71
C VAL D 210 29.93 6.99 -7.11
N ASP D 211 29.67 6.95 -8.41
CA ASP D 211 28.34 7.10 -8.96
C ASP D 211 27.93 5.71 -9.47
N TYR D 212 26.90 5.13 -8.88
CA TYR D 212 26.47 3.80 -9.28
C TYR D 212 25.41 3.80 -10.38
N LEU D 213 25.03 4.99 -10.84
CA LEU D 213 24.06 5.13 -11.91
C LEU D 213 22.77 4.32 -11.76
N TYR D 214 22.18 4.37 -10.57
CA TYR D 214 20.93 3.69 -10.26
C TYR D 214 20.82 2.25 -10.74
N ARG D 215 21.86 1.45 -10.53
CA ARG D 215 21.82 0.06 -10.96
C ARG D 215 21.20 -0.89 -9.93
N PHE D 216 20.90 -0.40 -8.73
CA PHE D 216 20.33 -1.24 -7.67
C PHE D 216 18.88 -0.91 -7.27
N THR D 217 18.20 -1.90 -6.71
CA THR D 217 16.83 -1.72 -6.25
C THR D 217 16.61 -2.35 -4.86
N ASP D 218 17.57 -3.14 -4.38
CA ASP D 218 17.48 -3.80 -3.07
C ASP D 218 18.52 -3.24 -2.09
N TRP D 219 18.05 -2.47 -1.09
CA TRP D 219 18.96 -1.86 -0.13
C TRP D 219 19.88 -2.84 0.57
N TYR D 220 19.39 -4.05 0.85
CA TYR D 220 20.22 -5.05 1.54
C TYR D 220 21.44 -5.40 0.71
N GLU D 221 21.23 -5.64 -0.58
CA GLU D 221 22.33 -5.96 -1.48
C GLU D 221 23.32 -4.80 -1.52
N VAL D 222 22.80 -3.59 -1.62
CA VAL D 222 23.65 -2.41 -1.67
C VAL D 222 24.42 -2.26 -0.36
N ALA D 223 23.76 -2.52 0.76
CA ALA D 223 24.41 -2.39 2.06
C ALA D 223 25.57 -3.37 2.15
N ARG D 224 25.36 -4.61 1.70
CA ARG D 224 26.39 -5.62 1.73
C ARG D 224 27.59 -5.13 0.91
N LEU D 225 27.32 -4.48 -0.22
CA LEU D 225 28.38 -3.96 -1.07
C LEU D 225 29.20 -2.87 -0.39
N LEU D 226 28.55 -1.78 -0.01
CA LEU D 226 29.22 -0.67 0.65
C LEU D 226 29.96 -1.10 1.90
N ASN D 227 29.35 -1.96 2.70
CA ASN D 227 30.02 -2.42 3.91
C ASN D 227 31.30 -3.20 3.59
N SER D 228 31.30 -3.94 2.49
CA SER D 228 32.47 -4.73 2.11
C SER D 228 33.62 -3.85 1.65
N ILE D 229 33.35 -2.59 1.35
CA ILE D 229 34.41 -1.70 0.89
C ILE D 229 34.67 -0.47 1.76
N GLU D 230 34.42 -0.59 3.06
CA GLU D 230 34.69 0.52 3.98
C GLU D 230 36.16 0.89 3.93
N ASP D 231 37.02 -0.13 3.83
CA ASP D 231 38.47 0.10 3.80
C ASP D 231 38.94 1.04 2.69
N LEU D 232 38.13 1.19 1.65
CA LEU D 232 38.48 2.07 0.55
C LEU D 232 38.29 3.54 0.91
N GLU D 233 37.61 3.80 2.02
CA GLU D 233 37.36 5.16 2.49
C GLU D 233 36.80 6.08 1.41
N LEU D 234 35.84 5.58 0.62
CA LEU D 234 35.24 6.39 -0.43
C LEU D 234 34.48 7.58 0.19
N TYR D 235 34.46 8.72 -0.50
CA TYR D 235 33.79 9.90 0.02
C TYR D 235 32.28 9.71 0.11
N PHE D 236 31.66 9.19 -0.95
CA PHE D 236 30.21 8.92 -0.92
C PHE D 236 29.75 7.88 -1.93
N ALA D 237 28.49 7.46 -1.79
CA ALA D 237 27.85 6.49 -2.68
C ALA D 237 26.65 7.21 -3.27
N GLU D 238 26.72 7.48 -4.57
CA GLU D 238 25.67 8.20 -5.27
C GLU D 238 24.84 7.29 -6.18
N ALA D 239 23.55 7.62 -6.30
CA ALA D 239 22.63 6.89 -7.15
C ALA D 239 22.69 5.39 -6.97
N THR D 240 22.58 4.95 -5.71
CA THR D 240 22.62 3.53 -5.40
C THR D 240 21.25 2.89 -5.68
N LEU D 241 20.23 3.43 -5.03
CA LEU D 241 18.87 2.92 -5.21
C LEU D 241 18.07 3.85 -6.13
N GLN D 242 16.89 3.40 -6.55
CA GLN D 242 16.06 4.21 -7.43
C GLN D 242 15.75 5.55 -6.77
N HIS D 243 15.67 6.60 -7.57
CA HIS D 243 15.46 7.95 -7.05
C HIS D 243 14.18 8.15 -6.23
N ASP D 244 13.14 7.35 -6.45
CA ASP D 244 11.91 7.50 -5.68
C ASP D 244 11.97 6.74 -4.34
N ASP D 245 12.93 5.83 -4.22
CA ASP D 245 13.06 4.99 -3.03
C ASP D 245 13.68 5.66 -1.81
N LEU D 246 13.02 6.69 -1.28
CA LEU D 246 13.56 7.38 -0.12
C LEU D 246 13.68 6.49 1.11
N SER D 247 12.69 5.63 1.34
CA SER D 247 12.74 4.75 2.50
C SER D 247 13.92 3.78 2.35
N GLY D 248 14.24 3.43 1.11
CA GLY D 248 15.37 2.54 0.85
C GLY D 248 16.70 3.19 1.20
N HIS D 249 16.82 4.47 0.92
CA HIS D 249 18.04 5.20 1.25
C HIS D 249 18.19 5.24 2.78
N ALA D 250 17.08 5.42 3.47
CA ALA D 250 17.10 5.46 4.94
C ALA D 250 17.72 4.16 5.46
N LYS D 251 17.28 3.04 4.88
CA LYS D 251 17.80 1.73 5.26
C LYS D 251 19.31 1.70 5.08
N LEU D 252 19.79 2.25 3.95
CA LEU D 252 21.22 2.26 3.69
C LEU D 252 21.98 3.05 4.73
N VAL D 253 21.46 4.22 5.08
CA VAL D 253 22.09 5.08 6.06
C VAL D 253 22.15 4.40 7.42
N GLU D 254 21.09 3.67 7.75
CA GLU D 254 20.97 2.97 9.02
C GLU D 254 21.82 1.71 9.10
N ASN D 255 22.15 1.12 7.97
CA ASN D 255 22.90 -0.14 8.00
C ASN D 255 24.29 -0.13 7.39
N THR D 256 24.83 1.05 7.10
CA THR D 256 26.16 1.18 6.52
C THR D 256 26.81 2.41 7.11
N ARG D 257 28.09 2.62 6.79
CA ARG D 257 28.82 3.79 7.29
C ARG D 257 29.32 4.65 6.14
N SER D 258 28.74 4.49 4.96
CA SER D 258 29.13 5.29 3.80
C SER D 258 28.25 6.54 3.79
N ARG D 259 28.71 7.59 3.11
CA ARG D 259 27.87 8.77 2.98
C ARG D 259 26.90 8.34 1.88
N ILE D 260 25.62 8.59 2.07
CA ILE D 260 24.65 8.23 1.05
C ILE D 260 24.10 9.53 0.47
N CYS D 261 24.13 9.65 -0.85
CA CYS D 261 23.64 10.85 -1.53
C CYS D 261 22.21 10.66 -2.03
N GLY D 262 21.57 11.77 -2.34
CA GLY D 262 20.23 11.72 -2.89
C GLY D 262 19.88 13.04 -3.56
N ALA D 263 18.71 13.06 -4.21
CA ALA D 263 18.17 14.26 -4.83
C ALA D 263 18.83 14.80 -6.12
N GLU D 264 19.73 14.03 -6.70
CA GLU D 264 20.39 14.46 -7.94
C GLU D 264 19.39 14.90 -9.03
N MSE D 265 18.27 14.18 -9.17
CA MSE D 265 17.27 14.53 -10.19
C MSE D 265 16.03 15.24 -9.64
O MSE D 265 15.06 15.43 -10.37
CB MSE D 265 16.82 13.26 -10.94
CG MSE D 265 17.94 12.47 -11.62
SE MSE D 265 17.28 10.97 -12.69
CE MSE D 265 16.98 9.66 -11.28
N SER D 266 16.06 15.63 -8.38
CA SER D 266 14.91 16.28 -7.75
C SER D 266 14.75 17.76 -8.08
N THR D 267 13.60 18.33 -7.70
CA THR D 267 13.36 19.75 -7.91
C THR D 267 12.67 20.33 -6.67
N THR D 268 13.00 21.57 -6.36
CA THR D 268 12.46 22.32 -5.21
C THR D 268 12.97 21.87 -3.85
N ARG D 269 12.85 22.79 -2.90
CA ARG D 269 13.27 22.55 -1.53
C ARG D 269 12.33 21.57 -0.82
N PHE D 270 11.13 21.37 -1.39
CA PHE D 270 10.17 20.46 -0.77
C PHE D 270 10.62 19.01 -0.94
N GLU D 271 11.12 18.66 -2.12
CA GLU D 271 11.62 17.30 -2.33
C GLU D 271 12.94 17.15 -1.53
N ALA D 272 13.74 18.20 -1.53
CA ALA D 272 15.01 18.19 -0.80
C ALA D 272 14.78 17.90 0.69
N GLU D 273 13.78 18.53 1.27
CA GLU D 273 13.45 18.33 2.68
C GLU D 273 13.08 16.88 2.97
N GLU D 274 12.35 16.27 2.05
CA GLU D 274 11.92 14.88 2.21
C GLU D 274 13.13 13.95 2.17
N TRP D 275 14.09 14.24 1.30
CA TRP D 275 15.30 13.43 1.21
C TRP D 275 16.04 13.52 2.55
N ILE D 276 16.07 14.71 3.12
CA ILE D 276 16.74 14.91 4.40
C ILE D 276 16.06 14.16 5.53
N THR D 277 14.76 14.41 5.72
CA THR D 277 14.06 13.79 6.84
C THR D 277 13.66 12.33 6.64
N LYS D 278 13.20 11.97 5.44
CA LYS D 278 12.80 10.60 5.19
C LYS D 278 13.93 9.74 4.61
N GLY D 279 14.68 10.31 3.67
CA GLY D 279 15.79 9.56 3.09
C GLY D 279 16.96 9.47 4.06
N LYS D 280 17.06 10.43 4.98
CA LYS D 280 18.14 10.47 5.96
C LYS D 280 19.51 10.59 5.28
N VAL D 281 19.54 11.03 4.03
CA VAL D 281 20.83 11.11 3.31
C VAL D 281 21.85 12.08 3.90
N HIS D 282 23.13 11.82 3.66
CA HIS D 282 24.20 12.68 4.18
C HIS D 282 24.47 13.85 3.26
N LEU D 283 24.01 13.75 2.02
CA LEU D 283 24.34 14.78 1.04
C LEU D 283 23.30 14.91 -0.08
N LEU D 284 22.92 16.15 -0.38
CA LEU D 284 21.94 16.45 -1.43
C LEU D 284 22.65 16.87 -2.72
N GLN D 285 22.13 16.44 -3.85
CA GLN D 285 22.74 16.77 -5.13
C GLN D 285 21.85 17.55 -6.10
N SER D 286 20.87 18.27 -5.54
CA SER D 286 19.96 19.11 -6.32
C SER D 286 20.79 19.91 -7.34
N ASP D 287 20.35 19.92 -8.60
CA ASP D 287 21.06 20.60 -9.69
C ASP D 287 20.67 22.07 -9.90
N TYR D 288 21.67 22.91 -10.18
CA TYR D 288 21.47 24.34 -10.44
C TYR D 288 20.40 24.59 -11.52
N ASN D 289 20.47 23.83 -12.61
CA ASN D 289 19.53 24.04 -13.71
C ASN D 289 18.28 23.18 -13.68
N ARG D 290 17.96 22.60 -12.53
CA ARG D 290 16.78 21.75 -12.41
C ARG D 290 15.87 22.07 -11.22
N CYS D 291 16.47 22.14 -10.04
CA CYS D 291 15.76 22.34 -8.77
C CYS D 291 15.25 23.72 -8.40
N GLY D 292 15.65 24.75 -9.13
CA GLY D 292 15.17 26.09 -8.79
C GLY D 292 16.28 27.12 -8.83
N GLY D 293 17.40 26.78 -9.46
CA GLY D 293 18.48 27.72 -9.56
C GLY D 293 19.21 27.98 -8.27
N LEU D 294 20.00 29.05 -8.26
CA LEU D 294 20.79 29.43 -7.10
C LEU D 294 19.95 29.88 -5.92
N THR D 295 18.83 30.54 -6.20
CA THR D 295 17.95 31.00 -5.14
C THR D 295 17.41 29.82 -4.32
N GLU D 296 16.97 28.76 -4.99
CA GLU D 296 16.44 27.62 -4.26
C GLU D 296 17.59 26.82 -3.64
N LEU D 297 18.76 26.80 -4.30
CA LEU D 297 19.89 26.09 -3.74
C LEU D 297 20.34 26.74 -2.44
N ARG D 298 20.15 28.06 -2.33
CA ARG D 298 20.52 28.75 -1.11
C ARG D 298 19.61 28.29 0.03
N ARG D 299 18.30 28.21 -0.23
CA ARG D 299 17.38 27.77 0.81
C ARG D 299 17.65 26.31 1.18
N ILE D 300 17.86 25.47 0.17
CA ILE D 300 18.14 24.06 0.42
C ILE D 300 19.41 23.87 1.23
N THR D 301 20.45 24.64 0.91
CA THR D 301 21.71 24.48 1.62
C THR D 301 21.64 24.96 3.05
N GLU D 302 21.00 26.11 3.30
CA GLU D 302 20.90 26.58 4.68
C GLU D 302 20.09 25.57 5.49
N MSE D 303 19.08 24.96 4.85
CA MSE D 303 18.29 23.94 5.53
C MSE D 303 19.16 22.71 5.77
O MSE D 303 19.16 22.14 6.86
CB MSE D 303 17.06 23.54 4.70
CG MSE D 303 16.36 22.29 5.22
SE MSE D 303 14.70 21.87 4.28
CE MSE D 303 15.43 21.26 2.58
N ALA D 304 19.90 22.31 4.74
CA ALA D 304 20.77 21.15 4.84
C ALA D 304 21.79 21.28 5.97
N THR D 305 22.40 22.45 6.08
CA THR D 305 23.40 22.70 7.13
C THR D 305 22.80 22.53 8.52
N ALA D 306 21.60 23.04 8.72
CA ALA D 306 20.95 22.95 10.02
C ALA D 306 20.70 21.48 10.38
N ASN D 307 20.61 20.63 9.36
CA ASN D 307 20.36 19.20 9.59
C ASN D 307 21.61 18.33 9.37
N ASN D 308 22.78 18.98 9.35
CA ASN D 308 24.05 18.28 9.16
C ASN D 308 24.13 17.50 7.86
N VAL D 309 23.62 18.12 6.79
CA VAL D 309 23.63 17.51 5.47
C VAL D 309 24.44 18.39 4.52
N GLN D 310 25.38 17.79 3.80
CA GLN D 310 26.19 18.55 2.85
C GLN D 310 25.43 18.69 1.53
N VAL D 311 25.84 19.67 0.73
CA VAL D 311 25.22 19.89 -0.56
C VAL D 311 26.31 20.05 -1.62
N MSE D 312 26.24 19.21 -2.65
CA MSE D 312 27.17 19.26 -3.77
C MSE D 312 26.27 19.13 -5.00
O MSE D 312 26.05 18.03 -5.52
CB MSE D 312 28.18 18.11 -3.72
CG MSE D 312 29.22 18.25 -2.61
SE MSE D 312 30.60 16.88 -2.72
CE MSE D 312 29.43 15.40 -2.85
N PRO D 313 25.73 20.26 -5.47
CA PRO D 313 24.84 20.32 -6.63
C PRO D 313 25.31 19.55 -7.84
N HIS D 314 24.39 18.81 -8.45
CA HIS D 314 24.72 18.05 -9.64
C HIS D 314 25.09 19.09 -10.68
N ASN D 315 26.08 18.79 -11.49
CA ASN D 315 26.53 19.74 -12.50
C ASN D 315 27.21 19.08 -13.68
N TRP D 316 26.50 19.01 -14.80
CA TRP D 316 27.03 18.46 -16.04
C TRP D 316 26.26 19.08 -17.19
N LYS D 317 26.61 20.33 -17.49
CA LYS D 317 26.00 21.08 -18.58
C LYS D 317 27.10 21.79 -19.34
N THR D 318 26.99 23.11 -19.45
CA THR D 318 28.00 23.90 -20.15
C THR D 318 28.72 24.78 -19.14
N GLY D 319 29.52 25.72 -19.64
CA GLY D 319 30.26 26.62 -18.77
C GLY D 319 29.37 27.60 -18.03
N ILE D 320 28.10 27.64 -18.42
CA ILE D 320 27.16 28.55 -17.77
C ILE D 320 26.92 28.05 -16.35
N THR D 321 26.55 26.78 -16.21
CA THR D 321 26.32 26.22 -14.88
C THR D 321 27.64 26.12 -14.11
N SER D 322 28.73 25.82 -14.82
CA SER D 322 30.04 25.74 -14.17
C SER D 322 30.39 27.04 -13.48
N ALA D 323 30.06 28.16 -14.12
CA ALA D 323 30.33 29.46 -13.53
C ALA D 323 29.45 29.63 -12.29
N ALA D 324 28.19 29.25 -12.42
CA ALA D 324 27.26 29.36 -11.31
C ALA D 324 27.75 28.52 -10.13
N ALA D 325 28.29 27.34 -10.43
CA ALA D 325 28.80 26.43 -9.41
C ALA D 325 29.92 27.06 -8.58
N ILE D 326 30.85 27.75 -9.23
CA ILE D 326 31.94 28.38 -8.50
C ILE D 326 31.39 29.45 -7.57
N HIS D 327 30.51 30.31 -8.09
CA HIS D 327 29.92 31.36 -7.29
C HIS D 327 29.14 30.73 -6.14
N TYR D 328 28.43 29.63 -6.41
CA TYR D 328 27.66 28.95 -5.37
C TYR D 328 28.58 28.48 -4.24
N GLN D 329 29.64 27.76 -4.61
CA GLN D 329 30.58 27.22 -3.63
C GLN D 329 31.21 28.29 -2.76
N PHE D 330 31.51 29.45 -3.33
CA PHE D 330 32.12 30.53 -2.55
C PHE D 330 31.18 31.14 -1.52
N ALA D 331 29.92 31.35 -1.90
CA ALA D 331 28.98 32.00 -1.00
C ALA D 331 27.96 31.14 -0.26
N VAL D 332 27.60 30.00 -0.83
CA VAL D 332 26.57 29.15 -0.25
C VAL D 332 27.01 27.74 0.18
N GLY D 333 27.85 27.12 -0.64
CA GLY D 333 28.34 25.77 -0.36
C GLY D 333 28.73 25.52 1.08
N ASN D 334 28.37 24.34 1.58
CA ASN D 334 28.68 23.98 2.96
C ASN D 334 29.55 22.74 3.03
N ALA D 335 30.04 22.28 1.89
CA ALA D 335 30.87 21.08 1.84
C ALA D 335 32.27 21.38 1.28
N PRO D 336 33.23 20.46 1.51
CA PRO D 336 34.63 20.58 1.07
C PRO D 336 34.81 20.62 -0.45
N TYR D 337 33.88 20.00 -1.16
CA TYR D 337 33.94 19.97 -2.63
C TYR D 337 32.56 20.25 -3.22
N PHE D 338 32.53 20.33 -4.54
CA PHE D 338 31.31 20.56 -5.30
C PHE D 338 31.56 20.01 -6.69
N GLU D 339 30.52 19.51 -7.35
CA GLU D 339 30.70 18.93 -8.67
C GLU D 339 31.04 19.97 -9.72
N TYR D 340 32.02 19.62 -10.56
CA TYR D 340 32.48 20.50 -11.62
C TYR D 340 33.01 19.62 -12.74
N VAL D 341 32.73 20.01 -13.98
CA VAL D 341 33.21 19.28 -15.15
C VAL D 341 34.23 20.21 -15.80
N HIS D 342 35.47 19.74 -15.89
CA HIS D 342 36.54 20.53 -16.46
C HIS D 342 36.88 20.10 -17.88
N PRO D 343 37.11 21.08 -18.78
CA PRO D 343 37.44 20.88 -20.20
C PRO D 343 38.55 19.87 -20.45
N GLU D 344 39.62 19.97 -19.67
CA GLU D 344 40.77 19.07 -19.81
C GLU D 344 40.53 17.69 -19.23
N PHE D 345 39.36 17.49 -18.63
CA PHE D 345 39.02 16.21 -18.02
C PHE D 345 37.69 15.66 -18.50
N CYS D 346 37.33 15.98 -19.73
CA CYS D 346 36.07 15.50 -20.28
C CYS D 346 35.97 15.81 -21.77
N ASP D 347 34.98 15.20 -22.41
CA ASP D 347 34.72 15.43 -23.82
C ASP D 347 33.44 16.23 -23.83
N GLY D 348 33.38 17.25 -24.68
CA GLY D 348 32.19 18.08 -24.73
C GLY D 348 32.49 19.43 -25.33
N GLU D 349 32.35 19.52 -26.65
CA GLU D 349 32.60 20.76 -27.34
C GLU D 349 31.67 21.82 -26.76
N LEU D 350 30.44 21.42 -26.51
CA LEU D 350 29.46 22.35 -25.96
C LEU D 350 30.00 22.86 -24.62
N ARG D 351 30.47 21.93 -23.79
CA ARG D 351 31.02 22.29 -22.48
C ARG D 351 32.26 23.16 -22.57
N LYS D 352 33.10 22.87 -23.57
CA LYS D 352 34.34 23.62 -23.74
C LYS D 352 34.22 24.95 -24.46
N TYR D 353 33.37 25.03 -25.48
CA TYR D 353 33.29 26.25 -26.27
C TYR D 353 32.10 27.20 -26.17
N LEU D 354 30.95 26.70 -25.72
CA LEU D 354 29.76 27.55 -25.63
C LEU D 354 29.98 28.95 -25.05
N VAL D 355 30.61 29.04 -23.89
CA VAL D 355 30.84 30.34 -23.27
C VAL D 355 32.30 30.59 -22.90
N THR D 356 32.63 31.88 -22.75
CA THR D 356 33.98 32.31 -22.42
C THR D 356 33.87 33.44 -21.40
N PRO D 357 34.88 33.63 -20.55
CA PRO D 357 36.10 32.82 -20.48
C PRO D 357 35.90 31.59 -19.60
N GLU D 358 36.97 30.82 -19.40
CA GLU D 358 36.89 29.61 -18.59
C GLU D 358 37.65 29.88 -17.30
N ALA D 359 37.08 29.48 -16.17
CA ALA D 359 37.74 29.69 -14.88
C ALA D 359 39.04 28.92 -14.89
N GLU D 360 40.09 29.50 -14.32
CA GLU D 360 41.39 28.85 -14.29
C GLU D 360 41.62 28.02 -13.03
N LEU D 361 41.67 26.71 -13.20
CA LEU D 361 41.89 25.81 -12.07
C LEU D 361 43.39 25.83 -11.74
N VAL D 362 43.71 26.39 -10.57
CA VAL D 362 45.09 26.47 -10.14
C VAL D 362 45.34 25.58 -8.93
N ASP D 363 46.14 24.54 -9.12
CA ASP D 363 46.46 23.64 -8.02
C ASP D 363 45.19 22.95 -7.52
N GLY D 364 44.27 22.68 -8.44
CA GLY D 364 43.03 22.03 -8.09
C GLY D 364 42.01 22.92 -7.41
N GLY D 365 42.21 24.23 -7.50
CA GLY D 365 41.28 25.16 -6.87
C GLY D 365 40.99 26.40 -7.70
N PHE D 366 39.91 27.09 -7.36
CA PHE D 366 39.51 28.30 -8.07
C PHE D 366 39.61 29.51 -7.17
N ALA D 367 40.10 30.62 -7.72
CA ALA D 367 40.21 31.84 -6.97
C ALA D 367 38.88 32.59 -7.07
N LYS D 368 38.69 33.59 -6.22
CA LYS D 368 37.47 34.38 -6.22
C LYS D 368 37.18 35.01 -7.58
N PRO D 369 35.94 34.87 -8.08
CA PRO D 369 35.61 35.47 -9.37
C PRO D 369 35.68 37.00 -9.20
N THR D 370 36.09 37.72 -10.24
CA THR D 370 36.19 39.17 -10.12
C THR D 370 35.26 39.96 -11.04
N ALA D 371 34.86 39.36 -12.15
CA ALA D 371 33.96 40.00 -13.10
C ALA D 371 32.53 40.08 -12.58
N PRO D 372 31.73 41.03 -13.09
CA PRO D 372 30.34 41.21 -12.68
C PRO D 372 29.51 39.98 -13.00
N GLY D 373 28.43 39.77 -12.25
CA GLY D 373 27.58 38.62 -12.49
C GLY D 373 28.35 37.31 -12.49
N LEU D 374 27.99 36.42 -13.40
CA LEU D 374 28.63 35.11 -13.51
C LEU D 374 29.94 35.13 -14.30
N GLY D 375 30.34 36.31 -14.76
CA GLY D 375 31.58 36.45 -15.51
C GLY D 375 31.68 35.55 -16.73
N ILE D 376 30.65 35.56 -17.56
CA ILE D 376 30.63 34.72 -18.75
C ILE D 376 29.85 35.33 -19.90
N ASP D 377 30.07 34.80 -21.10
CA ASP D 377 29.35 35.26 -22.27
C ASP D 377 29.44 34.27 -23.42
N LEU D 378 28.44 34.33 -24.29
CA LEU D 378 28.35 33.44 -25.44
C LEU D 378 29.48 33.66 -26.43
N ASN D 379 30.07 32.56 -26.90
CA ASN D 379 31.14 32.64 -27.90
C ASN D 379 30.45 32.52 -29.24
N GLN D 380 29.98 33.67 -29.74
CA GLN D 380 29.25 33.77 -31.00
C GLN D 380 29.86 33.05 -32.19
N GLU D 381 31.19 32.99 -32.29
CA GLU D 381 31.79 32.30 -33.41
C GLU D 381 31.41 30.83 -33.34
N PHE D 382 31.62 30.23 -32.17
CA PHE D 382 31.28 28.84 -31.95
C PHE D 382 29.79 28.65 -32.16
N LEU D 383 29.02 29.54 -31.54
CA LEU D 383 27.57 29.51 -31.61
C LEU D 383 27.06 29.72 -33.04
N ALA D 384 27.77 30.55 -33.79
CA ALA D 384 27.40 30.83 -35.18
C ALA D 384 27.78 29.68 -36.09
N SER D 385 28.83 28.95 -35.72
CA SER D 385 29.27 27.81 -36.50
C SER D 385 28.24 26.69 -36.39
N LEU D 386 27.05 27.05 -35.94
CA LEU D 386 25.93 26.13 -35.76
C LEU D 386 26.05 25.39 -34.43
C1 GOL E . 8.82 -25.80 4.64
O1 GOL E . 8.69 -24.92 5.73
C2 GOL E . 9.77 -25.24 3.56
O2 GOL E . 9.65 -23.82 3.39
C3 GOL E . 9.44 -25.93 2.26
O3 GOL E . 9.36 -24.95 1.26
MG MG F . 5.45 -10.06 21.64
MG MG G . 9.65 -23.21 5.47
C1 GOL H . -10.95 23.39 -9.40
O1 GOL H . -9.90 23.45 -8.44
C2 GOL H . -12.09 22.50 -8.93
O2 GOL H . -11.63 21.48 -8.03
C3 GOL H . -12.70 21.85 -10.13
O3 GOL H . -13.14 20.58 -9.77
MG MG I . 6.54 22.56 6.05
MG MG J . -5.23 0.11 8.23
MG MG K . -10.23 22.43 -6.82
C1 GOL L . -24.15 -10.00 17.84
O1 GOL L . -23.14 -9.30 17.12
C2 GOL L . -24.21 -9.60 19.32
O2 GOL L . -22.93 -9.27 19.85
C3 GOL L . -24.78 -10.76 20.09
O3 GOL L . -24.21 -10.76 21.37
C1 GOL M . -9.65 -2.11 33.81
O1 GOL M . -10.31 -2.89 34.80
C2 GOL M . -10.16 -0.66 33.85
O2 GOL M . -11.59 -0.63 33.96
C3 GOL M . -9.71 0.05 32.57
O3 GOL M . -10.66 1.01 32.15
MG MG N . -22.14 -8.00 18.32
C1 GOL O . 25.69 11.54 -13.89
O1 GOL O . 24.75 10.83 -13.12
C2 GOL O . 26.77 12.16 -13.01
O2 GOL O . 26.24 12.62 -11.77
C3 GOL O . 27.38 13.30 -13.74
O3 GOL O . 27.93 14.18 -12.80
MG MG P . 8.89 3.73 0.38
MG MG Q . 24.99 11.06 -11.10
#